data_6OZ5
#
_entry.id   6OZ5
#
_cell.length_a   61.775
_cell.length_b   174.508
_cell.length_c   252.548
_cell.angle_alpha   90.000
_cell.angle_beta   90.000
_cell.angle_gamma   90.000
#
_symmetry.space_group_name_H-M   'P 21 21 21'
#
loop_
_entity.id
_entity.type
_entity.pdbx_description
1 polymer 'Phenylalanine--tRNA ligase alpha subunit'
2 polymer 'Phenylalanine--tRNA ligase beta subunit'
3 non-polymer 2-({[(2S)-1-cyclohexylpropan-2-yl]amino}methyl)phenol
4 non-polymer 'MAGNESIUM ION'
5 non-polymer 1,2-ETHANEDIOL
6 non-polymer DI(HYDROXYETHYL)ETHER
7 non-polymer 'TRIETHYLENE GLYCOL'
8 water water
#
loop_
_entity_poly.entity_id
_entity_poly.type
_entity_poly.pdbx_seq_one_letter_code
_entity_poly.pdbx_strand_id
1 'polypeptide(L)'
;GSHMASSHLAELVASAKAAISQASDVAALDNVRVEYLGKKGHLTLQMTTLRELPPEERPAAGAVINEAKEQVQQALNARK
AELESAALNARLAAETIDVSLPGRRIENGGLHPVTRTIDRIESFFGELGFTVATGPEIEDDYHNFDALNIPGHHPARADH
DTFWFDTTRLLRTQTSGVQIRTMKAQQPPIRIIAPGRVYRNDYDQTHTPMFHQMEGLIVDTNISFTNLKGTLHDFLRNFF
EEDLQIRFRPSYFPFTEPSAEVDVMGKNGKWLEVLGCGMVHPNVLRNVGIDPEVYSGFAFGMGMERLTMLRYGVTDLRSF
FENDLRFLKQFK
;
A,C
2 'polypeptide(L)'
;MKFSELWLREWVNPAIDSDALANQITMAGLEVDGVEPVAGSFHGVVVGEVVECAQHPNADKLRVTKVNVGGDRLLDIVCG
APNCRQGLRVAVATIGAVLPGDFKIKAAKLRGEPSEGMLCSFSELGISDDHSGIIELPADAPIGTDIREYLKLDDNTIEI
SVTPNRADCLGIIGVARDVAVLNQLPLVQPEIVPVGATIDDTLPITVEAPEACPRYLGRVVKGINVKAPTPLWMKEKLRR
CGIRSIDAVVDVTNYVLLELGQPMHAFDKDRIEGGIVVRMAKEGETLVLLDGTEAKLNADTLVIADHNKALAMGGIFGGE
HSGVNDETQNVLLECAFFSPLSITGRARRHGLHTDASHRYERGVDPALQHKAMERATRLLIDICGGEAGPVIDITNEATL
PKRATITLRRSKLDRLIGHHIADEQVTDILRRLGCEVTEGKDEWQAVAPSWRFDMEIEEDLVEEVARVYGYNNIPDEPVQ
ASLIMGTHREADLSLKRVKTLLNDKGYQEVITYSFVDPKVQQMIHPGVEALLLPSPISVEMSAMRLSLWTGLLATVVYNQ
NRQQNRVRIFESGLRFVPDTQAPLGIRQDLMLAGVICGNRYEEHWNLAKETVDFYDLKGDLESVLDLTGKLNEVEFRAEA
NPALHPGQSAAIYLKGERIGFVGVVHPELERKLDLNGRTLVFELEWNKLADRVVPQAREISRFPANRRDIAVVVAENVPA
ADILSECKKVGVNQVVGVNLFDVYRGKGVAEGYKSLAISLILQDTSRTLEEEEIAATVAKCVEALKERFQASLRD
;
B,D
#
loop_
_chem_comp.id
_chem_comp.type
_chem_comp.name
_chem_comp.formula
EDO non-polymer 1,2-ETHANEDIOL 'C2 H6 O2'
MG non-polymer 'MAGNESIUM ION' 'Mg 2'
PEG non-polymer DI(HYDROXYETHYL)ETHER 'C4 H10 O3'
PGE non-polymer 'TRIETHYLENE GLYCOL' 'C6 H14 O4'
VB3 non-polymer 2-({[(2S)-1-cyclohexylpropan-2-yl]amino}methyl)phenol 'C16 H25 N O'
#
# COMPACT_ATOMS: atom_id res chain seq x y z
N LEU A 92 21.54 -40.94 -26.89
CA LEU A 92 21.00 -41.72 -28.00
C LEU A 92 20.22 -40.84 -28.97
N ALA A 93 18.95 -40.60 -28.67
CA ALA A 93 18.09 -39.82 -29.54
C ALA A 93 18.49 -38.34 -29.51
N ALA A 94 18.36 -37.69 -30.67
CA ALA A 94 18.71 -36.28 -30.85
C ALA A 94 17.47 -35.52 -31.31
N GLU A 95 16.59 -35.22 -30.36
CA GLU A 95 15.39 -34.42 -30.64
C GLU A 95 15.71 -32.93 -30.43
N THR A 96 16.69 -32.46 -31.18
CA THR A 96 17.14 -31.08 -31.04
C THR A 96 16.10 -30.12 -31.58
N ILE A 97 15.78 -29.10 -30.79
CA ILE A 97 14.81 -28.08 -31.18
C ILE A 97 15.51 -26.73 -31.15
N ASP A 98 14.94 -25.77 -31.88
CA ASP A 98 15.40 -24.39 -31.82
C ASP A 98 14.79 -23.73 -30.59
N VAL A 99 15.62 -23.49 -29.57
CA VAL A 99 15.13 -22.95 -28.30
C VAL A 99 14.81 -21.46 -28.37
N SER A 100 14.99 -20.83 -29.53
CA SER A 100 14.73 -19.41 -29.70
C SER A 100 13.35 -19.11 -30.28
N LEU A 101 12.63 -20.14 -30.71
CA LEU A 101 11.26 -19.94 -31.18
C LEU A 101 10.42 -19.28 -30.08
N PRO A 102 9.47 -18.43 -30.45
CA PRO A 102 8.58 -17.82 -29.46
C PRO A 102 7.87 -18.86 -28.62
N GLY A 103 7.78 -18.58 -27.31
CA GLY A 103 7.15 -19.49 -26.40
C GLY A 103 5.64 -19.50 -26.51
N ARG A 104 5.04 -20.52 -25.92
CA ARG A 104 3.59 -20.70 -25.95
C ARG A 104 2.98 -19.95 -24.77
N ARG A 105 2.33 -18.82 -25.06
CA ARG A 105 1.76 -17.98 -24.02
C ARG A 105 0.73 -17.05 -24.64
N ILE A 106 -0.01 -16.36 -23.78
CA ILE A 106 -0.86 -15.23 -24.16
C ILE A 106 -0.21 -13.97 -23.61
N GLU A 107 -0.24 -12.90 -24.40
CA GLU A 107 0.47 -11.68 -24.06
C GLU A 107 -0.09 -11.04 -22.80
N ASN A 108 0.77 -10.35 -22.05
CA ASN A 108 0.34 -9.63 -20.87
C ASN A 108 -0.45 -8.38 -21.26
N GLY A 109 -1.52 -8.12 -20.53
CA GLY A 109 -2.16 -6.83 -20.57
C GLY A 109 -1.55 -5.88 -19.56
N GLY A 110 -1.94 -4.62 -19.66
CA GLY A 110 -1.42 -3.61 -18.75
C GLY A 110 -2.49 -2.82 -18.04
N LEU A 111 -2.06 -1.83 -17.26
CA LEU A 111 -2.95 -0.92 -16.57
C LEU A 111 -2.99 0.41 -17.30
N HIS A 112 -4.13 1.10 -17.20
CA HIS A 112 -4.25 2.42 -17.79
C HIS A 112 -3.19 3.35 -17.17
N PRO A 113 -2.58 4.23 -17.96
CA PRO A 113 -1.53 5.11 -17.40
C PRO A 113 -2.00 5.94 -16.22
N VAL A 114 -3.26 6.37 -16.20
CA VAL A 114 -3.78 7.08 -15.04
C VAL A 114 -3.83 6.18 -13.83
N THR A 115 -4.12 4.88 -14.02
CA THR A 115 -4.09 3.93 -12.92
C THR A 115 -2.67 3.76 -12.37
N ARG A 116 -1.68 3.69 -13.28
CA ARG A 116 -0.28 3.68 -12.86
C ARG A 116 0.02 4.84 -11.91
N THR A 117 -0.43 6.04 -12.28
CA THR A 117 -0.17 7.23 -11.47
C THR A 117 -0.87 7.13 -10.11
N ILE A 118 -2.16 6.79 -10.12
CA ILE A 118 -2.91 6.68 -8.87
C ILE A 118 -2.27 5.65 -7.95
N ASP A 119 -1.78 4.54 -8.51
CA ASP A 119 -1.21 3.49 -7.67
C ASP A 119 0.10 3.95 -7.03
N ARG A 120 0.96 4.65 -7.78
CA ARG A 120 2.20 5.17 -7.21
C ARG A 120 1.92 6.13 -6.06
N ILE A 121 0.94 7.03 -6.24
CA ILE A 121 0.65 8.03 -5.22
C ILE A 121 0.03 7.39 -3.99
N GLU A 122 -0.80 6.36 -4.19
CA GLU A 122 -1.38 5.65 -3.05
C GLU A 122 -0.31 4.94 -2.24
N SER A 123 0.73 4.43 -2.90
CA SER A 123 1.81 3.78 -2.17
C SER A 123 2.71 4.80 -1.47
N PHE A 124 2.87 6.00 -2.05
CA PHE A 124 3.66 7.04 -1.41
C PHE A 124 3.04 7.44 -0.07
N PHE A 125 1.74 7.73 -0.06
CA PHE A 125 1.09 8.18 1.15
C PHE A 125 0.64 7.03 2.04
N GLY A 126 0.51 5.82 1.50
CA GLY A 126 0.19 4.67 2.32
C GLY A 126 1.25 4.36 3.35
N GLU A 127 2.51 4.61 3.01
CA GLU A 127 3.60 4.43 3.97
C GLU A 127 3.57 5.48 5.08
N LEU A 128 2.81 6.56 4.89
CA LEU A 128 2.64 7.59 5.90
C LEU A 128 1.38 7.38 6.73
N GLY A 129 0.66 6.29 6.51
CA GLY A 129 -0.56 6.02 7.26
C GLY A 129 -1.82 6.61 6.65
N PHE A 130 -1.79 7.03 5.39
CA PHE A 130 -2.98 7.58 4.75
C PHE A 130 -3.86 6.45 4.21
N THR A 131 -5.12 6.46 4.60
CA THR A 131 -6.08 5.45 4.15
C THR A 131 -6.80 5.92 2.90
N VAL A 132 -6.96 5.02 1.95
CA VAL A 132 -7.70 5.34 0.72
C VAL A 132 -9.18 5.27 1.01
N ALA A 133 -9.92 6.29 0.57
CA ALA A 133 -11.36 6.34 0.77
C ALA A 133 -12.03 6.78 -0.53
N THR A 134 -13.11 6.11 -0.89
CA THR A 134 -13.82 6.38 -2.14
C THR A 134 -15.30 6.64 -1.84
N GLY A 135 -15.96 7.29 -2.79
CA GLY A 135 -17.35 7.64 -2.66
C GLY A 135 -18.05 7.79 -3.99
N PRO A 136 -19.35 8.10 -3.95
CA PRO A 136 -20.11 8.21 -5.20
C PRO A 136 -19.68 9.43 -6.02
N GLU A 137 -19.89 9.32 -7.34
CA GLU A 137 -19.54 10.41 -8.24
C GLU A 137 -20.66 11.41 -8.45
N ILE A 138 -21.91 11.00 -8.20
CA ILE A 138 -23.03 11.93 -8.16
C ILE A 138 -23.27 12.32 -6.71
N GLU A 139 -23.25 13.62 -6.43
CA GLU A 139 -23.36 14.15 -5.09
C GLU A 139 -24.45 15.21 -5.03
N ASP A 140 -24.71 15.70 -3.82
CA ASP A 140 -25.59 16.84 -3.62
C ASP A 140 -24.77 18.10 -3.40
N ASP A 141 -25.44 19.25 -3.51
CA ASP A 141 -24.77 20.53 -3.37
C ASP A 141 -24.22 20.75 -1.95
N TYR A 142 -24.65 19.96 -0.97
CA TYR A 142 -24.11 20.12 0.37
C TYR A 142 -22.69 19.58 0.48
N HIS A 143 -22.49 18.31 0.10
CA HIS A 143 -21.18 17.70 0.20
C HIS A 143 -20.19 18.24 -0.83
N ASN A 144 -20.67 18.90 -1.88
CA ASN A 144 -19.77 19.42 -2.91
C ASN A 144 -19.51 20.92 -2.77
N PHE A 145 -20.34 21.65 -2.03
CA PHE A 145 -20.17 23.10 -1.90
C PHE A 145 -20.33 23.58 -0.46
N ASP A 146 -21.54 23.42 0.11
CA ASP A 146 -21.84 24.02 1.41
C ASP A 146 -20.86 23.56 2.49
N ALA A 147 -20.61 22.26 2.58
CA ALA A 147 -19.69 21.74 3.57
C ALA A 147 -18.26 22.24 3.37
N LEU A 148 -17.92 22.72 2.17
CA LEU A 148 -16.61 23.25 1.87
C LEU A 148 -16.56 24.77 1.96
N ASN A 149 -17.48 25.36 2.75
CA ASN A 149 -17.55 26.81 2.95
C ASN A 149 -17.80 27.54 1.62
N ILE A 150 -18.61 26.93 0.77
CA ILE A 150 -19.02 27.52 -0.50
C ILE A 150 -20.52 27.74 -0.47
N PRO A 151 -21.00 28.91 -0.04
CA PRO A 151 -22.44 29.17 0.01
C PRO A 151 -23.06 29.18 -1.38
N GLY A 152 -24.39 29.25 -1.39
CA GLY A 152 -25.11 29.23 -2.65
C GLY A 152 -24.83 30.43 -3.54
N HIS A 153 -24.52 31.57 -2.93
CA HIS A 153 -24.21 32.78 -3.68
C HIS A 153 -22.72 32.90 -4.01
N HIS A 154 -21.92 31.88 -3.72
CA HIS A 154 -20.49 31.97 -3.93
C HIS A 154 -20.16 31.90 -5.42
N PRO A 155 -19.19 32.68 -5.90
CA PRO A 155 -18.88 32.66 -7.34
C PRO A 155 -18.41 31.30 -7.84
N ALA A 156 -17.49 30.65 -7.12
CA ALA A 156 -17.01 29.34 -7.51
C ALA A 156 -18.08 28.27 -7.30
N ARG A 157 -19.22 28.42 -7.97
CA ARG A 157 -20.33 27.50 -7.82
C ARG A 157 -21.23 27.57 -9.05
N ALA A 158 -21.83 28.73 -9.28
CA ALA A 158 -22.54 28.97 -10.53
C ALA A 158 -21.56 29.04 -11.69
N ASP A 159 -20.49 29.83 -11.53
CA ASP A 159 -19.40 29.86 -12.50
C ASP A 159 -18.35 28.81 -12.11
N HIS A 160 -18.74 27.55 -12.27
CA HIS A 160 -17.89 26.43 -11.92
C HIS A 160 -17.84 25.34 -12.99
N ASP A 161 -18.52 25.54 -14.13
CA ASP A 161 -18.58 24.53 -15.19
C ASP A 161 -19.10 23.19 -14.67
N THR A 162 -20.10 23.26 -13.80
CA THR A 162 -20.63 22.08 -13.12
C THR A 162 -21.77 21.46 -13.93
N PHE A 163 -21.82 20.12 -13.91
CA PHE A 163 -22.94 19.38 -14.49
C PHE A 163 -23.98 19.17 -13.40
N TRP A 164 -25.14 19.79 -13.54
CA TRP A 164 -26.26 19.63 -12.62
C TRP A 164 -27.35 18.79 -13.28
N PHE A 165 -27.99 17.93 -12.49
CA PHE A 165 -29.20 17.26 -12.92
C PHE A 165 -30.45 18.05 -12.52
N ASP A 166 -30.48 18.53 -11.29
CA ASP A 166 -31.48 19.48 -10.83
C ASP A 166 -30.82 20.51 -9.92
N THR A 167 -31.56 21.08 -8.98
CA THR A 167 -31.02 22.11 -8.11
C THR A 167 -30.19 21.56 -6.96
N THR A 168 -30.22 20.25 -6.73
CA THR A 168 -29.46 19.65 -5.65
C THR A 168 -28.47 18.59 -6.13
N ARG A 169 -28.84 17.78 -7.11
CA ARG A 169 -27.98 16.69 -7.56
C ARG A 169 -27.04 17.17 -8.66
N LEU A 170 -25.80 16.70 -8.61
CA LEU A 170 -24.76 17.15 -9.53
C LEU A 170 -23.74 16.05 -9.72
N LEU A 171 -22.99 16.14 -10.81
CA LEU A 171 -21.77 15.37 -10.98
C LEU A 171 -20.65 16.08 -10.23
N ARG A 172 -20.02 15.39 -9.30
CA ARG A 172 -19.08 16.03 -8.38
C ARG A 172 -17.92 16.67 -9.14
N THR A 173 -17.49 17.83 -8.66
CA THR A 173 -16.29 18.49 -9.15
C THR A 173 -15.07 18.17 -8.31
N GLN A 174 -15.24 17.48 -7.19
CA GLN A 174 -14.15 17.05 -6.34
C GLN A 174 -14.59 15.84 -5.53
N THR A 175 -13.63 15.11 -4.98
CA THR A 175 -13.91 13.95 -4.16
C THR A 175 -14.09 14.31 -2.70
N SER A 176 -14.74 15.44 -2.42
CA SER A 176 -14.85 15.95 -1.06
C SER A 176 -15.91 15.23 -0.24
N GLY A 177 -16.89 14.58 -0.88
CA GLY A 177 -17.97 13.97 -0.14
C GLY A 177 -17.50 12.92 0.85
N VAL A 178 -16.56 12.08 0.42
CA VAL A 178 -16.06 11.04 1.31
C VAL A 178 -15.22 11.64 2.44
N GLN A 179 -14.55 12.77 2.17
CA GLN A 179 -13.73 13.40 3.21
C GLN A 179 -14.60 14.05 4.26
N ILE A 180 -15.70 14.68 3.84
CA ILE A 180 -16.62 15.29 4.81
C ILE A 180 -17.27 14.21 5.67
N ARG A 181 -17.69 13.10 5.04
CA ARG A 181 -18.38 12.05 5.80
C ARG A 181 -17.43 11.38 6.79
N THR A 182 -16.16 11.22 6.40
CA THR A 182 -15.19 10.60 7.31
C THR A 182 -14.97 11.47 8.55
N MET A 183 -14.84 12.78 8.37
CA MET A 183 -14.61 13.66 9.51
C MET A 183 -15.79 13.67 10.46
N LYS A 184 -17.01 13.59 9.94
CA LYS A 184 -18.19 13.60 10.78
C LYS A 184 -18.31 12.32 11.60
N ALA A 185 -17.74 11.22 11.12
CA ALA A 185 -17.90 9.91 11.73
C ALA A 185 -16.80 9.57 12.72
N GLN A 186 -15.78 10.42 12.90
CA GLN A 186 -14.71 10.10 13.83
C GLN A 186 -13.95 11.36 14.18
N GLN A 187 -13.42 11.41 15.41
CA GLN A 187 -12.55 12.48 15.83
C GLN A 187 -11.16 12.27 15.25
N PRO A 188 -10.32 13.32 15.25
CA PRO A 188 -8.92 13.15 14.83
C PRO A 188 -8.22 12.10 15.68
N PRO A 189 -7.10 11.53 15.19
CA PRO A 189 -6.39 11.83 13.94
C PRO A 189 -7.05 11.32 12.67
N ILE A 190 -7.01 12.13 11.63
CA ILE A 190 -7.52 11.77 10.31
C ILE A 190 -6.35 11.76 9.34
N ARG A 191 -6.29 10.73 8.50
CA ARG A 191 -5.20 10.61 7.53
C ARG A 191 -5.73 9.79 6.36
N ILE A 192 -6.33 10.48 5.39
CA ILE A 192 -6.94 9.82 4.25
C ILE A 192 -6.51 10.51 2.96
N ILE A 193 -6.46 9.72 1.89
CA ILE A 193 -6.38 10.22 0.53
C ILE A 193 -7.61 9.74 -0.22
N ALA A 194 -8.12 10.57 -1.13
CA ALA A 194 -9.38 10.32 -1.82
C ALA A 194 -9.23 10.47 -3.33
N PRO A 195 -8.98 9.37 -4.03
CA PRO A 195 -8.98 9.40 -5.50
C PRO A 195 -10.36 9.14 -6.07
N GLY A 196 -10.56 9.58 -7.31
CA GLY A 196 -11.82 9.36 -7.97
C GLY A 196 -11.99 10.26 -9.18
N ARG A 197 -13.00 9.92 -9.97
CA ARG A 197 -13.33 10.72 -11.15
C ARG A 197 -14.12 11.96 -10.73
N VAL A 198 -13.83 13.08 -11.38
CA VAL A 198 -14.58 14.32 -11.20
C VAL A 198 -14.92 14.87 -12.58
N TYR A 199 -15.78 15.89 -12.59
CA TYR A 199 -16.40 16.34 -13.83
C TYR A 199 -16.45 17.86 -13.89
N ARG A 200 -16.10 18.41 -15.06
CA ARG A 200 -16.25 19.82 -15.36
C ARG A 200 -16.63 19.97 -16.83
N ASN A 201 -17.23 21.10 -17.18
CA ASN A 201 -17.84 21.26 -18.49
C ASN A 201 -16.83 21.51 -19.61
N ASP A 202 -15.62 21.97 -19.29
CA ASP A 202 -14.66 22.32 -20.34
C ASP A 202 -14.19 21.08 -21.09
N TYR A 203 -13.69 21.32 -22.31
CA TYR A 203 -13.25 20.24 -23.20
C TYR A 203 -12.37 20.87 -24.28
N ASP A 204 -11.06 20.77 -24.11
CA ASP A 204 -10.10 21.31 -25.06
C ASP A 204 -9.03 20.25 -25.33
N GLN A 205 -7.88 20.69 -25.85
CA GLN A 205 -6.74 19.80 -25.97
C GLN A 205 -6.18 19.42 -24.61
N THR A 206 -6.24 20.35 -23.65
CA THR A 206 -5.73 20.13 -22.30
C THR A 206 -6.85 19.98 -21.28
N HIS A 207 -8.08 19.76 -21.74
CA HIS A 207 -9.23 19.61 -20.85
C HIS A 207 -10.18 18.57 -21.41
N THR A 208 -10.59 17.64 -20.56
CA THR A 208 -11.64 16.69 -20.87
C THR A 208 -12.79 16.86 -19.86
N PRO A 209 -14.03 16.62 -20.28
CA PRO A 209 -15.16 16.80 -19.35
C PRO A 209 -15.09 15.91 -18.12
N MET A 210 -14.37 14.79 -18.20
CA MET A 210 -14.14 13.90 -17.07
C MET A 210 -12.64 13.75 -16.87
N PHE A 211 -12.21 13.73 -15.62
CA PHE A 211 -10.80 13.47 -15.30
C PHE A 211 -10.71 12.95 -13.88
N HIS A 212 -9.49 12.66 -13.44
CA HIS A 212 -9.25 12.03 -12.15
C HIS A 212 -8.52 13.00 -11.22
N GLN A 213 -8.93 12.98 -9.95
CA GLN A 213 -8.37 13.86 -8.93
C GLN A 213 -7.94 13.02 -7.74
N MET A 214 -6.73 13.30 -7.23
CA MET A 214 -6.27 12.72 -5.98
C MET A 214 -6.22 13.81 -4.93
N GLU A 215 -7.02 13.65 -3.88
CA GLU A 215 -7.11 14.63 -2.81
C GLU A 215 -6.69 14.00 -1.50
N GLY A 216 -5.88 14.73 -0.74
CA GLY A 216 -5.37 14.25 0.53
C GLY A 216 -5.88 15.11 1.67
N LEU A 217 -5.97 14.51 2.86
CA LEU A 217 -6.40 15.22 4.06
C LEU A 217 -5.74 14.60 5.27
N ILE A 218 -5.21 15.44 6.14
CA ILE A 218 -4.69 15.01 7.44
C ILE A 218 -5.13 16.03 8.47
N VAL A 219 -5.61 15.55 9.61
CA VAL A 219 -6.07 16.41 10.70
C VAL A 219 -5.52 15.87 12.01
N ASP A 220 -4.73 16.68 12.71
CA ASP A 220 -4.14 16.27 13.97
C ASP A 220 -4.02 17.50 14.86
N THR A 221 -3.21 17.37 15.92
CA THR A 221 -3.19 18.40 16.95
C THR A 221 -2.38 19.62 16.54
N ASN A 222 -1.19 19.43 15.97
CA ASN A 222 -0.29 20.53 15.63
C ASN A 222 0.19 20.41 14.19
N ILE A 223 -0.75 20.31 13.27
CA ILE A 223 -0.43 20.30 11.84
C ILE A 223 -0.23 21.73 11.39
N SER A 224 0.91 22.00 10.76
CA SER A 224 1.32 23.34 10.36
C SER A 224 1.55 23.43 8.86
N PHE A 225 1.73 24.68 8.40
CA PHE A 225 2.06 24.93 7.00
C PHE A 225 3.43 24.36 6.64
N THR A 226 4.36 24.33 7.61
CA THR A 226 5.65 23.69 7.38
C THR A 226 5.49 22.21 7.07
N ASN A 227 4.48 21.56 7.66
CA ASN A 227 4.24 20.16 7.37
C ASN A 227 3.65 19.99 5.96
N LEU A 228 2.81 20.93 5.54
CA LEU A 228 2.28 20.92 4.17
C LEU A 228 3.41 20.98 3.16
N LYS A 229 4.35 21.90 3.35
CA LYS A 229 5.45 22.04 2.41
C LYS A 229 6.30 20.77 2.37
N GLY A 230 6.69 20.26 3.55
CA GLY A 230 7.59 19.12 3.58
C GLY A 230 6.98 17.86 3.00
N THR A 231 5.70 17.62 3.29
CA THR A 231 5.03 16.43 2.77
C THR A 231 4.91 16.49 1.26
N LEU A 232 4.47 17.63 0.72
CA LEU A 232 4.30 17.75 -0.73
C LEU A 232 5.63 17.86 -1.45
N HIS A 233 6.64 18.43 -0.80
CA HIS A 233 7.97 18.43 -1.41
C HIS A 233 8.53 17.01 -1.47
N ASP A 234 8.31 16.21 -0.43
CA ASP A 234 8.66 14.80 -0.49
C ASP A 234 7.92 14.09 -1.60
N PHE A 235 6.62 14.37 -1.74
CA PHE A 235 5.81 13.69 -2.74
C PHE A 235 6.31 13.99 -4.15
N LEU A 236 6.57 15.27 -4.44
CA LEU A 236 7.00 15.64 -5.79
C LEU A 236 8.37 15.07 -6.11
N ARG A 237 9.26 15.00 -5.13
CA ARG A 237 10.58 14.42 -5.36
C ARG A 237 10.49 12.93 -5.64
N ASN A 238 9.54 12.24 -5.00
CA ASN A 238 9.35 10.82 -5.25
C ASN A 238 8.64 10.58 -6.59
N PHE A 239 7.67 11.44 -6.92
CA PHE A 239 6.86 11.21 -8.12
C PHE A 239 7.69 11.41 -9.39
N PHE A 240 8.49 12.47 -9.44
CA PHE A 240 9.33 12.73 -10.60
C PHE A 240 10.75 12.18 -10.44
N GLU A 241 11.09 11.65 -9.26
CA GLU A 241 12.36 10.97 -9.01
C GLU A 241 13.57 11.86 -9.33
N GLU A 242 13.56 13.08 -8.79
CA GLU A 242 14.69 13.98 -8.95
C GLU A 242 14.55 15.12 -7.95
N ASP A 243 15.68 15.78 -7.67
CA ASP A 243 15.70 16.94 -6.79
C ASP A 243 15.35 18.16 -7.62
N LEU A 244 14.05 18.28 -7.91
CA LEU A 244 13.55 19.26 -8.85
C LEU A 244 13.18 20.57 -8.14
N GLN A 245 13.10 21.64 -8.93
CA GLN A 245 12.74 22.94 -8.40
C GLN A 245 11.22 23.03 -8.27
N ILE A 246 10.75 23.28 -7.04
CA ILE A 246 9.34 23.54 -6.80
C ILE A 246 9.21 24.87 -6.09
N ARG A 247 7.99 25.40 -6.06
CA ARG A 247 7.71 26.61 -5.32
C ARG A 247 6.27 26.58 -4.84
N PHE A 248 6.05 27.16 -3.66
CA PHE A 248 4.72 27.37 -3.13
C PHE A 248 4.27 28.80 -3.43
N ARG A 249 3.03 28.96 -3.85
CA ARG A 249 2.54 30.22 -4.35
C ARG A 249 1.18 30.54 -3.74
N PRO A 250 0.97 31.75 -3.23
CA PRO A 250 -0.32 32.11 -2.66
C PRO A 250 -1.45 31.94 -3.66
N SER A 251 -2.58 31.43 -3.18
CA SER A 251 -3.77 31.22 -3.98
C SER A 251 -4.98 31.36 -3.07
N TYR A 252 -6.14 30.94 -3.56
CA TYR A 252 -7.37 31.01 -2.78
C TYR A 252 -8.23 29.78 -3.05
N PHE A 253 -8.74 29.19 -1.97
CA PHE A 253 -9.81 28.22 -1.99
C PHE A 253 -10.73 28.53 -0.82
N PRO A 254 -12.05 28.37 -0.99
CA PRO A 254 -12.97 28.67 0.11
C PRO A 254 -12.83 27.73 1.30
N PHE A 255 -12.24 26.55 1.11
CA PHE A 255 -12.16 25.54 2.15
C PHE A 255 -10.82 25.48 2.85
N THR A 256 -9.87 26.34 2.48
CA THR A 256 -8.58 26.40 3.15
C THR A 256 -8.18 27.86 3.37
N GLU A 257 -7.30 28.07 4.36
CA GLU A 257 -6.76 29.37 4.71
C GLU A 257 -5.66 29.19 5.75
N PRO A 258 -4.38 29.46 5.40
CA PRO A 258 -3.86 29.93 4.12
C PRO A 258 -3.98 28.91 2.98
N SER A 259 -4.10 29.39 1.75
CA SER A 259 -4.22 28.54 0.57
C SER A 259 -2.98 28.70 -0.30
N ALA A 260 -2.66 27.66 -1.06
CA ALA A 260 -1.46 27.67 -1.87
C ALA A 260 -1.62 26.76 -3.08
N GLU A 261 -0.93 27.11 -4.15
CA GLU A 261 -0.66 26.21 -5.26
C GLU A 261 0.84 25.98 -5.33
N VAL A 262 1.22 24.78 -5.76
CA VAL A 262 2.63 24.43 -5.90
C VAL A 262 2.92 24.21 -7.37
N ASP A 263 4.02 24.78 -7.84
CA ASP A 263 4.43 24.67 -9.22
C ASP A 263 5.75 23.90 -9.31
N VAL A 264 5.91 23.19 -10.42
CA VAL A 264 7.16 22.53 -10.78
C VAL A 264 7.77 23.31 -11.94
N MET A 265 9.08 23.54 -11.87
CA MET A 265 9.78 24.19 -12.97
C MET A 265 9.66 23.34 -14.24
N GLY A 266 9.02 23.91 -15.26
CA GLY A 266 8.86 23.19 -16.51
C GLY A 266 10.17 23.04 -17.26
N LYS A 267 10.19 22.03 -18.13
CA LYS A 267 11.36 21.76 -18.96
C LYS A 267 11.63 22.87 -19.96
N ASN A 268 10.70 23.80 -20.16
CA ASN A 268 10.87 24.90 -21.08
C ASN A 268 11.20 26.22 -20.37
N GLY A 269 11.40 26.19 -19.06
CA GLY A 269 11.80 27.37 -18.31
C GLY A 269 10.69 28.09 -17.59
N LYS A 270 9.44 27.63 -17.72
CA LYS A 270 8.30 28.26 -17.08
C LYS A 270 7.80 27.39 -15.92
N TRP A 271 7.22 28.04 -14.91
CA TRP A 271 6.62 27.31 -13.81
C TRP A 271 5.32 26.66 -14.26
N LEU A 272 5.06 25.45 -13.77
CA LEU A 272 3.89 24.67 -14.17
C LEU A 272 3.08 24.28 -12.94
N GLU A 273 1.84 24.76 -12.87
CA GLU A 273 0.96 24.46 -11.74
C GLU A 273 0.65 22.97 -11.70
N VAL A 274 0.89 22.35 -10.55
CA VAL A 274 0.82 20.90 -10.42
C VAL A 274 -0.28 20.49 -9.44
N LEU A 275 -0.47 21.28 -8.38
CA LEU A 275 -1.48 20.93 -7.39
C LEU A 275 -1.85 22.16 -6.57
N GLY A 276 -2.94 22.03 -5.83
CA GLY A 276 -3.38 23.06 -4.89
C GLY A 276 -3.46 22.52 -3.48
N CYS A 277 -3.31 23.39 -2.47
CA CYS A 277 -3.27 22.93 -1.09
C CYS A 277 -3.54 24.09 -0.14
N GLY A 278 -3.57 23.77 1.14
CA GLY A 278 -3.78 24.78 2.15
C GLY A 278 -4.08 24.16 3.50
N MET A 279 -4.20 25.04 4.50
CA MET A 279 -4.59 24.63 5.84
C MET A 279 -6.11 24.69 5.94
N VAL A 280 -6.71 23.61 6.46
CA VAL A 280 -8.16 23.47 6.42
C VAL A 280 -8.83 24.65 7.11
N HIS A 281 -9.83 25.23 6.43
CA HIS A 281 -10.52 26.39 6.95
C HIS A 281 -11.25 26.04 8.25
N PRO A 282 -11.23 26.93 9.25
CA PRO A 282 -11.92 26.62 10.51
C PRO A 282 -13.42 26.39 10.35
N ASN A 283 -14.06 27.02 9.36
CA ASN A 283 -15.47 26.74 9.10
C ASN A 283 -15.67 25.29 8.70
N VAL A 284 -14.75 24.74 7.89
CA VAL A 284 -14.90 23.36 7.44
C VAL A 284 -14.76 22.41 8.62
N LEU A 285 -13.80 22.67 9.50
CA LEU A 285 -13.63 21.83 10.69
C LEU A 285 -14.83 21.97 11.63
N ARG A 286 -15.38 23.18 11.72
CA ARG A 286 -16.46 23.44 12.68
C ARG A 286 -17.71 22.67 12.32
N ASN A 287 -18.14 22.72 11.05
CA ASN A 287 -19.40 22.08 10.66
C ASN A 287 -19.29 20.57 10.53
N VAL A 288 -18.10 19.99 10.62
CA VAL A 288 -17.96 18.54 10.75
C VAL A 288 -17.69 18.14 12.21
N GLY A 289 -17.83 19.07 13.14
CA GLY A 289 -17.71 18.75 14.56
C GLY A 289 -16.30 18.65 15.07
N ILE A 290 -15.34 19.33 14.45
CA ILE A 290 -13.95 19.32 14.89
C ILE A 290 -13.57 20.73 15.34
N ASP A 291 -12.99 20.83 16.53
CA ASP A 291 -12.63 22.12 17.14
C ASP A 291 -11.35 22.65 16.51
N PRO A 292 -11.43 23.76 15.76
CA PRO A 292 -10.21 24.33 15.18
C PRO A 292 -9.28 24.96 16.21
N GLU A 293 -9.72 25.16 17.45
CA GLU A 293 -8.83 25.63 18.49
C GLU A 293 -7.98 24.52 19.07
N VAL A 294 -8.34 23.27 18.83
CA VAL A 294 -7.59 22.11 19.31
C VAL A 294 -6.88 21.40 18.15
N TYR A 295 -7.60 21.17 17.06
CA TYR A 295 -7.06 20.42 15.92
C TYR A 295 -6.85 21.35 14.72
N SER A 296 -5.89 20.97 13.90
CA SER A 296 -5.62 21.64 12.63
C SER A 296 -5.29 20.58 11.59
N GLY A 297 -5.16 21.00 10.34
CA GLY A 297 -4.84 20.07 9.29
C GLY A 297 -4.64 20.76 7.96
N PHE A 298 -3.97 20.05 7.05
CA PHE A 298 -3.82 20.52 5.68
C PHE A 298 -4.44 19.52 4.72
N ALA A 299 -4.75 20.02 3.53
CA ALA A 299 -5.32 19.20 2.45
C ALA A 299 -4.67 19.62 1.13
N PHE A 300 -4.83 18.76 0.13
CA PHE A 300 -4.26 19.03 -1.19
C PHE A 300 -5.09 18.31 -2.25
N GLY A 301 -4.95 18.79 -3.47
CA GLY A 301 -5.63 18.19 -4.61
C GLY A 301 -4.79 18.32 -5.86
N MET A 302 -4.91 17.34 -6.74
CA MET A 302 -4.07 17.27 -7.93
C MET A 302 -4.78 16.45 -8.99
N GLY A 303 -4.52 16.80 -10.25
CA GLY A 303 -5.10 16.07 -11.37
C GLY A 303 -4.17 14.97 -11.83
N MET A 304 -4.73 13.79 -12.04
CA MET A 304 -3.90 12.64 -12.39
C MET A 304 -3.47 12.67 -13.86
N GLU A 305 -4.34 13.18 -14.72
CA GLU A 305 -3.98 13.32 -16.14
C GLU A 305 -2.78 14.24 -16.29
N ARG A 306 -2.78 15.37 -15.57
CA ARG A 306 -1.68 16.33 -15.68
C ARG A 306 -0.37 15.70 -15.25
N LEU A 307 -0.35 15.08 -14.07
CA LEU A 307 0.87 14.45 -13.57
C LEU A 307 1.32 13.31 -14.46
N THR A 308 0.37 12.54 -15.02
CA THR A 308 0.73 11.45 -15.91
C THR A 308 1.37 11.96 -17.19
N MET A 309 0.86 13.08 -17.73
CA MET A 309 1.45 13.65 -18.93
C MET A 309 2.89 14.09 -18.70
N LEU A 310 3.13 14.76 -17.57
CA LEU A 310 4.47 15.21 -17.23
C LEU A 310 5.40 14.04 -16.92
N ARG A 311 4.87 12.94 -16.38
CA ARG A 311 5.70 11.82 -15.98
C ARG A 311 6.19 10.99 -17.16
N TYR A 312 5.30 10.69 -18.12
CA TYR A 312 5.62 9.79 -19.21
C TYR A 312 5.71 10.47 -20.57
N GLY A 313 5.54 11.79 -20.64
CA GLY A 313 5.67 12.49 -21.90
C GLY A 313 4.47 12.42 -22.81
N VAL A 314 3.28 12.27 -22.26
CA VAL A 314 2.05 12.29 -23.05
C VAL A 314 1.70 13.73 -23.37
N THR A 315 1.49 14.03 -24.65
CA THR A 315 1.32 15.41 -25.11
C THR A 315 -0.14 15.81 -25.36
N ASP A 316 -1.04 14.83 -25.50
CA ASP A 316 -2.45 15.10 -25.76
C ASP A 316 -3.29 14.40 -24.69
N LEU A 317 -3.99 15.20 -23.88
CA LEU A 317 -4.81 14.66 -22.79
C LEU A 317 -5.95 13.79 -23.30
N ARG A 318 -6.44 14.01 -24.52
CA ARG A 318 -7.55 13.22 -25.03
C ARG A 318 -7.15 11.77 -25.32
N SER A 319 -5.86 11.48 -25.44
CA SER A 319 -5.42 10.12 -25.67
C SER A 319 -5.82 9.18 -24.54
N PHE A 320 -5.94 9.72 -23.32
CA PHE A 320 -6.28 8.89 -22.17
C PHE A 320 -7.65 8.24 -22.33
N PHE A 321 -8.58 8.91 -23.02
CA PHE A 321 -9.96 8.44 -23.11
C PHE A 321 -10.35 8.00 -24.51
N GLU A 322 -9.44 8.06 -25.48
CA GLU A 322 -9.63 7.39 -26.75
C GLU A 322 -9.31 5.90 -26.64
N ASN A 323 -8.45 5.52 -25.68
CA ASN A 323 -8.17 4.12 -25.36
C ASN A 323 -7.70 3.34 -26.58
N ASP A 324 -6.87 3.96 -27.41
CA ASP A 324 -6.19 3.24 -28.47
C ASP A 324 -5.24 2.21 -27.85
N LEU A 325 -5.37 0.95 -28.27
CA LEU A 325 -4.54 -0.10 -27.71
C LEU A 325 -3.05 0.13 -27.96
N ARG A 326 -2.71 0.93 -28.97
CA ARG A 326 -1.30 1.25 -29.19
C ARG A 326 -0.80 2.31 -28.21
N PHE A 327 -1.69 3.17 -27.73
CA PHE A 327 -1.31 4.10 -26.68
C PHE A 327 -1.23 3.40 -25.33
N LEU A 328 -2.21 2.54 -25.03
CA LEU A 328 -2.24 1.88 -23.74
C LEU A 328 -1.12 0.84 -23.61
N LYS A 329 -0.76 0.18 -24.71
CA LYS A 329 0.25 -0.87 -24.61
C LYS A 329 1.63 -0.33 -24.25
N GLN A 330 1.86 0.97 -24.43
CA GLN A 330 3.14 1.56 -24.03
C GLN A 330 3.34 1.57 -22.53
N PHE A 331 2.27 1.41 -21.74
CA PHE A 331 2.35 1.55 -20.29
C PHE A 331 2.24 0.22 -19.55
N LYS A 332 2.45 -0.90 -20.24
CA LYS A 332 2.44 -2.21 -19.58
C LYS A 332 3.52 -2.31 -18.50
N MET B 1 -8.79 40.16 -15.58
CA MET B 1 -8.41 41.56 -15.44
C MET B 1 -7.15 41.87 -16.25
N LYS B 2 -7.30 42.77 -17.22
CA LYS B 2 -6.18 43.30 -17.99
C LYS B 2 -5.84 44.70 -17.50
N PHE B 3 -4.55 45.02 -17.54
CA PHE B 3 -4.10 46.37 -17.17
C PHE B 3 -2.75 46.64 -17.83
N SER B 4 -2.42 47.93 -17.92
CA SER B 4 -1.17 48.37 -18.52
C SER B 4 -0.07 48.39 -17.47
N GLU B 5 1.06 47.75 -17.80
CA GLU B 5 2.19 47.74 -16.88
C GLU B 5 2.69 49.15 -16.60
N LEU B 6 2.80 49.97 -17.65
CA LEU B 6 3.25 51.35 -17.47
C LEU B 6 2.27 52.14 -16.61
N TRP B 7 0.97 51.90 -16.78
CA TRP B 7 -0.02 52.56 -15.93
C TRP B 7 0.14 52.13 -14.48
N LEU B 8 0.36 50.83 -14.26
CA LEU B 8 0.62 50.36 -12.90
C LEU B 8 1.89 50.98 -12.34
N ARG B 9 2.91 51.15 -13.18
CA ARG B 9 4.16 51.74 -12.74
C ARG B 9 4.06 53.23 -12.47
N GLU B 10 2.94 53.88 -12.83
CA GLU B 10 2.73 55.25 -12.38
C GLU B 10 2.40 55.31 -10.90
N TRP B 11 1.87 54.22 -10.32
CA TRP B 11 1.56 54.13 -8.91
C TRP B 11 2.68 53.49 -8.10
N VAL B 12 3.33 52.47 -8.64
CA VAL B 12 4.45 51.80 -7.98
C VAL B 12 5.40 51.27 -9.04
N ASN B 13 6.66 51.70 -8.98
CA ASN B 13 7.65 51.39 -10.01
C ASN B 13 8.85 50.71 -9.36
N PRO B 14 8.75 49.42 -9.05
CA PRO B 14 9.92 48.72 -8.49
C PRO B 14 11.02 48.58 -9.53
N ALA B 15 12.27 48.67 -9.07
CA ALA B 15 13.43 48.59 -9.96
C ALA B 15 13.66 47.14 -10.39
N ILE B 16 12.78 46.67 -11.27
CA ILE B 16 12.83 45.30 -11.77
C ILE B 16 12.04 45.25 -13.07
N ASP B 17 12.38 44.30 -13.93
CA ASP B 17 11.86 44.31 -15.29
C ASP B 17 10.45 43.72 -15.35
N SER B 18 9.92 43.59 -16.57
CA SER B 18 8.56 43.13 -16.75
C SER B 18 8.38 41.68 -16.33
N ASP B 19 9.33 40.80 -16.70
CA ASP B 19 9.20 39.40 -16.33
C ASP B 19 9.16 39.23 -14.82
N ALA B 20 9.96 40.00 -14.09
CA ALA B 20 10.01 39.87 -12.64
C ALA B 20 8.79 40.49 -11.97
N LEU B 21 8.34 41.64 -12.47
CA LEU B 21 7.12 42.26 -11.95
C LEU B 21 5.92 41.33 -12.15
N ALA B 22 5.82 40.72 -13.33
CA ALA B 22 4.72 39.80 -13.59
C ALA B 22 4.82 38.57 -12.69
N ASN B 23 6.05 38.10 -12.45
CA ASN B 23 6.24 37.01 -11.49
C ASN B 23 5.86 37.44 -10.08
N GLN B 24 6.18 38.69 -9.71
CA GLN B 24 5.81 39.18 -8.39
C GLN B 24 4.30 39.23 -8.23
N ILE B 25 3.60 39.69 -9.26
CA ILE B 25 2.13 39.73 -9.22
C ILE B 25 1.57 38.33 -9.10
N THR B 26 2.14 37.37 -9.82
CA THR B 26 1.71 35.99 -9.71
C THR B 26 1.94 35.46 -8.30
N MET B 27 3.08 35.81 -7.69
CA MET B 27 3.40 35.37 -6.34
C MET B 27 2.61 36.12 -5.26
N ALA B 28 1.92 37.19 -5.62
CA ALA B 28 1.00 37.86 -4.72
C ALA B 28 -0.31 37.10 -4.54
N GLY B 29 -0.59 36.13 -5.41
CA GLY B 29 -1.88 35.46 -5.45
C GLY B 29 -2.71 35.83 -6.66
N LEU B 30 -2.18 36.65 -7.56
CA LEU B 30 -2.86 37.11 -8.76
C LEU B 30 -2.12 36.51 -9.95
N GLU B 31 -2.41 35.23 -10.21
CA GLU B 31 -1.71 34.49 -11.24
C GLU B 31 -1.88 35.16 -12.60
N VAL B 32 -0.78 35.51 -13.24
CA VAL B 32 -0.82 36.12 -14.56
C VAL B 32 -1.14 35.04 -15.58
N ASP B 33 -2.15 35.28 -16.41
CA ASP B 33 -2.51 34.35 -17.47
C ASP B 33 -1.76 34.61 -18.76
N GLY B 34 -1.40 35.87 -19.01
CA GLY B 34 -0.62 36.22 -20.19
C GLY B 34 -0.05 37.62 -20.12
N VAL B 35 1.03 37.86 -20.87
CA VAL B 35 1.61 39.18 -21.03
C VAL B 35 1.74 39.43 -22.53
N GLU B 36 1.04 40.45 -23.04
CA GLU B 36 1.04 40.69 -24.47
C GLU B 36 1.55 42.09 -24.78
N PRO B 37 2.27 42.28 -25.88
CA PRO B 37 2.74 43.63 -26.22
C PRO B 37 1.58 44.56 -26.54
N VAL B 38 1.80 45.86 -26.33
CA VAL B 38 0.73 46.82 -26.55
C VAL B 38 0.57 47.13 -28.04
N ALA B 39 1.65 47.07 -28.81
CA ALA B 39 1.64 47.35 -30.23
C ALA B 39 2.53 46.35 -30.95
N GLY B 40 2.45 46.36 -32.28
CA GLY B 40 3.32 45.53 -33.08
C GLY B 40 4.77 45.98 -33.02
N SER B 41 5.63 45.18 -33.65
CA SER B 41 7.07 45.46 -33.67
C SER B 41 7.41 46.21 -34.95
N PHE B 42 8.01 47.40 -34.80
CA PHE B 42 8.39 48.21 -35.94
C PHE B 42 9.42 49.24 -35.50
N HIS B 43 9.99 49.94 -36.48
CA HIS B 43 10.90 51.04 -36.21
C HIS B 43 10.83 52.00 -37.39
N GLY B 44 11.30 53.23 -37.15
CA GLY B 44 11.36 54.24 -38.19
C GLY B 44 10.09 55.03 -38.40
N VAL B 45 9.14 54.98 -37.47
CA VAL B 45 7.90 55.74 -37.54
C VAL B 45 7.98 56.88 -36.53
N VAL B 46 7.68 58.10 -36.98
CA VAL B 46 7.84 59.30 -36.15
C VAL B 46 6.61 60.18 -36.29
N VAL B 47 6.54 61.21 -35.45
CA VAL B 47 5.43 62.16 -35.46
C VAL B 47 5.65 63.17 -36.58
N GLY B 48 4.60 63.44 -37.36
CA GLY B 48 4.66 64.42 -38.42
C GLY B 48 3.42 65.28 -38.43
N GLU B 49 3.43 66.27 -39.33
CA GLU B 49 2.30 67.16 -39.54
C GLU B 49 2.00 67.28 -41.03
N VAL B 50 0.71 67.32 -41.36
CA VAL B 50 0.26 67.51 -42.73
C VAL B 50 0.26 69.01 -43.01
N VAL B 51 1.32 69.50 -43.65
CA VAL B 51 1.43 70.93 -43.95
C VAL B 51 0.54 71.30 -45.13
N GLU B 52 0.64 70.55 -46.22
CA GLU B 52 -0.15 70.79 -47.43
C GLU B 52 -0.90 69.53 -47.80
N CYS B 53 -2.14 69.70 -48.24
CA CYS B 53 -2.98 68.57 -48.65
C CYS B 53 -3.78 69.00 -49.87
N ALA B 54 -3.75 68.19 -50.93
CA ALA B 54 -4.41 68.53 -52.18
C ALA B 54 -4.90 67.26 -52.86
N GLN B 55 -5.80 67.45 -53.81
CA GLN B 55 -6.33 66.33 -54.58
C GLN B 55 -5.24 65.67 -55.41
N HIS B 56 -5.23 64.35 -55.41
CA HIS B 56 -4.33 63.61 -56.29
C HIS B 56 -4.74 63.87 -57.74
N PRO B 57 -3.82 64.29 -58.61
CA PRO B 57 -4.21 64.69 -59.97
C PRO B 57 -4.59 63.52 -60.86
N ASN B 58 -4.23 62.28 -60.52
CA ASN B 58 -4.48 61.14 -61.39
C ASN B 58 -5.27 60.02 -60.71
N ALA B 59 -5.71 60.20 -59.47
CA ALA B 59 -6.50 59.20 -58.77
C ALA B 59 -7.59 59.92 -57.99
N ASP B 60 -8.84 59.51 -58.20
CA ASP B 60 -9.98 60.29 -57.73
C ASP B 60 -9.98 60.41 -56.21
N LYS B 61 -9.79 59.29 -55.50
CA LYS B 61 -9.94 59.25 -54.05
C LYS B 61 -8.61 59.24 -53.32
N LEU B 62 -7.55 59.73 -53.93
CA LEU B 62 -6.27 59.88 -53.25
C LEU B 62 -5.96 61.36 -53.03
N ARG B 63 -5.01 61.60 -52.14
CA ARG B 63 -4.49 62.94 -51.88
C ARG B 63 -2.98 62.93 -51.96
N VAL B 64 -2.42 64.07 -52.38
CA VAL B 64 -0.99 64.31 -52.35
C VAL B 64 -0.71 65.28 -51.22
N THR B 65 0.38 65.06 -50.48
CA THR B 65 0.57 65.70 -49.19
C THR B 65 2.04 66.04 -48.95
N LYS B 66 2.26 67.23 -48.39
CA LYS B 66 3.56 67.63 -47.86
C LYS B 66 3.54 67.41 -46.35
N VAL B 67 4.49 66.62 -45.85
CA VAL B 67 4.54 66.24 -44.45
C VAL B 67 5.83 66.75 -43.84
N ASN B 68 5.71 67.41 -42.69
CA ASN B 68 6.86 67.88 -41.92
C ASN B 68 7.16 66.89 -40.81
N VAL B 69 8.36 66.34 -40.83
CA VAL B 69 8.81 65.39 -39.82
C VAL B 69 10.04 65.89 -39.07
N GLY B 70 10.33 67.19 -39.17
CA GLY B 70 11.48 67.76 -38.51
C GLY B 70 12.79 67.51 -39.21
N GLY B 71 12.78 67.15 -40.49
CA GLY B 71 13.99 66.89 -41.24
C GLY B 71 14.48 68.12 -41.98
N ASP B 72 15.38 67.87 -42.93
CA ASP B 72 15.95 68.97 -43.72
C ASP B 72 14.90 69.60 -44.61
N ARG B 73 13.99 68.80 -45.17
CA ARG B 73 12.94 69.32 -46.03
C ARG B 73 11.69 68.47 -45.87
N LEU B 74 10.58 68.99 -46.37
CA LEU B 74 9.30 68.32 -46.27
C LEU B 74 9.26 67.09 -47.17
N LEU B 75 8.44 66.11 -46.78
CA LEU B 75 8.30 64.87 -47.51
C LEU B 75 7.06 64.90 -48.41
N ASP B 76 7.17 64.26 -49.57
CA ASP B 76 6.03 64.01 -50.43
C ASP B 76 5.40 62.67 -50.06
N ILE B 77 4.15 62.70 -49.62
CA ILE B 77 3.43 61.51 -49.21
C ILE B 77 2.10 61.47 -49.94
N VAL B 78 1.74 60.29 -50.43
CA VAL B 78 0.42 60.03 -51.00
C VAL B 78 -0.40 59.29 -49.95
N CYS B 79 -1.63 59.73 -49.74
CA CYS B 79 -2.50 59.14 -48.73
C CYS B 79 -3.91 59.02 -49.29
N GLY B 80 -4.55 57.89 -49.01
CA GLY B 80 -5.91 57.67 -49.47
C GLY B 80 -6.93 57.58 -48.35
N ALA B 81 -6.49 57.79 -47.11
CA ALA B 81 -7.41 57.73 -45.99
C ALA B 81 -8.45 58.85 -46.11
N PRO B 82 -9.71 58.58 -45.75
CA PRO B 82 -10.74 59.64 -45.90
C PRO B 82 -10.54 60.81 -44.95
N ASN B 83 -9.87 60.61 -43.82
CA ASN B 83 -9.71 61.67 -42.83
C ASN B 83 -8.47 62.53 -43.05
N CYS B 84 -7.70 62.27 -44.11
CA CYS B 84 -6.48 63.03 -44.36
C CYS B 84 -6.83 64.46 -44.73
N ARG B 85 -6.20 65.43 -44.05
CA ARG B 85 -6.50 66.83 -44.26
C ARG B 85 -5.33 67.66 -43.71
N GLN B 86 -5.33 68.94 -44.06
CA GLN B 86 -4.23 69.82 -43.66
C GLN B 86 -4.29 70.14 -42.18
N GLY B 87 -3.12 70.21 -41.55
CA GLY B 87 -3.02 70.51 -40.13
C GLY B 87 -3.05 69.31 -39.22
N LEU B 88 -3.17 68.11 -39.77
CA LEU B 88 -3.31 66.90 -38.98
C LEU B 88 -1.95 66.45 -38.47
N ARG B 89 -1.89 66.12 -37.17
CA ARG B 89 -0.72 65.49 -36.59
C ARG B 89 -0.86 63.98 -36.78
N VAL B 90 0.13 63.36 -37.44
CA VAL B 90 -0.01 61.99 -37.91
C VAL B 90 1.25 61.20 -37.58
N ALA B 91 1.13 59.88 -37.70
CA ALA B 91 2.27 58.98 -37.54
C ALA B 91 2.84 58.69 -38.91
N VAL B 92 4.13 58.97 -39.09
CA VAL B 92 4.79 58.92 -40.39
C VAL B 92 5.82 57.81 -40.37
N ALA B 93 5.59 56.76 -41.16
CA ALA B 93 6.59 55.71 -41.38
C ALA B 93 7.51 56.17 -42.50
N THR B 94 8.72 56.61 -42.14
CA THR B 94 9.63 57.20 -43.10
C THR B 94 10.31 56.13 -43.95
N ILE B 95 11.13 56.57 -44.90
CA ILE B 95 11.87 55.64 -45.74
C ILE B 95 12.88 54.89 -44.89
N GLY B 96 12.97 53.57 -45.13
CA GLY B 96 13.80 52.71 -44.33
C GLY B 96 13.11 52.07 -43.14
N ALA B 97 11.90 52.51 -42.82
CA ALA B 97 11.16 51.91 -41.71
C ALA B 97 10.69 50.52 -42.08
N VAL B 98 10.58 49.67 -41.06
CA VAL B 98 10.07 48.30 -41.22
C VAL B 98 8.81 48.18 -40.37
N LEU B 99 7.70 47.86 -41.01
CA LEU B 99 6.42 47.73 -40.33
C LEU B 99 6.12 46.26 -40.02
N PRO B 100 5.18 45.99 -39.12
CA PRO B 100 4.88 44.59 -38.76
C PRO B 100 4.60 43.73 -39.98
N GLY B 101 5.19 42.54 -39.98
CA GLY B 101 5.16 41.68 -41.15
C GLY B 101 6.35 41.81 -42.06
N ASP B 102 7.44 42.40 -41.58
CA ASP B 102 8.61 42.69 -42.41
C ASP B 102 8.23 43.49 -43.65
N PHE B 103 7.47 44.56 -43.42
CA PHE B 103 6.95 45.41 -44.49
C PHE B 103 7.84 46.64 -44.58
N LYS B 104 8.88 46.55 -45.40
CA LYS B 104 9.85 47.64 -45.52
C LYS B 104 9.25 48.80 -46.29
N ILE B 105 9.40 50.01 -45.74
CA ILE B 105 8.90 51.23 -46.38
C ILE B 105 9.99 51.75 -47.32
N LYS B 106 9.69 51.74 -48.61
CA LYS B 106 10.60 52.25 -49.64
C LYS B 106 9.95 53.43 -50.33
N ALA B 107 10.80 54.34 -50.82
CA ALA B 107 10.30 55.44 -51.65
C ALA B 107 9.76 54.89 -52.96
N ALA B 108 8.55 55.30 -53.31
CA ALA B 108 7.91 54.77 -54.51
C ALA B 108 6.88 55.76 -55.00
N LYS B 109 6.34 55.47 -56.18
CA LYS B 109 5.27 56.27 -56.76
C LYS B 109 3.96 55.52 -56.64
N LEU B 110 2.89 56.25 -56.36
CA LEU B 110 1.55 55.69 -56.24
C LEU B 110 0.64 56.43 -57.21
N ARG B 111 0.22 55.73 -58.27
CA ARG B 111 -0.62 56.31 -59.32
C ARG B 111 0.03 57.53 -59.94
N GLY B 112 1.35 57.50 -60.07
CA GLY B 112 2.11 58.53 -60.75
C GLY B 112 2.73 59.58 -59.85
N GLU B 113 2.35 59.64 -58.57
CA GLU B 113 2.90 60.69 -57.72
C GLU B 113 3.91 60.11 -56.72
N PRO B 114 4.97 60.84 -56.42
CA PRO B 114 5.98 60.31 -55.49
C PRO B 114 5.48 60.26 -54.06
N SER B 115 5.91 59.24 -53.34
CA SER B 115 5.56 59.07 -51.93
C SER B 115 6.79 58.62 -51.17
N GLU B 116 7.25 59.44 -50.22
CA GLU B 116 8.45 59.15 -49.45
C GLU B 116 8.08 58.71 -48.03
N GLY B 117 7.28 57.66 -47.93
CA GLY B 117 6.74 57.15 -46.69
C GLY B 117 5.23 57.04 -46.77
N MET B 118 4.61 56.76 -45.63
CA MET B 118 3.16 56.60 -45.61
C MET B 118 2.62 57.05 -44.26
N LEU B 119 1.36 57.47 -44.25
CA LEU B 119 0.67 57.84 -43.03
C LEU B 119 -0.07 56.60 -42.51
N CYS B 120 0.05 56.34 -41.22
CA CYS B 120 -0.31 55.04 -40.65
C CYS B 120 -1.63 55.09 -39.92
N SER B 121 -2.34 53.97 -39.97
CA SER B 121 -3.50 53.71 -39.12
C SER B 121 -3.06 52.88 -37.91
N PHE B 122 -3.95 52.80 -36.92
CA PHE B 122 -3.67 51.96 -35.77
C PHE B 122 -3.50 50.50 -36.16
N SER B 123 -4.26 50.05 -37.16
CA SER B 123 -4.17 48.66 -37.60
C SER B 123 -2.81 48.38 -38.25
N GLU B 124 -2.28 49.33 -39.02
CA GLU B 124 -1.01 49.11 -39.67
C GLU B 124 0.14 49.07 -38.66
N LEU B 125 -0.02 49.75 -37.52
CA LEU B 125 0.97 49.71 -36.46
C LEU B 125 0.72 48.56 -35.49
N GLY B 126 -0.29 47.74 -35.74
CA GLY B 126 -0.63 46.66 -34.83
C GLY B 126 -1.11 47.13 -33.47
N ILE B 127 -1.74 48.30 -33.41
CA ILE B 127 -2.22 48.82 -32.13
C ILE B 127 -3.65 48.39 -31.85
N SER B 128 -4.50 48.41 -32.87
CA SER B 128 -5.89 47.98 -32.72
C SER B 128 -6.39 47.57 -34.10
N ASP B 129 -7.68 47.25 -34.17
CA ASP B 129 -8.33 46.86 -35.41
C ASP B 129 -8.86 48.05 -36.19
N ASP B 130 -8.45 49.27 -35.84
CA ASP B 130 -8.96 50.48 -36.49
C ASP B 130 -8.22 50.70 -37.80
N HIS B 131 -8.94 50.57 -38.91
CA HIS B 131 -8.39 50.87 -40.23
C HIS B 131 -9.30 51.82 -41.00
N SER B 132 -10.15 52.57 -40.30
CA SER B 132 -11.06 53.49 -40.97
C SER B 132 -10.32 54.71 -41.52
N GLY B 133 -9.18 55.05 -40.93
CA GLY B 133 -8.40 56.17 -41.39
C GLY B 133 -7.05 56.20 -40.71
N ILE B 134 -6.29 57.25 -41.00
CA ILE B 134 -4.98 57.40 -40.41
C ILE B 134 -5.10 57.86 -38.96
N ILE B 135 -4.03 57.64 -38.20
CA ILE B 135 -3.99 58.07 -36.81
C ILE B 135 -3.99 59.59 -36.74
N GLU B 136 -4.85 60.15 -35.90
CA GLU B 136 -4.88 61.58 -35.63
C GLU B 136 -4.30 61.82 -34.24
N LEU B 137 -3.17 62.51 -34.19
CA LEU B 137 -2.48 62.81 -32.94
C LEU B 137 -2.94 64.14 -32.37
N PRO B 138 -2.72 64.37 -31.08
CA PRO B 138 -3.05 65.68 -30.50
C PRO B 138 -2.31 66.81 -31.20
N ALA B 139 -2.90 68.01 -31.14
CA ALA B 139 -2.39 69.13 -31.91
C ALA B 139 -0.99 69.55 -31.47
N ASP B 140 -0.62 69.28 -30.22
CA ASP B 140 0.70 69.62 -29.71
C ASP B 140 1.68 68.46 -29.79
N ALA B 141 1.45 67.50 -30.68
CA ALA B 141 2.35 66.36 -30.79
C ALA B 141 3.73 66.82 -31.25
N PRO B 142 4.79 66.33 -30.62
CA PRO B 142 6.14 66.80 -30.97
C PRO B 142 6.63 66.25 -32.30
N ILE B 143 6.77 67.13 -33.30
CA ILE B 143 7.21 66.71 -34.62
C ILE B 143 8.57 66.03 -34.52
N GLY B 144 8.75 64.97 -35.31
CA GLY B 144 10.01 64.26 -35.37
C GLY B 144 10.23 63.22 -34.29
N THR B 145 9.43 63.22 -33.23
CA THR B 145 9.61 62.27 -32.14
C THR B 145 9.11 60.88 -32.53
N ASP B 146 9.85 59.85 -32.12
CA ASP B 146 9.42 58.48 -32.28
C ASP B 146 8.04 58.29 -31.64
N ILE B 147 7.08 57.79 -32.44
CA ILE B 147 5.75 57.55 -31.89
C ILE B 147 5.77 56.46 -30.84
N ARG B 148 6.78 55.59 -30.86
CA ARG B 148 6.91 54.60 -29.79
C ARG B 148 7.17 55.29 -28.45
N GLU B 149 7.93 56.38 -28.46
CA GLU B 149 8.16 57.14 -27.24
C GLU B 149 6.97 58.03 -26.91
N TYR B 150 6.38 58.67 -27.94
CA TYR B 150 5.28 59.59 -27.70
C TYR B 150 4.01 58.86 -27.29
N LEU B 151 3.74 57.70 -27.91
CA LEU B 151 2.56 56.91 -27.58
C LEU B 151 2.86 55.81 -26.57
N LYS B 152 4.10 55.69 -26.11
CA LYS B 152 4.49 54.70 -25.09
C LYS B 152 4.13 53.28 -25.53
N LEU B 153 4.52 52.95 -26.75
CA LEU B 153 4.21 51.64 -27.33
C LEU B 153 5.12 50.54 -26.82
N ASP B 154 6.16 50.87 -26.05
CA ASP B 154 6.97 49.87 -25.36
C ASP B 154 6.33 49.59 -24.01
N ASP B 155 5.25 48.82 -24.05
CA ASP B 155 4.40 48.58 -22.90
C ASP B 155 3.71 47.24 -23.08
N ASN B 156 3.28 46.66 -21.97
CA ASN B 156 2.58 45.38 -21.99
C ASN B 156 1.24 45.49 -21.28
N THR B 157 0.27 44.73 -21.78
CA THR B 157 -0.97 44.49 -21.04
C THR B 157 -0.81 43.18 -20.28
N ILE B 158 -1.07 43.23 -18.97
CA ILE B 158 -0.92 42.08 -18.09
C ILE B 158 -2.30 41.57 -17.72
N GLU B 159 -2.57 40.32 -18.02
CA GLU B 159 -3.83 39.67 -17.68
C GLU B 159 -3.63 38.79 -16.46
N ILE B 160 -4.45 39.03 -15.42
CA ILE B 160 -4.35 38.30 -14.17
C ILE B 160 -5.71 37.68 -13.85
N SER B 161 -5.66 36.54 -13.16
CA SER B 161 -6.85 35.92 -12.60
C SER B 161 -7.03 36.40 -11.17
N VAL B 162 -8.19 36.98 -10.88
CA VAL B 162 -8.47 37.55 -9.57
C VAL B 162 -9.52 36.69 -8.89
N THR B 163 -9.09 35.95 -7.88
CA THR B 163 -10.02 35.12 -7.12
C THR B 163 -10.97 35.99 -6.31
N PRO B 164 -12.17 35.48 -5.99
CA PRO B 164 -13.20 36.35 -5.38
C PRO B 164 -12.82 36.91 -4.02
N ASN B 165 -11.77 36.41 -3.36
CA ASN B 165 -11.36 37.00 -2.10
C ASN B 165 -10.69 38.35 -2.30
N ARG B 166 -9.98 38.51 -3.41
CA ARG B 166 -9.23 39.76 -3.66
C ARG B 166 -10.09 40.75 -4.45
N ALA B 167 -11.21 41.12 -3.82
CA ALA B 167 -12.11 42.12 -4.41
C ALA B 167 -11.43 43.46 -4.58
N ASP B 168 -10.40 43.74 -3.78
CA ASP B 168 -9.66 45.00 -3.86
C ASP B 168 -8.71 45.05 -5.06
N CYS B 169 -8.53 43.96 -5.79
CA CYS B 169 -7.60 43.92 -6.91
C CYS B 169 -8.31 43.92 -8.26
N LEU B 170 -9.39 44.68 -8.38
CA LEU B 170 -10.13 44.84 -9.63
C LEU B 170 -10.01 46.28 -10.16
N GLY B 171 -8.86 46.90 -9.92
CA GLY B 171 -8.57 48.25 -10.36
C GLY B 171 -7.08 48.48 -10.30
N ILE B 172 -6.62 49.56 -10.94
CA ILE B 172 -5.19 49.86 -10.95
C ILE B 172 -4.68 50.08 -9.54
N ILE B 173 -5.44 50.82 -8.73
CA ILE B 173 -4.98 51.17 -7.39
C ILE B 173 -4.81 49.93 -6.52
N GLY B 174 -5.71 48.97 -6.65
CA GLY B 174 -5.66 47.79 -5.80
C GLY B 174 -4.52 46.86 -6.15
N VAL B 175 -4.29 46.64 -7.45
CA VAL B 175 -3.14 45.85 -7.86
C VAL B 175 -1.85 46.53 -7.48
N ALA B 176 -1.80 47.86 -7.61
CA ALA B 176 -0.57 48.59 -7.31
C ALA B 176 -0.31 48.62 -5.81
N ARG B 177 -1.36 48.71 -4.99
CA ARG B 177 -1.19 48.73 -3.55
C ARG B 177 -0.57 47.42 -3.07
N ASP B 178 -0.98 46.30 -3.64
CA ASP B 178 -0.44 45.00 -3.24
C ASP B 178 1.01 44.85 -3.69
N VAL B 179 1.32 45.32 -4.90
CA VAL B 179 2.70 45.26 -5.39
C VAL B 179 3.61 46.13 -4.52
N ALA B 180 3.10 47.27 -4.06
CA ALA B 180 3.91 48.16 -3.23
C ALA B 180 4.22 47.52 -1.87
N VAL B 181 3.25 46.84 -1.28
CA VAL B 181 3.49 46.13 -0.03
C VAL B 181 4.58 45.08 -0.22
N LEU B 182 4.54 44.34 -1.33
CA LEU B 182 5.51 43.27 -1.52
C LEU B 182 6.91 43.81 -1.73
N ASN B 183 7.03 45.06 -2.20
CA ASN B 183 8.32 45.69 -2.43
C ASN B 183 8.72 46.64 -1.31
N GLN B 184 7.91 46.74 -0.25
CA GLN B 184 8.15 47.69 0.83
C GLN B 184 8.33 49.10 0.30
N LEU B 185 7.52 49.45 -0.70
CA LEU B 185 7.52 50.78 -1.30
C LEU B 185 6.24 51.52 -0.96
N PRO B 186 6.27 52.84 -0.91
CA PRO B 186 5.03 53.61 -0.78
C PRO B 186 4.26 53.63 -2.09
N LEU B 187 2.99 54.03 -1.99
CA LEU B 187 2.11 54.12 -3.14
C LEU B 187 2.02 55.56 -3.60
N VAL B 188 2.30 55.78 -4.88
CA VAL B 188 2.21 57.11 -5.48
C VAL B 188 0.81 57.27 -6.07
N GLN B 189 0.05 58.22 -5.52
CA GLN B 189 -1.35 58.36 -5.89
C GLN B 189 -1.60 59.69 -6.58
N PRO B 190 -2.48 59.73 -7.58
CA PRO B 190 -2.77 60.99 -8.26
C PRO B 190 -3.46 61.99 -7.33
N GLU B 191 -3.20 63.27 -7.57
CA GLU B 191 -3.86 64.33 -6.83
C GLU B 191 -5.26 64.52 -7.37
N ILE B 192 -6.26 64.05 -6.62
CA ILE B 192 -7.66 64.14 -7.04
C ILE B 192 -8.34 65.20 -6.18
N VAL B 193 -8.36 66.44 -6.69
CA VAL B 193 -8.92 67.56 -5.93
C VAL B 193 -10.41 67.65 -6.25
N PRO B 194 -11.25 67.94 -5.26
CA PRO B 194 -12.70 67.97 -5.52
C PRO B 194 -13.09 69.11 -6.45
N VAL B 195 -14.08 68.84 -7.31
CA VAL B 195 -14.58 69.84 -8.25
C VAL B 195 -15.60 70.71 -7.54
N GLY B 196 -15.29 72.00 -7.41
CA GLY B 196 -16.23 72.92 -6.79
C GLY B 196 -17.43 73.16 -7.69
N ALA B 197 -18.61 73.20 -7.07
CA ALA B 197 -19.84 73.40 -7.82
C ALA B 197 -20.02 74.86 -8.19
N THR B 198 -20.39 75.10 -9.45
CA THR B 198 -20.69 76.44 -9.93
C THR B 198 -22.17 76.68 -10.16
N ILE B 199 -23.01 75.66 -10.03
CA ILE B 199 -24.46 75.81 -10.08
C ILE B 199 -25.04 75.08 -8.88
N ASP B 200 -26.34 75.30 -8.66
CA ASP B 200 -27.05 74.71 -7.53
C ASP B 200 -27.98 73.58 -7.95
N ASP B 201 -27.92 73.15 -9.20
CA ASP B 201 -28.84 72.13 -9.69
C ASP B 201 -28.68 70.83 -8.92
N THR B 202 -29.80 70.24 -8.52
CA THR B 202 -29.84 68.92 -7.91
C THR B 202 -31.09 68.21 -8.43
N LEU B 203 -31.39 67.06 -7.83
CA LEU B 203 -32.67 66.39 -8.03
C LEU B 203 -32.93 65.51 -6.82
N PRO B 204 -34.19 65.26 -6.48
CA PRO B 204 -34.47 64.45 -5.28
C PRO B 204 -33.99 63.01 -5.45
N ILE B 205 -33.25 62.54 -4.46
CA ILE B 205 -32.80 61.14 -4.40
C ILE B 205 -33.20 60.58 -3.05
N THR B 206 -34.04 59.54 -3.06
CA THR B 206 -34.44 58.83 -1.86
C THR B 206 -34.17 57.35 -2.05
N VAL B 207 -33.65 56.70 -1.01
CA VAL B 207 -33.36 55.27 -1.03
C VAL B 207 -34.39 54.57 -0.15
N GLU B 208 -35.13 53.63 -0.74
CA GLU B 208 -36.07 52.81 0.01
C GLU B 208 -35.45 51.52 0.52
N ALA B 209 -34.28 51.14 -0.01
CA ALA B 209 -33.56 49.94 0.39
C ALA B 209 -32.16 50.33 0.83
N PRO B 210 -32.03 50.95 2.01
CA PRO B 210 -30.69 51.35 2.48
C PRO B 210 -29.80 50.19 2.85
N GLU B 211 -30.37 48.99 3.08
CA GLU B 211 -29.54 47.81 3.28
C GLU B 211 -28.81 47.43 2.00
N ALA B 212 -29.51 47.48 0.86
CA ALA B 212 -28.86 47.17 -0.41
C ALA B 212 -27.95 48.28 -0.88
N CYS B 213 -28.27 49.54 -0.57
CA CYS B 213 -27.49 50.69 -1.00
C CYS B 213 -27.22 51.58 0.21
N PRO B 214 -26.15 51.32 0.95
CA PRO B 214 -25.82 52.19 2.09
C PRO B 214 -25.33 53.58 1.69
N ARG B 215 -24.93 53.77 0.44
CA ARG B 215 -24.41 55.07 -0.02
C ARG B 215 -24.67 55.22 -1.51
N TYR B 216 -25.40 56.27 -1.88
CA TYR B 216 -25.63 56.63 -3.26
C TYR B 216 -25.23 58.08 -3.46
N LEU B 217 -24.41 58.34 -4.47
CA LEU B 217 -23.95 59.69 -4.79
C LEU B 217 -24.47 60.07 -6.17
N GLY B 218 -25.28 61.12 -6.22
CA GLY B 218 -25.73 61.70 -7.48
C GLY B 218 -25.09 63.06 -7.67
N ARG B 219 -24.85 63.41 -8.93
CA ARG B 219 -24.30 64.71 -9.26
C ARG B 219 -24.71 65.06 -10.68
N VAL B 220 -25.15 66.30 -10.87
CA VAL B 220 -25.63 66.77 -12.15
C VAL B 220 -24.52 67.56 -12.85
N VAL B 221 -24.38 67.36 -14.15
CA VAL B 221 -23.53 68.17 -15.01
C VAL B 221 -24.40 68.73 -16.11
N LYS B 222 -24.45 70.06 -16.22
CA LYS B 222 -25.34 70.74 -17.15
C LYS B 222 -24.58 71.16 -18.39
N GLY B 223 -25.15 70.86 -19.55
CA GLY B 223 -24.60 71.34 -20.81
C GLY B 223 -23.28 70.69 -21.21
N ILE B 224 -23.29 69.38 -21.42
CA ILE B 224 -22.11 68.67 -21.88
C ILE B 224 -22.25 68.40 -23.37
N ASN B 225 -21.10 68.15 -24.01
CA ASN B 225 -21.02 67.81 -25.42
C ASN B 225 -20.74 66.31 -25.53
N VAL B 226 -21.81 65.52 -25.65
CA VAL B 226 -21.66 64.07 -25.72
C VAL B 226 -20.88 63.64 -26.96
N LYS B 227 -20.82 64.48 -27.98
CA LYS B 227 -20.07 64.18 -29.20
C LYS B 227 -18.61 64.57 -29.09
N ALA B 228 -18.16 65.05 -27.94
CA ALA B 228 -16.75 65.41 -27.80
C ALA B 228 -15.88 64.16 -27.87
N PRO B 229 -14.74 64.23 -28.55
CA PRO B 229 -13.91 63.03 -28.72
C PRO B 229 -13.10 62.72 -27.47
N THR B 230 -12.95 61.43 -27.20
CA THR B 230 -12.13 60.98 -26.08
C THR B 230 -10.65 61.23 -26.39
N PRO B 231 -9.91 61.89 -25.51
CA PRO B 231 -8.49 62.13 -25.79
C PRO B 231 -7.71 60.83 -25.92
N LEU B 232 -6.63 60.89 -26.71
CA LEU B 232 -5.91 59.66 -27.06
C LEU B 232 -5.32 58.96 -25.85
N TRP B 233 -4.92 59.73 -24.81
CA TRP B 233 -4.34 59.10 -23.64
C TRP B 233 -5.36 58.23 -22.90
N MET B 234 -6.63 58.64 -22.90
CA MET B 234 -7.64 57.83 -22.22
C MET B 234 -8.06 56.64 -23.05
N LYS B 235 -8.11 56.79 -24.38
CA LYS B 235 -8.39 55.66 -25.25
C LYS B 235 -7.34 54.57 -25.09
N GLU B 236 -6.08 54.97 -24.89
CA GLU B 236 -5.01 53.98 -24.80
C GLU B 236 -5.06 53.23 -23.47
N LYS B 237 -5.27 53.94 -22.36
CA LYS B 237 -5.36 53.24 -21.07
C LYS B 237 -6.58 52.34 -21.02
N LEU B 238 -7.69 52.76 -21.63
CA LEU B 238 -8.85 51.89 -21.73
C LEU B 238 -8.53 50.64 -22.55
N ARG B 239 -7.90 50.83 -23.71
CA ARG B 239 -7.63 49.71 -24.60
C ARG B 239 -6.63 48.73 -23.98
N ARG B 240 -5.59 49.25 -23.35
CA ARG B 240 -4.59 48.39 -22.72
C ARG B 240 -5.13 47.66 -21.49
N CYS B 241 -6.34 47.99 -21.05
CA CYS B 241 -7.04 47.21 -20.04
C CYS B 241 -8.19 46.40 -20.63
N GLY B 242 -8.24 46.25 -21.95
CA GLY B 242 -9.24 45.40 -22.57
C GLY B 242 -10.59 46.03 -22.82
N ILE B 243 -10.70 47.35 -22.75
CA ILE B 243 -11.97 48.05 -22.94
C ILE B 243 -11.80 49.01 -24.11
N ARG B 244 -12.61 48.85 -25.15
CA ARG B 244 -12.53 49.74 -26.28
C ARG B 244 -13.33 51.02 -26.02
N SER B 245 -12.97 52.08 -26.74
CA SER B 245 -13.59 53.37 -26.55
C SER B 245 -14.93 53.43 -27.28
N ILE B 246 -15.96 53.92 -26.60
CA ILE B 246 -17.29 54.03 -27.18
C ILE B 246 -17.64 55.49 -27.38
N ASP B 247 -18.01 56.20 -26.31
CA ASP B 247 -18.23 57.63 -26.34
C ASP B 247 -17.68 58.24 -25.06
N ALA B 248 -17.57 59.57 -25.05
CA ALA B 248 -16.77 60.25 -24.03
C ALA B 248 -17.31 60.04 -22.62
N VAL B 249 -18.63 59.98 -22.47
CA VAL B 249 -19.21 59.84 -21.13
C VAL B 249 -19.03 58.43 -20.60
N VAL B 250 -19.26 57.42 -21.44
CA VAL B 250 -19.01 56.05 -21.02
C VAL B 250 -17.52 55.82 -20.82
N ASP B 251 -16.68 56.53 -21.58
CA ASP B 251 -15.24 56.32 -21.49
C ASP B 251 -14.68 56.84 -20.17
N VAL B 252 -15.22 57.95 -19.65
CA VAL B 252 -14.71 58.46 -18.37
C VAL B 252 -15.14 57.55 -17.23
N THR B 253 -16.36 57.00 -17.30
CA THR B 253 -16.83 56.12 -16.23
C THR B 253 -16.10 54.78 -16.27
N ASN B 254 -15.78 54.29 -17.47
CA ASN B 254 -14.95 53.10 -17.57
C ASN B 254 -13.52 53.36 -17.14
N TYR B 255 -13.04 54.60 -17.28
CA TYR B 255 -11.68 54.92 -16.85
C TYR B 255 -11.57 54.88 -15.33
N VAL B 256 -12.55 55.44 -14.62
CA VAL B 256 -12.49 55.45 -13.17
C VAL B 256 -12.71 54.05 -12.62
N LEU B 257 -13.48 53.22 -13.32
CA LEU B 257 -13.59 51.81 -12.94
C LEU B 257 -12.23 51.13 -13.05
N LEU B 258 -11.50 51.40 -14.12
CA LEU B 258 -10.19 50.78 -14.29
C LEU B 258 -9.17 51.34 -13.29
N GLU B 259 -9.27 52.62 -12.96
CA GLU B 259 -8.25 53.26 -12.13
C GLU B 259 -8.49 53.00 -10.64
N LEU B 260 -9.72 53.19 -10.18
CA LEU B 260 -10.04 53.09 -8.77
C LEU B 260 -10.86 51.86 -8.40
N GLY B 261 -11.32 51.09 -9.38
CA GLY B 261 -12.17 49.96 -9.10
C GLY B 261 -13.61 50.29 -8.80
N GLN B 262 -14.00 51.57 -8.95
CA GLN B 262 -15.35 52.00 -8.63
C GLN B 262 -16.19 52.05 -9.89
N PRO B 263 -17.22 51.23 -10.01
CA PRO B 263 -18.15 51.37 -11.14
C PRO B 263 -18.97 52.63 -11.01
N MET B 264 -19.36 53.19 -12.16
CA MET B 264 -20.18 54.39 -12.19
C MET B 264 -21.06 54.37 -13.42
N HIS B 265 -22.10 55.20 -13.39
CA HIS B 265 -23.09 55.22 -14.46
C HIS B 265 -23.53 56.67 -14.70
N ALA B 266 -23.98 56.93 -15.92
CA ALA B 266 -24.48 58.25 -16.30
C ALA B 266 -25.90 58.11 -16.82
N PHE B 267 -26.83 58.85 -16.23
CA PHE B 267 -28.19 58.93 -16.71
C PHE B 267 -28.39 60.20 -17.53
N ASP B 268 -29.36 60.16 -18.43
CA ASP B 268 -29.85 61.38 -19.07
C ASP B 268 -30.77 62.08 -18.08
N LYS B 269 -30.33 63.22 -17.54
CA LYS B 269 -31.12 63.90 -16.52
C LYS B 269 -32.48 64.32 -17.05
N ASP B 270 -32.55 64.69 -18.33
CA ASP B 270 -33.81 65.12 -18.93
C ASP B 270 -34.80 63.98 -19.13
N ARG B 271 -34.36 62.73 -19.03
CA ARG B 271 -35.24 61.58 -19.15
C ARG B 271 -35.57 60.97 -17.78
N ILE B 272 -35.21 61.64 -16.70
CA ILE B 272 -35.55 61.22 -15.35
C ILE B 272 -36.82 61.97 -14.94
N GLU B 273 -37.91 61.23 -14.77
CA GLU B 273 -39.20 61.82 -14.42
C GLU B 273 -39.31 61.93 -12.90
N GLY B 274 -39.17 63.14 -12.38
CA GLY B 274 -39.31 63.38 -10.96
C GLY B 274 -37.99 63.38 -10.22
N GLY B 275 -37.53 62.20 -9.83
CA GLY B 275 -36.28 62.07 -9.11
C GLY B 275 -35.72 60.69 -9.29
N ILE B 276 -34.82 60.31 -8.38
CA ILE B 276 -34.22 58.98 -8.38
C ILE B 276 -34.71 58.24 -7.16
N VAL B 277 -35.19 57.01 -7.37
CA VAL B 277 -35.67 56.14 -6.31
C VAL B 277 -34.83 54.87 -6.33
N VAL B 278 -33.97 54.71 -5.34
CA VAL B 278 -33.17 53.50 -5.18
C VAL B 278 -33.98 52.55 -4.31
N ARG B 279 -34.63 51.57 -4.96
CA ARG B 279 -35.59 50.71 -4.29
C ARG B 279 -35.47 49.29 -4.82
N MET B 280 -36.09 48.36 -4.11
CA MET B 280 -36.28 47.02 -4.65
C MET B 280 -37.31 47.07 -5.78
N ALA B 281 -37.17 46.14 -6.72
CA ALA B 281 -38.14 46.03 -7.79
C ALA B 281 -39.42 45.38 -7.27
N LYS B 282 -40.52 45.65 -7.96
CA LYS B 282 -41.75 44.92 -7.70
C LYS B 282 -41.72 43.59 -8.43
N GLU B 283 -42.38 42.59 -7.87
CA GLU B 283 -42.37 41.25 -8.45
C GLU B 283 -43.01 41.28 -9.83
N GLY B 284 -42.20 41.13 -10.87
CA GLY B 284 -42.68 41.18 -12.23
C GLY B 284 -42.42 42.48 -12.96
N GLU B 285 -41.60 43.36 -12.42
CA GLU B 285 -41.28 44.61 -13.12
C GLU B 285 -40.59 44.32 -14.44
N THR B 286 -40.86 45.16 -15.42
CA THR B 286 -40.33 45.02 -16.77
C THR B 286 -39.37 46.16 -17.05
N LEU B 287 -38.17 45.83 -17.52
CA LEU B 287 -37.16 46.82 -17.85
C LEU B 287 -36.50 46.42 -19.17
N VAL B 288 -36.41 47.38 -20.09
CA VAL B 288 -35.70 47.16 -21.35
C VAL B 288 -34.25 47.55 -21.12
N LEU B 289 -33.36 46.56 -21.15
CA LEU B 289 -31.96 46.82 -20.86
C LEU B 289 -31.31 47.57 -22.02
N LEU B 290 -30.06 48.00 -21.79
CA LEU B 290 -29.34 48.76 -22.81
C LEU B 290 -29.09 47.95 -24.08
N ASP B 291 -29.09 46.62 -23.98
CA ASP B 291 -28.89 45.79 -25.16
C ASP B 291 -30.17 45.56 -25.96
N GLY B 292 -31.26 46.26 -25.62
CA GLY B 292 -32.51 46.14 -26.35
C GLY B 292 -33.45 45.07 -25.85
N THR B 293 -32.99 44.17 -25.00
CA THR B 293 -33.84 43.07 -24.52
C THR B 293 -34.61 43.49 -23.26
N GLU B 294 -35.66 42.75 -22.96
CA GLU B 294 -36.52 43.01 -21.81
C GLU B 294 -36.21 42.04 -20.68
N ALA B 295 -36.23 42.55 -19.45
CA ALA B 295 -35.96 41.75 -18.26
C ALA B 295 -37.17 41.79 -17.33
N LYS B 296 -37.61 40.62 -16.90
CA LYS B 296 -38.71 40.48 -15.94
C LYS B 296 -38.09 40.25 -14.57
N LEU B 297 -38.09 41.28 -13.73
CA LEU B 297 -37.32 41.28 -12.50
C LEU B 297 -38.14 40.75 -11.33
N ASN B 298 -37.43 40.24 -10.33
CA ASN B 298 -38.03 39.77 -9.09
C ASN B 298 -37.85 40.79 -7.98
N ALA B 299 -38.62 40.60 -6.90
CA ALA B 299 -38.64 41.57 -5.82
C ALA B 299 -37.34 41.60 -5.01
N ASP B 300 -36.44 40.65 -5.21
CA ASP B 300 -35.16 40.63 -4.52
C ASP B 300 -34.08 41.38 -5.29
N THR B 301 -34.41 42.01 -6.41
CA THR B 301 -33.46 42.68 -7.27
C THR B 301 -33.56 44.19 -7.08
N LEU B 302 -32.41 44.83 -6.86
CA LEU B 302 -32.37 46.28 -6.67
C LEU B 302 -32.41 46.98 -8.02
N VAL B 303 -33.13 48.10 -8.07
CA VAL B 303 -33.26 48.88 -9.30
C VAL B 303 -33.06 50.36 -8.97
N ILE B 304 -32.50 51.08 -9.94
CA ILE B 304 -32.52 52.53 -9.93
C ILE B 304 -33.72 52.96 -10.76
N ALA B 305 -34.62 53.73 -10.15
CA ALA B 305 -35.87 54.10 -10.79
C ALA B 305 -36.11 55.60 -10.62
N ASP B 306 -37.14 56.10 -11.32
CA ASP B 306 -37.64 57.44 -11.07
C ASP B 306 -38.98 57.35 -10.36
N HIS B 307 -39.78 58.40 -10.45
CA HIS B 307 -41.07 58.42 -9.79
C HIS B 307 -42.16 57.69 -10.57
N ASN B 308 -41.82 57.08 -11.71
CA ASN B 308 -42.81 56.41 -12.53
C ASN B 308 -42.36 55.03 -12.98
N LYS B 309 -41.13 54.93 -13.50
CA LYS B 309 -40.64 53.71 -14.12
C LYS B 309 -39.27 53.34 -13.57
N ALA B 310 -38.89 52.09 -13.80
CA ALA B 310 -37.55 51.63 -13.47
C ALA B 310 -36.58 52.05 -14.58
N LEU B 311 -35.38 52.47 -14.18
CA LEU B 311 -34.39 52.99 -15.11
C LEU B 311 -33.24 52.04 -15.38
N ALA B 312 -32.78 51.29 -14.38
CA ALA B 312 -31.66 50.38 -14.58
C ALA B 312 -31.66 49.34 -13.46
N MET B 313 -30.86 48.29 -13.66
CA MET B 313 -30.60 47.30 -12.63
C MET B 313 -29.43 47.77 -11.78
N GLY B 314 -29.68 48.02 -10.50
CA GLY B 314 -28.68 48.58 -9.61
C GLY B 314 -27.33 47.87 -9.61
N GLY B 315 -26.31 48.56 -10.11
CA GLY B 315 -24.97 48.00 -10.12
C GLY B 315 -24.75 46.84 -11.06
N ILE B 316 -25.60 46.70 -12.08
CA ILE B 316 -25.49 45.56 -12.99
C ILE B 316 -25.53 46.03 -14.43
N PHE B 317 -26.66 46.59 -14.86
CA PHE B 317 -26.82 46.96 -16.26
C PHE B 317 -27.73 48.17 -16.36
N GLY B 318 -27.49 49.01 -17.36
CA GLY B 318 -28.30 50.18 -17.59
C GLY B 318 -29.47 49.92 -18.52
N GLY B 319 -30.52 50.73 -18.35
CA GLY B 319 -31.68 50.62 -19.20
C GLY B 319 -31.50 51.30 -20.54
N GLU B 320 -32.40 50.97 -21.46
CA GLU B 320 -32.33 51.54 -22.81
C GLU B 320 -32.76 53.00 -22.83
N HIS B 321 -33.78 53.35 -22.05
CA HIS B 321 -34.34 54.69 -22.13
C HIS B 321 -33.42 55.73 -21.48
N SER B 322 -33.06 55.52 -20.22
CA SER B 322 -32.41 56.53 -19.39
C SER B 322 -30.92 56.70 -19.66
N GLY B 323 -30.33 55.90 -20.54
CA GLY B 323 -28.93 56.06 -20.85
C GLY B 323 -28.64 57.30 -21.66
N VAL B 324 -27.34 57.59 -21.80
CA VAL B 324 -26.90 58.73 -22.60
C VAL B 324 -27.07 58.42 -24.08
N ASN B 325 -27.59 59.39 -24.84
CA ASN B 325 -27.78 59.22 -26.27
C ASN B 325 -27.19 60.40 -27.03
N ASP B 326 -27.53 60.51 -28.32
CA ASP B 326 -26.96 61.57 -29.15
C ASP B 326 -27.51 62.93 -28.78
N GLU B 327 -28.73 63.00 -28.27
CA GLU B 327 -29.38 64.27 -27.94
C GLU B 327 -29.12 64.71 -26.51
N THR B 328 -28.36 63.94 -25.72
CA THR B 328 -28.18 64.23 -24.31
C THR B 328 -27.36 65.50 -24.13
N GLN B 329 -27.83 66.38 -23.24
CA GLN B 329 -27.07 67.57 -22.87
C GLN B 329 -26.85 67.70 -21.36
N ASN B 330 -27.68 67.05 -20.54
CA ASN B 330 -27.52 67.10 -19.09
C ASN B 330 -27.52 65.67 -18.55
N VAL B 331 -26.52 65.36 -17.72
CA VAL B 331 -26.35 64.00 -17.22
C VAL B 331 -26.38 64.03 -15.69
N LEU B 332 -26.79 62.90 -15.12
CA LEU B 332 -26.71 62.66 -13.69
C LEU B 332 -25.72 61.53 -13.47
N LEU B 333 -24.59 61.84 -12.82
CA LEU B 333 -23.57 60.84 -12.54
C LEU B 333 -23.94 60.05 -11.29
N GLU B 334 -23.93 58.72 -11.40
CA GLU B 334 -24.16 57.84 -10.27
C GLU B 334 -22.85 57.22 -9.80
N CYS B 335 -22.65 57.21 -8.48
CA CYS B 335 -21.48 56.57 -7.87
C CYS B 335 -21.93 56.05 -6.51
N ALA B 336 -22.29 54.77 -6.45
CA ALA B 336 -22.87 54.19 -5.26
C ALA B 336 -22.06 53.00 -4.76
N PHE B 337 -22.28 52.66 -3.50
CA PHE B 337 -21.83 51.41 -2.91
C PHE B 337 -23.05 50.52 -2.68
N PHE B 338 -23.09 49.38 -3.35
CA PHE B 338 -24.16 48.41 -3.18
C PHE B 338 -23.66 47.25 -2.33
N SER B 339 -24.53 46.74 -1.48
CA SER B 339 -24.16 45.63 -0.61
C SER B 339 -23.94 44.38 -1.45
N PRO B 340 -22.77 43.73 -1.35
CA PRO B 340 -22.49 42.56 -2.19
C PRO B 340 -23.59 41.50 -2.18
N LEU B 341 -24.16 41.22 -1.01
CA LEU B 341 -25.19 40.19 -0.92
C LEU B 341 -26.48 40.61 -1.63
N SER B 342 -26.72 41.91 -1.77
CA SER B 342 -27.87 42.43 -2.49
C SER B 342 -27.69 42.41 -4.00
N ILE B 343 -26.45 42.32 -4.48
CA ILE B 343 -26.19 42.25 -5.91
C ILE B 343 -25.88 40.84 -6.41
N THR B 344 -25.30 39.97 -5.58
CA THR B 344 -24.82 38.68 -6.04
C THR B 344 -25.95 37.81 -6.61
N GLY B 345 -25.67 37.12 -7.73
CA GLY B 345 -26.61 36.21 -8.35
C GLY B 345 -27.59 36.84 -9.31
N ARG B 346 -27.88 38.13 -9.17
CA ARG B 346 -28.89 38.76 -10.02
C ARG B 346 -28.42 38.89 -11.47
N ALA B 347 -27.13 39.14 -11.68
CA ALA B 347 -26.65 39.27 -13.06
C ALA B 347 -26.72 37.94 -13.80
N ARG B 348 -26.34 36.85 -13.13
CA ARG B 348 -26.40 35.53 -13.76
C ARG B 348 -27.83 35.08 -14.02
N ARG B 349 -28.78 35.54 -13.20
CA ARG B 349 -30.18 35.14 -13.39
C ARG B 349 -30.69 35.59 -14.75
N HIS B 350 -30.26 36.75 -15.23
CA HIS B 350 -30.67 37.27 -16.53
C HIS B 350 -29.58 37.15 -17.58
N GLY B 351 -28.64 36.23 -17.41
CA GLY B 351 -27.60 36.02 -18.40
C GLY B 351 -26.67 37.19 -18.59
N LEU B 352 -26.52 38.04 -17.57
CA LEU B 352 -25.71 39.24 -17.65
C LEU B 352 -24.42 39.06 -16.87
N HIS B 353 -23.36 39.74 -17.32
CA HIS B 353 -22.08 39.74 -16.62
C HIS B 353 -21.33 40.99 -17.07
N THR B 354 -21.32 42.00 -16.20
CA THR B 354 -20.72 43.29 -16.52
C THR B 354 -19.57 43.60 -15.57
N ASP B 355 -18.77 44.58 -15.96
CA ASP B 355 -17.68 45.03 -15.10
C ASP B 355 -18.20 45.52 -13.75
N ALA B 356 -19.37 46.17 -13.75
CA ALA B 356 -19.94 46.69 -12.51
C ALA B 356 -20.44 45.56 -11.63
N SER B 357 -21.23 44.63 -12.20
CA SER B 357 -21.76 43.54 -11.40
C SER B 357 -20.65 42.68 -10.83
N HIS B 358 -19.59 42.44 -11.62
CA HIS B 358 -18.47 41.62 -11.14
C HIS B 358 -17.82 42.24 -9.91
N ARG B 359 -17.69 43.57 -9.89
CA ARG B 359 -17.04 44.26 -8.78
C ARG B 359 -17.98 44.43 -7.59
N TYR B 360 -19.25 44.71 -7.85
CA TYR B 360 -20.18 44.93 -6.74
C TYR B 360 -20.48 43.64 -5.99
N GLU B 361 -20.58 42.52 -6.70
CA GLU B 361 -20.88 41.26 -6.02
C GLU B 361 -19.67 40.68 -5.28
N ARG B 362 -18.48 41.23 -5.52
CA ARG B 362 -17.29 40.86 -4.75
C ARG B 362 -16.93 41.88 -3.69
N GLY B 363 -17.27 43.15 -3.91
CA GLY B 363 -17.08 44.16 -2.88
C GLY B 363 -16.22 45.32 -3.30
N VAL B 364 -16.83 46.49 -3.48
CA VAL B 364 -16.10 47.71 -3.77
C VAL B 364 -15.91 48.49 -2.48
N ASP B 365 -14.83 49.25 -2.41
CA ASP B 365 -14.46 49.98 -1.21
C ASP B 365 -15.56 50.95 -0.82
N PRO B 366 -16.19 50.79 0.34
CA PRO B 366 -17.24 51.73 0.76
C PRO B 366 -16.73 53.09 1.19
N ALA B 367 -15.42 53.33 1.14
CA ALA B 367 -14.84 54.65 1.41
C ALA B 367 -14.22 55.24 0.15
N LEU B 368 -14.79 54.92 -1.01
CA LEU B 368 -14.20 55.26 -2.30
C LEU B 368 -15.11 56.10 -3.18
N GLN B 369 -16.39 56.24 -2.83
CA GLN B 369 -17.35 56.84 -3.74
C GLN B 369 -17.07 58.32 -3.97
N HIS B 370 -16.72 59.06 -2.92
CA HIS B 370 -16.50 60.50 -3.08
C HIS B 370 -15.30 60.78 -3.97
N LYS B 371 -14.18 60.10 -3.74
CA LYS B 371 -12.99 60.33 -4.55
C LYS B 371 -13.24 59.97 -6.01
N ALA B 372 -13.98 58.88 -6.25
CA ALA B 372 -14.29 58.46 -7.61
C ALA B 372 -15.27 59.41 -8.30
N MET B 373 -16.20 59.98 -7.53
CA MET B 373 -17.13 60.95 -8.11
C MET B 373 -16.40 62.23 -8.53
N GLU B 374 -15.48 62.72 -7.67
CA GLU B 374 -14.72 63.91 -8.03
C GLU B 374 -13.79 63.64 -9.21
N ARG B 375 -13.27 62.42 -9.32
CA ARG B 375 -12.41 62.06 -10.44
C ARG B 375 -13.19 62.08 -11.75
N ALA B 376 -14.40 61.52 -11.75
CA ALA B 376 -15.20 61.49 -12.97
C ALA B 376 -15.71 62.87 -13.34
N THR B 377 -16.03 63.70 -12.34
CA THR B 377 -16.55 65.03 -12.62
C THR B 377 -15.52 65.88 -13.35
N ARG B 378 -14.28 65.92 -12.84
CA ARG B 378 -13.24 66.70 -13.49
C ARG B 378 -12.92 66.14 -14.87
N LEU B 379 -12.78 64.82 -14.98
CA LEU B 379 -12.48 64.21 -16.28
C LEU B 379 -13.61 64.45 -17.28
N LEU B 380 -14.85 64.50 -16.81
CA LEU B 380 -15.97 64.70 -17.73
C LEU B 380 -16.01 66.14 -18.25
N ILE B 381 -15.87 67.11 -17.35
CA ILE B 381 -15.92 68.51 -17.78
C ILE B 381 -14.66 68.90 -18.53
N ASP B 382 -13.52 68.29 -18.22
CA ASP B 382 -12.31 68.57 -18.98
C ASP B 382 -12.38 68.02 -20.39
N ILE B 383 -13.30 67.10 -20.66
CA ILE B 383 -13.44 66.48 -21.97
C ILE B 383 -14.68 66.99 -22.70
N CYS B 384 -15.81 67.07 -22.02
CA CYS B 384 -17.08 67.39 -22.65
C CYS B 384 -17.61 68.76 -22.29
N GLY B 385 -16.93 69.49 -21.43
CA GLY B 385 -17.41 70.78 -20.96
C GLY B 385 -18.64 70.64 -20.08
N GLY B 386 -19.14 71.79 -19.68
CA GLY B 386 -20.32 71.88 -18.84
C GLY B 386 -19.98 72.39 -17.44
N GLU B 387 -21.03 72.45 -16.62
CA GLU B 387 -20.92 72.92 -15.25
C GLU B 387 -21.47 71.87 -14.30
N ALA B 388 -20.79 71.69 -13.18
CA ALA B 388 -21.13 70.67 -12.19
C ALA B 388 -21.90 71.28 -11.03
N GLY B 389 -22.95 70.59 -10.60
CA GLY B 389 -23.68 70.97 -9.41
C GLY B 389 -23.03 70.38 -8.17
N PRO B 390 -23.70 70.51 -7.03
CA PRO B 390 -23.19 69.90 -5.80
C PRO B 390 -23.46 68.40 -5.76
N VAL B 391 -22.63 67.71 -4.98
CA VAL B 391 -22.76 66.26 -4.82
C VAL B 391 -23.94 65.95 -3.92
N ILE B 392 -24.80 65.04 -4.37
CA ILE B 392 -25.96 64.60 -3.61
C ILE B 392 -25.57 63.30 -2.88
N ASP B 393 -25.37 63.41 -1.57
CA ASP B 393 -24.88 62.29 -0.75
C ASP B 393 -26.04 61.70 0.03
N ILE B 394 -26.41 60.47 -0.31
CA ILE B 394 -27.41 59.72 0.45
C ILE B 394 -26.72 58.52 1.08
N THR B 395 -26.21 58.71 2.30
CA THR B 395 -25.45 57.69 3.02
C THR B 395 -26.21 57.30 4.29
N ASN B 396 -26.33 56.00 4.51
CA ASN B 396 -26.96 55.46 5.72
C ASN B 396 -25.86 54.84 6.57
N GLU B 397 -25.51 55.54 7.66
CA GLU B 397 -24.42 55.08 8.52
C GLU B 397 -24.77 53.78 9.23
N ALA B 398 -26.04 53.44 9.36
CA ALA B 398 -26.42 52.20 10.05
C ALA B 398 -26.10 50.98 9.19
N THR B 399 -26.41 51.04 7.89
CA THR B 399 -26.18 49.90 7.01
C THR B 399 -24.82 49.94 6.33
N LEU B 400 -24.09 51.05 6.43
CA LEU B 400 -22.76 51.12 5.86
C LEU B 400 -21.86 50.12 6.58
N PRO B 401 -21.18 49.22 5.85
CA PRO B 401 -20.44 48.16 6.52
C PRO B 401 -19.26 48.71 7.32
N LYS B 402 -19.00 48.07 8.45
CA LYS B 402 -17.97 48.50 9.38
C LYS B 402 -16.70 47.68 9.19
N ARG B 403 -15.56 48.35 9.29
CA ARG B 403 -14.27 47.66 9.22
C ARG B 403 -14.14 46.67 10.36
N ALA B 404 -13.66 45.47 10.03
CA ALA B 404 -13.57 44.40 11.01
C ALA B 404 -12.40 44.61 11.95
N THR B 405 -12.62 44.29 13.23
CA THR B 405 -11.58 44.30 14.25
C THR B 405 -11.23 42.86 14.57
N ILE B 406 -9.98 42.47 14.29
CA ILE B 406 -9.56 41.08 14.36
C ILE B 406 -8.37 40.98 15.30
N THR B 407 -8.36 39.93 16.12
CA THR B 407 -7.27 39.65 17.04
C THR B 407 -6.42 38.50 16.50
N LEU B 408 -5.14 38.77 16.25
CA LEU B 408 -4.21 37.75 15.80
C LEU B 408 -3.33 37.34 16.97
N ARG B 409 -3.42 36.07 17.36
CA ARG B 409 -2.64 35.56 18.49
C ARG B 409 -1.31 35.00 18.01
N ARG B 410 -0.28 35.19 18.83
CA ARG B 410 1.01 34.57 18.56
C ARG B 410 0.91 33.06 18.53
N SER B 411 0.09 32.49 19.41
CA SER B 411 -0.03 31.03 19.48
C SER B 411 -0.64 30.47 18.20
N LYS B 412 -1.71 31.09 17.70
CA LYS B 412 -2.34 30.62 16.47
C LYS B 412 -1.41 30.79 15.28
N LEU B 413 -0.66 31.90 15.24
CA LEU B 413 0.23 32.15 14.11
C LEU B 413 1.35 31.12 14.06
N ASP B 414 2.00 30.86 15.18
CA ASP B 414 3.09 29.90 15.21
C ASP B 414 2.58 28.47 15.00
N ARG B 415 1.39 28.16 15.49
CA ARG B 415 0.86 26.80 15.33
C ARG B 415 0.48 26.53 13.88
N LEU B 416 -0.29 27.43 13.27
CA LEU B 416 -0.73 27.22 11.89
C LEU B 416 0.45 27.27 10.91
N ILE B 417 1.38 28.18 11.11
CA ILE B 417 2.46 28.31 10.14
C ILE B 417 3.58 27.32 10.45
N GLY B 418 3.89 27.13 11.73
CA GLY B 418 5.01 26.30 12.13
C GLY B 418 6.35 26.98 12.04
N HIS B 419 6.38 28.30 11.79
CA HIS B 419 7.61 29.05 11.66
C HIS B 419 7.42 30.39 12.34
N HIS B 420 8.38 30.76 13.20
CA HIS B 420 8.27 32.01 13.95
C HIS B 420 8.70 33.18 13.08
N ILE B 421 7.78 34.11 12.85
CA ILE B 421 8.06 35.38 12.18
C ILE B 421 8.11 36.46 13.26
N ALA B 422 9.14 37.30 13.21
CA ALA B 422 9.40 38.26 14.27
C ALA B 422 8.20 39.19 14.47
N ASP B 423 8.06 39.68 15.70
CA ASP B 423 6.93 40.53 16.05
C ASP B 423 6.89 41.80 15.21
N GLU B 424 8.05 42.46 15.07
CA GLU B 424 8.09 43.70 14.30
C GLU B 424 7.76 43.48 12.84
N GLN B 425 8.08 42.30 12.31
CA GLN B 425 7.75 42.01 10.91
C GLN B 425 6.26 41.75 10.73
N VAL B 426 5.63 41.10 11.71
CA VAL B 426 4.19 40.83 11.63
C VAL B 426 3.40 42.13 11.64
N THR B 427 3.71 43.01 12.60
CA THR B 427 2.98 44.28 12.69
C THR B 427 3.30 45.20 11.52
N ASP B 428 4.51 45.10 10.97
CA ASP B 428 4.86 45.90 9.80
C ASP B 428 4.09 45.44 8.57
N ILE B 429 3.96 44.12 8.39
CA ILE B 429 3.23 43.59 7.25
C ILE B 429 1.77 44.03 7.30
N LEU B 430 1.15 43.91 8.47
CA LEU B 430 -0.26 44.26 8.59
C LEU B 430 -0.50 45.74 8.35
N ARG B 431 0.43 46.60 8.78
CA ARG B 431 0.21 48.04 8.61
C ARG B 431 0.41 48.46 7.15
N ARG B 432 1.43 47.92 6.47
CA ARG B 432 1.61 48.24 5.06
C ARG B 432 0.40 47.82 4.24
N LEU B 433 -0.28 46.74 4.64
CA LEU B 433 -1.52 46.34 4.01
C LEU B 433 -2.67 47.30 4.30
N GLY B 434 -2.52 48.18 5.29
CA GLY B 434 -3.55 49.14 5.63
C GLY B 434 -4.30 48.88 6.92
N CYS B 435 -3.81 47.99 7.78
CA CYS B 435 -4.47 47.70 9.05
C CYS B 435 -4.00 48.65 10.13
N GLU B 436 -4.94 49.06 10.99
CA GLU B 436 -4.61 49.78 12.22
C GLU B 436 -4.26 48.73 13.28
N VAL B 437 -2.99 48.65 13.64
CA VAL B 437 -2.48 47.58 14.50
C VAL B 437 -2.02 48.17 15.83
N THR B 438 -2.49 47.57 16.91
CA THR B 438 -1.99 47.86 18.25
C THR B 438 -1.44 46.56 18.83
N GLU B 439 -0.19 46.59 19.27
CA GLU B 439 0.47 45.39 19.75
C GLU B 439 0.15 45.15 21.22
N GLY B 440 0.07 43.88 21.59
CA GLY B 440 -0.20 43.49 22.95
C GLY B 440 0.72 42.36 23.36
N LYS B 441 0.43 41.71 24.49
CA LYS B 441 1.23 40.59 24.94
C LYS B 441 0.96 39.39 24.04
N ASP B 442 1.89 39.09 23.13
CA ASP B 442 1.77 37.95 22.22
C ASP B 442 0.51 38.03 21.36
N GLU B 443 0.04 39.24 21.07
CA GLU B 443 -1.18 39.42 20.30
C GLU B 443 -1.09 40.70 19.48
N TRP B 444 -1.83 40.72 18.37
CA TRP B 444 -2.04 41.92 17.57
C TRP B 444 -3.53 42.15 17.44
N GLN B 445 -3.97 43.39 17.66
CA GLN B 445 -5.33 43.79 17.36
C GLN B 445 -5.30 44.63 16.08
N ALA B 446 -5.99 44.17 15.05
CA ALA B 446 -5.93 44.79 13.73
C ALA B 446 -7.32 45.18 13.27
N VAL B 447 -7.44 46.39 12.76
CA VAL B 447 -8.66 46.87 12.11
C VAL B 447 -8.44 46.80 10.61
N ALA B 448 -9.22 45.96 9.93
CA ALA B 448 -9.01 45.76 8.50
C ALA B 448 -9.34 47.04 7.73
N PRO B 449 -8.58 47.33 6.67
CA PRO B 449 -8.91 48.51 5.85
C PRO B 449 -10.24 48.33 5.14
N SER B 450 -10.77 49.46 4.66
CA SER B 450 -12.12 49.47 4.13
C SER B 450 -12.26 48.69 2.83
N TRP B 451 -11.17 48.52 2.08
CA TRP B 451 -11.24 47.88 0.77
C TRP B 451 -11.13 46.36 0.83
N ARG B 452 -10.65 45.80 1.92
CA ARG B 452 -10.48 44.36 2.05
C ARG B 452 -11.78 43.72 2.49
N PHE B 453 -12.33 42.84 1.65
CA PHE B 453 -13.51 42.06 1.99
C PHE B 453 -13.17 40.63 2.39
N ASP B 454 -11.89 40.30 2.48
CA ASP B 454 -11.42 38.98 2.88
C ASP B 454 -10.65 39.03 4.20
N MET B 455 -11.04 39.93 5.10
CA MET B 455 -10.41 40.06 6.42
C MET B 455 -11.51 40.09 7.47
N GLU B 456 -11.99 38.92 7.87
CA GLU B 456 -13.01 38.81 8.89
C GLU B 456 -12.57 38.03 10.13
N ILE B 457 -11.68 37.05 9.98
CA ILE B 457 -11.30 36.18 11.08
C ILE B 457 -9.78 36.13 11.19
N GLU B 458 -9.32 35.38 12.19
CA GLU B 458 -7.89 35.34 12.52
C GLU B 458 -7.08 34.71 11.39
N GLU B 459 -7.60 33.64 10.79
CA GLU B 459 -6.84 32.92 9.76
C GLU B 459 -6.56 33.80 8.55
N ASP B 460 -7.42 34.78 8.26
CA ASP B 460 -7.16 35.70 7.16
C ASP B 460 -5.89 36.48 7.39
N LEU B 461 -5.65 36.92 8.63
CA LEU B 461 -4.41 37.63 8.93
C LEU B 461 -3.21 36.69 8.93
N VAL B 462 -3.43 35.41 9.23
CA VAL B 462 -2.33 34.43 9.13
C VAL B 462 -1.86 34.33 7.69
N GLU B 463 -2.79 34.26 6.75
CA GLU B 463 -2.43 34.16 5.34
C GLU B 463 -1.74 35.42 4.86
N GLU B 464 -2.22 36.59 5.29
CA GLU B 464 -1.60 37.85 4.90
C GLU B 464 -0.16 37.93 5.40
N VAL B 465 0.06 37.58 6.66
CA VAL B 465 1.42 37.54 7.19
C VAL B 465 2.27 36.56 6.40
N ALA B 466 1.72 35.37 6.12
CA ALA B 466 2.50 34.32 5.46
C ALA B 466 2.81 34.68 4.01
N ARG B 467 1.82 35.19 3.28
CA ARG B 467 2.04 35.43 1.85
C ARG B 467 2.99 36.61 1.62
N VAL B 468 2.99 37.60 2.51
CA VAL B 468 3.90 38.73 2.36
C VAL B 468 5.29 38.38 2.85
N TYR B 469 5.38 37.65 3.97
CA TYR B 469 6.66 37.14 4.44
C TYR B 469 7.31 36.25 3.37
N GLY B 470 6.49 35.48 2.65
CA GLY B 470 7.00 34.61 1.61
C GLY B 470 6.79 33.14 1.90
N TYR B 471 5.91 32.49 1.13
CA TYR B 471 5.68 31.05 1.30
C TYR B 471 6.98 30.26 1.22
N ASN B 472 7.84 30.60 0.27
CA ASN B 472 9.08 29.85 0.08
C ASN B 472 10.16 30.22 1.08
N ASN B 473 9.94 31.23 1.91
CA ASN B 473 10.83 31.51 3.03
C ASN B 473 10.49 30.68 4.26
N ILE B 474 9.37 29.96 4.24
CA ILE B 474 8.96 29.06 5.29
C ILE B 474 9.60 27.71 5.03
N PRO B 475 10.29 27.11 6.00
CA PRO B 475 11.01 25.86 5.76
C PRO B 475 10.08 24.65 5.78
N ASP B 476 10.66 23.50 5.40
CA ASP B 476 9.94 22.24 5.43
C ASP B 476 10.14 21.54 6.77
N GLU B 477 9.10 20.86 7.23
CA GLU B 477 9.20 20.08 8.46
C GLU B 477 8.27 18.88 8.31
N PRO B 478 8.73 17.67 8.64
CA PRO B 478 7.85 16.51 8.53
C PRO B 478 6.77 16.53 9.60
N VAL B 479 5.65 15.89 9.29
CA VAL B 479 4.55 15.78 10.26
C VAL B 479 4.99 14.93 11.43
N GLN B 480 4.64 15.38 12.64
CA GLN B 480 4.72 14.57 13.84
C GLN B 480 3.34 14.01 14.12
N ALA B 481 3.26 12.69 14.33
CA ALA B 481 1.98 12.05 14.55
C ALA B 481 2.21 10.69 15.20
N SER B 482 1.11 10.08 15.63
CA SER B 482 1.17 8.75 16.22
C SER B 482 1.28 7.70 15.12
N LEU B 483 2.09 6.66 15.39
CA LEU B 483 2.19 5.51 14.49
C LEU B 483 1.18 4.48 14.97
N ILE B 484 -0.07 4.64 14.53
CA ILE B 484 -1.17 3.75 14.87
C ILE B 484 -1.54 2.95 13.63
N MET B 485 -1.64 1.64 13.77
CA MET B 485 -2.02 0.79 12.66
C MET B 485 -3.49 0.97 12.31
N GLY B 486 -3.80 0.86 11.02
CA GLY B 486 -5.17 0.78 10.59
C GLY B 486 -5.75 -0.59 10.87
N THR B 487 -7.04 -0.73 10.60
CA THR B 487 -7.73 -2.00 10.81
C THR B 487 -7.70 -2.80 9.52
N HIS B 488 -7.08 -3.97 9.56
CA HIS B 488 -6.95 -4.82 8.38
C HIS B 488 -7.91 -6.00 8.45
N ARG B 489 -8.31 -6.48 7.28
CA ARG B 489 -9.20 -7.62 7.16
C ARG B 489 -8.63 -8.55 6.09
N GLU B 490 -8.13 -9.71 6.51
CA GLU B 490 -7.57 -10.66 5.56
C GLU B 490 -8.61 -11.17 4.58
N ALA B 491 -9.90 -11.10 4.95
CA ALA B 491 -10.98 -11.48 4.05
C ALA B 491 -11.24 -10.48 2.94
N ASP B 492 -10.55 -9.34 2.92
CA ASP B 492 -10.72 -8.40 1.82
C ASP B 492 -10.02 -8.90 0.56
N LEU B 493 -10.73 -8.90 -0.56
CA LEU B 493 -10.15 -9.13 -1.86
C LEU B 493 -9.93 -7.78 -2.53
N SER B 494 -8.71 -7.54 -2.98
CA SER B 494 -8.37 -6.26 -3.58
C SER B 494 -8.78 -6.22 -5.05
N LEU B 495 -9.31 -5.07 -5.47
CA LEU B 495 -9.61 -4.87 -6.88
C LEU B 495 -8.33 -4.83 -7.71
N LYS B 496 -7.25 -4.27 -7.15
CA LYS B 496 -5.97 -4.26 -7.83
C LYS B 496 -5.43 -5.66 -8.04
N ARG B 497 -5.73 -6.58 -7.12
CA ARG B 497 -5.34 -7.98 -7.30
C ARG B 497 -6.12 -8.61 -8.46
N VAL B 498 -7.39 -8.24 -8.61
CA VAL B 498 -8.19 -8.76 -9.71
C VAL B 498 -7.73 -8.17 -11.04
N LYS B 499 -7.44 -6.86 -11.08
CA LYS B 499 -6.91 -6.25 -12.30
C LYS B 499 -5.62 -6.92 -12.73
N THR B 500 -4.80 -7.33 -11.76
CA THR B 500 -3.54 -8.00 -12.08
C THR B 500 -3.79 -9.35 -12.73
N LEU B 501 -4.76 -10.11 -12.22
CA LEU B 501 -5.06 -11.41 -12.84
C LEU B 501 -5.57 -11.23 -14.26
N LEU B 502 -6.46 -10.25 -14.48
CA LEU B 502 -6.93 -9.99 -15.84
C LEU B 502 -5.79 -9.57 -16.76
N ASN B 503 -4.84 -8.77 -16.26
CA ASN B 503 -3.64 -8.48 -17.03
C ASN B 503 -2.90 -9.76 -17.37
N ASP B 504 -2.74 -10.65 -16.38
CA ASP B 504 -2.03 -11.90 -16.58
C ASP B 504 -2.84 -12.92 -17.37
N LYS B 505 -4.06 -12.58 -17.79
CA LYS B 505 -4.83 -13.41 -18.72
C LYS B 505 -4.98 -12.74 -20.08
N GLY B 506 -4.31 -11.61 -20.30
CA GLY B 506 -4.32 -10.96 -21.60
C GLY B 506 -5.32 -9.85 -21.76
N TYR B 507 -5.65 -9.12 -20.70
CA TYR B 507 -6.64 -8.05 -20.75
C TYR B 507 -5.97 -6.71 -20.51
N GLN B 508 -6.35 -5.70 -21.30
CA GLN B 508 -5.84 -4.35 -21.18
C GLN B 508 -6.90 -3.48 -20.51
N GLU B 509 -6.49 -2.73 -19.50
CA GLU B 509 -7.43 -1.84 -18.82
C GLU B 509 -7.69 -0.60 -19.67
N VAL B 510 -8.96 -0.21 -19.75
CA VAL B 510 -9.36 1.03 -20.39
C VAL B 510 -10.21 1.82 -19.40
N ILE B 511 -10.30 3.13 -19.65
CA ILE B 511 -11.15 4.02 -18.87
C ILE B 511 -11.97 4.84 -19.86
N THR B 512 -13.30 4.75 -19.75
CA THR B 512 -14.20 5.44 -20.66
C THR B 512 -15.07 6.43 -19.90
N TYR B 513 -15.70 7.34 -20.65
CA TYR B 513 -16.52 8.37 -20.04
C TYR B 513 -17.76 7.77 -19.39
N SER B 514 -18.17 8.38 -18.27
CA SER B 514 -19.32 7.89 -17.51
C SER B 514 -20.65 8.29 -18.12
N PHE B 515 -20.68 9.33 -18.94
CA PHE B 515 -21.86 9.68 -19.70
C PHE B 515 -21.65 9.23 -21.14
N VAL B 516 -22.67 8.60 -21.71
CA VAL B 516 -22.57 7.94 -22.99
C VAL B 516 -23.71 8.42 -23.89
N ASP B 517 -23.73 7.89 -25.12
CA ASP B 517 -24.74 8.20 -26.12
C ASP B 517 -25.98 7.35 -25.87
N PRO B 518 -27.11 7.96 -25.51
CA PRO B 518 -28.33 7.18 -25.28
C PRO B 518 -28.86 6.49 -26.53
N LYS B 519 -28.48 6.95 -27.72
CA LYS B 519 -28.90 6.28 -28.95
C LYS B 519 -28.32 4.87 -29.01
N VAL B 520 -27.07 4.71 -28.59
CA VAL B 520 -26.44 3.40 -28.65
C VAL B 520 -26.64 2.61 -27.36
N GLN B 521 -26.80 3.28 -26.21
CA GLN B 521 -27.09 2.55 -24.98
C GLN B 521 -28.49 1.97 -25.02
N GLN B 522 -29.43 2.69 -25.66
CA GLN B 522 -30.76 2.14 -25.87
C GLN B 522 -30.76 0.94 -26.82
N MET B 523 -29.70 0.76 -27.60
CA MET B 523 -29.58 -0.47 -28.38
C MET B 523 -29.09 -1.63 -27.51
N ILE B 524 -28.25 -1.34 -26.53
CA ILE B 524 -27.70 -2.40 -25.69
C ILE B 524 -28.65 -2.72 -24.53
N HIS B 525 -29.29 -1.69 -23.98
CA HIS B 525 -30.25 -1.84 -22.87
C HIS B 525 -31.56 -1.19 -23.29
N PRO B 526 -32.33 -1.84 -24.16
CA PRO B 526 -33.56 -1.20 -24.69
C PRO B 526 -34.65 -1.15 -23.63
N GLY B 527 -35.29 0.02 -23.52
CA GLY B 527 -36.37 0.24 -22.60
C GLY B 527 -35.97 0.75 -21.23
N VAL B 528 -34.69 0.65 -20.87
CA VAL B 528 -34.25 1.05 -19.54
C VAL B 528 -33.98 2.56 -19.56
N GLU B 529 -34.76 3.32 -18.78
CA GLU B 529 -34.57 4.75 -18.72
C GLU B 529 -33.31 5.07 -17.94
N ALA B 530 -32.47 5.92 -18.51
CA ALA B 530 -31.20 6.33 -17.91
C ALA B 530 -31.31 7.76 -17.38
N LEU B 531 -30.41 8.09 -16.46
CA LEU B 531 -30.33 9.45 -15.93
C LEU B 531 -29.67 10.36 -16.96
N LEU B 532 -30.41 11.35 -17.43
CA LEU B 532 -29.93 12.23 -18.49
C LEU B 532 -29.43 13.54 -17.91
N LEU B 533 -28.40 14.10 -18.54
CA LEU B 533 -27.94 15.43 -18.21
C LEU B 533 -28.76 16.47 -18.97
N PRO B 534 -29.38 17.44 -18.27
CA PRO B 534 -30.10 18.50 -19.00
C PRO B 534 -29.19 19.35 -19.87
N SER B 535 -27.99 19.69 -19.39
CA SER B 535 -27.03 20.49 -20.13
C SER B 535 -25.74 19.68 -20.30
N PRO B 536 -25.70 18.79 -21.29
CA PRO B 536 -24.48 18.02 -21.55
C PRO B 536 -23.54 18.74 -22.51
N ILE B 537 -22.29 18.29 -22.50
CA ILE B 537 -21.32 18.80 -23.47
C ILE B 537 -21.74 18.45 -24.89
N SER B 538 -22.44 17.34 -25.07
CA SER B 538 -23.05 16.98 -26.34
C SER B 538 -24.10 15.92 -26.07
N VAL B 539 -24.98 15.70 -27.07
CA VAL B 539 -26.01 14.68 -26.90
C VAL B 539 -25.40 13.29 -26.87
N GLU B 540 -24.26 13.10 -27.53
CA GLU B 540 -23.56 11.82 -27.48
C GLU B 540 -22.89 11.55 -26.15
N MET B 541 -22.95 12.49 -25.21
CA MET B 541 -22.41 12.31 -23.86
C MET B 541 -23.39 12.86 -22.84
N SER B 542 -24.66 12.48 -22.98
CA SER B 542 -25.73 13.05 -22.17
C SER B 542 -26.44 12.06 -21.27
N ALA B 543 -26.11 10.77 -21.34
CA ALA B 543 -26.78 9.74 -20.56
C ALA B 543 -25.78 9.06 -19.65
N MET B 544 -26.02 9.13 -18.34
CA MET B 544 -25.20 8.38 -17.40
C MET B 544 -25.33 6.89 -17.70
N ARG B 545 -24.19 6.19 -17.70
CA ARG B 545 -24.17 4.82 -18.18
C ARG B 545 -24.90 3.89 -17.21
N LEU B 546 -25.77 3.03 -17.74
CA LEU B 546 -26.41 2.01 -16.94
C LEU B 546 -25.54 0.79 -16.76
N SER B 547 -24.54 0.61 -17.63
CA SER B 547 -23.54 -0.43 -17.49
C SER B 547 -22.25 0.07 -18.11
N LEU B 548 -21.24 -0.78 -18.12
CA LEU B 548 -19.98 -0.45 -18.75
C LEU B 548 -19.90 -0.94 -20.19
N TRP B 549 -20.96 -1.55 -20.71
CA TRP B 549 -20.88 -2.17 -22.03
C TRP B 549 -20.88 -1.13 -23.14
N THR B 550 -21.61 -0.02 -22.95
CA THR B 550 -21.62 1.02 -23.97
C THR B 550 -20.22 1.60 -24.18
N GLY B 551 -19.49 1.85 -23.10
CA GLY B 551 -18.14 2.37 -23.23
C GLY B 551 -17.17 1.33 -23.78
N LEU B 552 -17.32 0.07 -23.35
CA LEU B 552 -16.40 -0.96 -23.81
C LEU B 552 -16.63 -1.30 -25.28
N LEU B 553 -17.90 -1.40 -25.69
CA LEU B 553 -18.18 -1.72 -27.09
C LEU B 553 -17.84 -0.56 -28.02
N ALA B 554 -17.90 0.68 -27.54
CA ALA B 554 -17.42 1.79 -28.37
C ALA B 554 -15.91 1.76 -28.49
N THR B 555 -15.23 1.18 -27.50
CA THR B 555 -13.77 1.14 -27.52
C THR B 555 -13.27 0.11 -28.51
N VAL B 556 -13.93 -1.04 -28.63
CA VAL B 556 -13.47 -2.06 -29.58
C VAL B 556 -13.75 -1.60 -31.01
N VAL B 557 -14.90 -0.96 -31.25
CA VAL B 557 -15.18 -0.39 -32.57
C VAL B 557 -14.13 0.66 -32.93
N TYR B 558 -13.76 1.50 -31.95
CA TYR B 558 -12.72 2.51 -32.18
C TYR B 558 -11.41 1.86 -32.61
N ASN B 559 -10.99 0.81 -31.90
CA ASN B 559 -9.73 0.14 -32.23
C ASN B 559 -9.83 -0.66 -33.52
N GLN B 560 -11.00 -1.27 -33.77
CA GLN B 560 -11.18 -2.02 -35.01
C GLN B 560 -11.20 -1.11 -36.22
N ASN B 561 -11.66 0.14 -36.06
CA ASN B 561 -11.55 1.11 -37.14
C ASN B 561 -10.12 1.55 -37.39
N ARG B 562 -9.17 1.10 -36.59
CA ARG B 562 -7.76 1.43 -36.74
C ARG B 562 -6.92 0.17 -36.89
N GLN B 563 -7.44 -0.79 -37.66
CA GLN B 563 -6.70 -1.99 -38.09
C GLN B 563 -6.33 -2.92 -36.94
N GLN B 564 -7.18 -3.02 -35.92
CA GLN B 564 -6.94 -3.91 -34.78
C GLN B 564 -8.23 -4.68 -34.50
N ASN B 565 -8.31 -5.90 -35.03
CA ASN B 565 -9.53 -6.68 -34.84
C ASN B 565 -9.57 -7.33 -33.47
N ARG B 566 -8.42 -7.75 -32.94
CA ARG B 566 -8.33 -8.47 -31.67
C ARG B 566 -8.15 -7.48 -30.53
N VAL B 567 -9.20 -7.31 -29.72
CA VAL B 567 -9.15 -6.42 -28.56
C VAL B 567 -9.73 -7.18 -27.37
N ARG B 568 -9.01 -7.15 -26.25
CA ARG B 568 -9.39 -7.81 -25.01
C ARG B 568 -9.15 -6.80 -23.89
N ILE B 569 -10.22 -6.17 -23.42
CA ILE B 569 -10.12 -5.05 -22.49
C ILE B 569 -11.08 -5.23 -21.33
N PHE B 570 -10.80 -4.52 -20.24
CA PHE B 570 -11.67 -4.48 -19.08
C PHE B 570 -11.70 -3.07 -18.51
N GLU B 571 -12.64 -2.83 -17.61
CA GLU B 571 -12.77 -1.53 -16.97
C GLU B 571 -13.49 -1.70 -15.64
N SER B 572 -13.07 -0.91 -14.64
CA SER B 572 -13.78 -0.79 -13.38
C SER B 572 -14.32 0.62 -13.26
N GLY B 573 -15.53 0.75 -12.73
CA GLY B 573 -16.17 2.04 -12.65
C GLY B 573 -17.61 1.91 -12.25
N LEU B 574 -18.20 3.05 -11.91
CA LEU B 574 -19.57 3.08 -11.43
C LEU B 574 -20.57 3.03 -12.58
N ARG B 575 -21.70 2.39 -12.32
CA ARG B 575 -22.90 2.51 -13.14
C ARG B 575 -23.91 3.35 -12.39
N PHE B 576 -24.85 3.92 -13.13
CA PHE B 576 -25.83 4.87 -12.58
C PHE B 576 -27.21 4.40 -13.03
N VAL B 577 -27.93 3.77 -12.11
CA VAL B 577 -29.24 3.16 -12.35
C VAL B 577 -30.27 3.88 -11.50
N PRO B 578 -31.28 4.52 -12.09
CA PRO B 578 -32.28 5.24 -11.29
C PRO B 578 -32.98 4.32 -10.30
N ASP B 579 -33.00 4.74 -9.03
CA ASP B 579 -33.48 3.91 -7.93
C ASP B 579 -34.07 4.82 -6.87
N THR B 580 -35.39 4.75 -6.68
CA THR B 580 -36.05 5.61 -5.70
C THR B 580 -35.64 5.30 -4.27
N GLN B 581 -35.13 4.09 -4.01
CA GLN B 581 -34.71 3.71 -2.66
C GLN B 581 -33.26 4.03 -2.37
N ALA B 582 -32.52 4.57 -3.33
CA ALA B 582 -31.11 4.89 -3.19
C ALA B 582 -30.93 6.35 -2.83
N PRO B 583 -29.80 6.71 -2.22
CA PRO B 583 -29.51 8.14 -1.97
C PRO B 583 -29.51 8.92 -3.28
N LEU B 584 -30.14 10.10 -3.24
CA LEU B 584 -30.32 10.99 -4.39
C LEU B 584 -31.09 10.33 -5.53
N GLY B 585 -31.82 9.25 -5.25
CA GLY B 585 -32.65 8.62 -6.26
C GLY B 585 -31.89 7.94 -7.37
N ILE B 586 -30.60 7.68 -7.19
CA ILE B 586 -29.78 7.04 -8.21
C ILE B 586 -28.78 6.12 -7.54
N ARG B 587 -28.81 4.84 -7.89
CA ARG B 587 -27.92 3.86 -7.29
C ARG B 587 -26.64 3.78 -8.09
N GLN B 588 -25.50 3.90 -7.40
CA GLN B 588 -24.19 3.96 -8.03
C GLN B 588 -23.38 2.76 -7.54
N ASP B 589 -23.34 1.71 -8.35
CA ASP B 589 -22.65 0.48 -8.00
C ASP B 589 -21.33 0.38 -8.77
N LEU B 590 -20.28 -0.04 -8.07
CA LEU B 590 -18.99 -0.24 -8.71
C LEU B 590 -19.00 -1.55 -9.47
N MET B 591 -18.71 -1.49 -10.76
CA MET B 591 -18.79 -2.63 -11.65
C MET B 591 -17.40 -2.98 -12.18
N LEU B 592 -17.23 -4.25 -12.54
CA LEU B 592 -16.07 -4.75 -13.26
C LEU B 592 -16.57 -5.44 -14.52
N ALA B 593 -16.20 -4.90 -15.68
CA ALA B 593 -16.70 -5.40 -16.95
C ALA B 593 -15.56 -5.50 -17.94
N GLY B 594 -15.78 -6.27 -19.00
CA GLY B 594 -14.76 -6.45 -20.02
C GLY B 594 -15.35 -7.08 -21.26
N VAL B 595 -14.51 -7.21 -22.28
CA VAL B 595 -14.94 -7.72 -23.57
C VAL B 595 -13.73 -8.31 -24.30
N ILE B 596 -13.95 -9.43 -24.99
CA ILE B 596 -12.92 -10.01 -25.84
C ILE B 596 -13.52 -10.28 -27.22
N CYS B 597 -12.66 -10.26 -28.24
CA CYS B 597 -13.04 -10.61 -29.59
C CYS B 597 -11.79 -10.95 -30.38
N GLY B 598 -12.00 -11.43 -31.60
CA GLY B 598 -10.92 -11.85 -32.44
C GLY B 598 -10.41 -13.23 -32.06
N ASN B 599 -9.22 -13.55 -32.59
CA ASN B 599 -8.63 -14.85 -32.34
C ASN B 599 -8.17 -14.96 -30.88
N ARG B 600 -8.05 -16.20 -30.41
CA ARG B 600 -7.61 -16.44 -29.04
C ARG B 600 -6.21 -15.87 -28.82
N TYR B 601 -5.30 -16.11 -29.75
CA TYR B 601 -3.94 -15.61 -29.67
C TYR B 601 -3.61 -14.77 -30.90
N GLU B 602 -2.56 -13.98 -30.79
CA GLU B 602 -1.97 -13.39 -31.98
C GLU B 602 -1.37 -14.50 -32.85
N GLU B 603 -1.04 -14.14 -34.09
CA GLU B 603 -0.44 -15.11 -34.99
C GLU B 603 0.83 -15.69 -34.37
N HIS B 604 0.95 -17.02 -34.44
CA HIS B 604 1.98 -17.74 -33.71
C HIS B 604 2.37 -18.97 -34.51
N TRP B 605 3.67 -19.31 -34.46
CA TRP B 605 4.18 -20.43 -35.25
C TRP B 605 3.65 -21.78 -34.77
N ASN B 606 3.20 -21.88 -33.52
CA ASN B 606 2.76 -23.14 -32.96
C ASN B 606 1.31 -23.14 -32.50
N LEU B 607 0.63 -21.99 -32.56
CA LEU B 607 -0.78 -21.89 -32.20
C LEU B 607 -1.59 -21.55 -33.45
N ALA B 608 -2.71 -22.25 -33.62
CA ALA B 608 -3.55 -22.07 -34.80
C ALA B 608 -4.59 -20.97 -34.58
N LYS B 609 -4.92 -20.27 -35.67
CA LYS B 609 -5.94 -19.22 -35.61
C LYS B 609 -7.30 -19.82 -35.27
N GLU B 610 -7.86 -19.40 -34.14
CA GLU B 610 -9.18 -19.83 -33.69
C GLU B 610 -9.88 -18.66 -33.03
N THR B 611 -11.16 -18.46 -33.38
CA THR B 611 -11.92 -17.35 -32.83
C THR B 611 -12.31 -17.64 -31.39
N VAL B 612 -12.32 -16.57 -30.57
CA VAL B 612 -12.68 -16.71 -29.16
C VAL B 612 -14.14 -17.15 -29.05
N ASP B 613 -14.43 -17.98 -28.04
CA ASP B 613 -15.81 -18.44 -27.83
C ASP B 613 -16.20 -18.26 -26.35
N PHE B 614 -17.40 -18.76 -26.03
CA PHE B 614 -17.99 -18.52 -24.72
C PHE B 614 -17.14 -19.10 -23.59
N TYR B 615 -16.56 -20.28 -23.81
CA TYR B 615 -15.80 -20.93 -22.75
C TYR B 615 -14.41 -20.31 -22.54
N ASP B 616 -13.96 -19.48 -23.48
CA ASP B 616 -12.73 -18.72 -23.25
C ASP B 616 -12.96 -17.62 -22.23
N LEU B 617 -14.02 -16.83 -22.42
CA LEU B 617 -14.35 -15.77 -21.45
C LEU B 617 -14.79 -16.36 -20.13
N LYS B 618 -15.55 -17.46 -20.16
CA LYS B 618 -15.99 -18.09 -18.91
C LYS B 618 -14.79 -18.60 -18.12
N GLY B 619 -13.79 -19.15 -18.81
CA GLY B 619 -12.58 -19.56 -18.13
C GLY B 619 -11.88 -18.42 -17.42
N ASP B 620 -11.80 -17.26 -18.07
CA ASP B 620 -11.21 -16.09 -17.43
C ASP B 620 -12.07 -15.65 -16.24
N LEU B 621 -13.39 -15.73 -16.37
CA LEU B 621 -14.25 -15.34 -15.26
C LEU B 621 -14.11 -16.29 -14.08
N GLU B 622 -13.94 -17.59 -14.35
CA GLU B 622 -13.74 -18.53 -13.24
C GLU B 622 -12.41 -18.29 -12.55
N SER B 623 -11.40 -17.80 -13.28
CA SER B 623 -10.14 -17.44 -12.64
C SER B 623 -10.32 -16.25 -11.70
N VAL B 624 -11.14 -15.28 -12.09
CA VAL B 624 -11.44 -14.15 -11.22
C VAL B 624 -12.20 -14.61 -9.98
N LEU B 625 -13.28 -15.38 -10.19
CA LEU B 625 -14.11 -15.82 -9.08
C LEU B 625 -13.35 -16.75 -8.14
N ASP B 626 -12.35 -17.48 -8.65
CA ASP B 626 -11.59 -18.39 -7.81
C ASP B 626 -10.74 -17.64 -6.79
N LEU B 627 -10.46 -16.36 -7.02
CA LEU B 627 -9.75 -15.55 -6.04
C LEU B 627 -10.55 -15.38 -4.75
N THR B 628 -11.88 -15.47 -4.81
CA THR B 628 -12.70 -15.39 -3.61
C THR B 628 -12.70 -16.69 -2.82
N GLY B 629 -12.26 -17.79 -3.42
CA GLY B 629 -12.37 -19.09 -2.79
C GLY B 629 -13.76 -19.64 -2.69
N LYS B 630 -14.71 -19.07 -3.44
CA LYS B 630 -16.12 -19.46 -3.38
C LYS B 630 -16.62 -19.98 -4.72
N LEU B 631 -15.70 -20.41 -5.59
CA LEU B 631 -16.09 -20.87 -6.92
C LEU B 631 -17.05 -22.06 -6.86
N ASN B 632 -16.98 -22.85 -5.79
CA ASN B 632 -17.91 -23.96 -5.63
C ASN B 632 -19.35 -23.49 -5.55
N GLU B 633 -19.58 -22.27 -5.07
CA GLU B 633 -20.93 -21.75 -4.88
C GLU B 633 -21.35 -20.80 -5.99
N VAL B 634 -20.74 -20.90 -7.17
CA VAL B 634 -21.07 -20.06 -8.33
C VAL B 634 -21.85 -20.90 -9.34
N GLU B 635 -22.86 -20.30 -9.95
CA GLU B 635 -23.69 -20.95 -10.95
C GLU B 635 -23.80 -20.09 -12.19
N PHE B 636 -23.65 -20.72 -13.36
CA PHE B 636 -23.88 -20.07 -14.64
C PHE B 636 -25.20 -20.62 -15.19
N ARG B 637 -26.28 -19.86 -15.03
CA ARG B 637 -27.59 -20.27 -15.52
C ARG B 637 -27.89 -19.51 -16.81
N ALA B 638 -28.40 -20.24 -17.81
CA ALA B 638 -28.85 -19.58 -19.03
C ALA B 638 -30.00 -18.64 -18.71
N GLU B 639 -29.91 -17.41 -19.19
CA GLU B 639 -30.90 -16.40 -18.85
C GLU B 639 -30.96 -15.37 -19.97
N ALA B 640 -32.15 -14.84 -20.19
CA ALA B 640 -32.38 -13.94 -21.31
C ALA B 640 -31.77 -12.57 -21.05
N ASN B 641 -31.22 -11.97 -22.10
CA ASN B 641 -30.67 -10.63 -22.07
C ASN B 641 -30.73 -10.07 -23.49
N PRO B 642 -31.37 -8.91 -23.69
CA PRO B 642 -31.58 -8.41 -25.07
C PRO B 642 -30.29 -8.17 -25.83
N ALA B 643 -29.17 -7.94 -25.14
CA ALA B 643 -27.92 -7.66 -25.82
C ALA B 643 -27.15 -8.92 -26.20
N LEU B 644 -27.59 -10.09 -25.75
CA LEU B 644 -26.78 -11.30 -25.83
C LEU B 644 -27.47 -12.38 -26.65
N HIS B 645 -26.63 -13.26 -27.21
CA HIS B 645 -27.09 -14.45 -27.90
C HIS B 645 -27.91 -15.30 -26.94
N PRO B 646 -29.19 -15.58 -27.24
CA PRO B 646 -30.04 -16.30 -26.28
C PRO B 646 -29.54 -17.71 -25.98
N GLY B 647 -28.83 -18.33 -26.91
CA GLY B 647 -28.27 -19.65 -26.67
C GLY B 647 -26.87 -19.66 -26.14
N GLN B 648 -26.22 -18.50 -26.03
CA GLN B 648 -24.86 -18.40 -25.51
C GLN B 648 -24.76 -17.20 -24.57
N SER B 649 -25.65 -17.16 -23.58
CA SER B 649 -25.64 -16.13 -22.56
C SER B 649 -26.00 -16.76 -21.23
N ALA B 650 -25.43 -16.23 -20.15
CA ALA B 650 -25.64 -16.78 -18.83
C ALA B 650 -25.63 -15.68 -17.78
N ALA B 651 -26.53 -15.81 -16.81
CA ALA B 651 -26.46 -15.01 -15.60
C ALA B 651 -25.55 -15.70 -14.59
N ILE B 652 -24.73 -14.91 -13.90
CA ILE B 652 -23.79 -15.42 -12.91
C ILE B 652 -24.39 -15.27 -11.53
N TYR B 653 -24.47 -16.37 -10.79
CA TYR B 653 -25.05 -16.39 -9.45
C TYR B 653 -24.00 -16.81 -8.43
N LEU B 654 -23.98 -16.13 -7.30
CA LEU B 654 -23.12 -16.47 -6.17
C LEU B 654 -23.98 -16.57 -4.92
N LYS B 655 -24.09 -17.78 -4.38
CA LYS B 655 -24.91 -18.05 -3.19
C LYS B 655 -26.33 -17.56 -3.37
N GLY B 656 -26.90 -17.85 -4.55
CA GLY B 656 -28.27 -17.49 -4.83
C GLY B 656 -28.53 -16.02 -5.08
N GLU B 657 -27.50 -15.26 -5.47
CA GLU B 657 -27.66 -13.85 -5.81
C GLU B 657 -27.04 -13.62 -7.18
N ARG B 658 -27.78 -12.95 -8.06
CA ARG B 658 -27.25 -12.64 -9.38
C ARG B 658 -26.23 -11.54 -9.28
N ILE B 659 -24.98 -11.84 -9.63
CA ILE B 659 -23.88 -10.89 -9.50
C ILE B 659 -23.37 -10.38 -10.83
N GLY B 660 -23.84 -10.91 -11.96
CA GLY B 660 -23.38 -10.40 -13.23
C GLY B 660 -23.89 -11.23 -14.39
N PHE B 661 -23.43 -10.86 -15.59
CA PHE B 661 -23.83 -11.48 -16.84
C PHE B 661 -22.59 -11.73 -17.69
N VAL B 662 -22.76 -12.60 -18.68
CA VAL B 662 -21.69 -12.94 -19.62
C VAL B 662 -22.33 -13.66 -20.81
N GLY B 663 -21.83 -13.36 -22.00
CA GLY B 663 -22.32 -14.05 -23.18
C GLY B 663 -21.83 -13.38 -24.45
N VAL B 664 -22.13 -14.05 -25.56
CA VAL B 664 -21.83 -13.52 -26.87
C VAL B 664 -22.81 -12.40 -27.20
N VAL B 665 -22.29 -11.31 -27.78
CA VAL B 665 -23.15 -10.21 -28.20
C VAL B 665 -24.10 -10.71 -29.28
N HIS B 666 -25.39 -10.40 -29.11
CA HIS B 666 -26.41 -10.85 -30.05
C HIS B 666 -26.05 -10.42 -31.48
N PRO B 667 -26.19 -11.31 -32.46
CA PRO B 667 -25.70 -11.00 -33.81
C PRO B 667 -26.35 -9.77 -34.43
N GLU B 668 -27.60 -9.46 -34.09
CA GLU B 668 -28.21 -8.24 -34.62
C GLU B 668 -27.64 -7.01 -33.93
N LEU B 669 -27.38 -7.10 -32.62
CA LEU B 669 -26.67 -6.03 -31.94
C LEU B 669 -25.25 -5.90 -32.48
N GLU B 670 -24.63 -7.04 -32.80
CA GLU B 670 -23.32 -7.00 -33.46
C GLU B 670 -23.40 -6.25 -34.79
N ARG B 671 -24.51 -6.41 -35.52
CA ARG B 671 -24.67 -5.72 -36.80
C ARG B 671 -24.85 -4.22 -36.59
N LYS B 672 -25.73 -3.82 -35.68
CA LYS B 672 -26.04 -2.41 -35.49
C LYS B 672 -24.85 -1.62 -35.00
N LEU B 673 -23.98 -2.24 -34.20
CA LEU B 673 -22.81 -1.58 -33.65
C LEU B 673 -21.61 -1.64 -34.60
N ASP B 674 -21.76 -2.28 -35.77
CA ASP B 674 -20.69 -2.44 -36.74
C ASP B 674 -19.47 -3.12 -36.10
N LEU B 675 -19.74 -4.21 -35.38
CA LEU B 675 -18.67 -5.03 -34.83
C LEU B 675 -18.14 -5.97 -35.92
N ASN B 676 -16.81 -6.15 -35.93
CA ASN B 676 -16.20 -6.94 -37.00
C ASN B 676 -16.64 -8.41 -36.96
N GLY B 677 -16.88 -8.97 -35.77
CA GLY B 677 -17.24 -10.38 -35.66
C GLY B 677 -17.81 -10.78 -34.30
N ARG B 678 -17.67 -12.05 -33.93
CA ARG B 678 -18.16 -12.52 -32.65
C ARG B 678 -17.51 -11.77 -31.51
N THR B 679 -18.34 -11.23 -30.60
CA THR B 679 -17.87 -10.38 -29.51
C THR B 679 -18.51 -10.85 -28.22
N LEU B 680 -17.71 -10.94 -27.15
CA LEU B 680 -18.17 -11.48 -25.88
C LEU B 680 -17.93 -10.47 -24.76
N VAL B 681 -18.97 -10.20 -23.97
CA VAL B 681 -18.91 -9.21 -22.92
C VAL B 681 -19.28 -9.86 -21.59
N PHE B 682 -18.85 -9.21 -20.51
CA PHE B 682 -19.26 -9.60 -19.16
C PHE B 682 -19.35 -8.34 -18.31
N GLU B 683 -19.94 -8.50 -17.12
CA GLU B 683 -20.01 -7.43 -16.15
C GLU B 683 -20.33 -8.05 -14.80
N LEU B 684 -19.65 -7.58 -13.75
CA LEU B 684 -19.82 -8.12 -12.41
C LEU B 684 -20.03 -6.97 -11.43
N GLU B 685 -20.92 -7.18 -10.46
CA GLU B 685 -21.07 -6.26 -9.34
C GLU B 685 -19.90 -6.48 -8.40
N TRP B 686 -19.03 -5.48 -8.27
CA TRP B 686 -17.75 -5.70 -7.60
C TRP B 686 -17.92 -6.06 -6.13
N ASN B 687 -18.79 -5.34 -5.42
CA ASN B 687 -18.89 -5.52 -3.97
C ASN B 687 -19.36 -6.92 -3.58
N LYS B 688 -20.02 -7.63 -4.50
CA LYS B 688 -20.47 -8.98 -4.25
C LYS B 688 -19.33 -10.01 -4.29
N LEU B 689 -18.16 -9.64 -4.83
CA LEU B 689 -17.01 -10.54 -4.80
C LEU B 689 -15.77 -9.86 -4.25
N ALA B 690 -15.94 -8.77 -3.51
CA ALA B 690 -14.82 -8.14 -2.81
C ALA B 690 -14.48 -8.84 -1.50
N ASP B 691 -15.11 -9.99 -1.23
CA ASP B 691 -14.88 -10.76 -0.02
C ASP B 691 -14.37 -12.14 -0.39
N ARG B 692 -13.40 -12.65 0.38
CA ARG B 692 -12.79 -13.93 0.08
C ARG B 692 -12.71 -14.78 1.35
N VAL B 693 -12.49 -16.08 1.15
CA VAL B 693 -12.43 -17.03 2.25
C VAL B 693 -11.02 -17.06 2.81
N VAL B 694 -10.91 -16.92 4.13
CA VAL B 694 -9.62 -17.07 4.79
C VAL B 694 -9.34 -18.56 5.01
N PRO B 695 -8.16 -19.06 4.61
CA PRO B 695 -7.91 -20.50 4.68
C PRO B 695 -7.95 -21.05 6.10
N GLN B 696 -8.36 -22.31 6.21
CA GLN B 696 -8.40 -23.04 7.47
C GLN B 696 -7.90 -24.45 7.21
N ALA B 697 -6.78 -24.80 7.85
CA ALA B 697 -6.07 -26.04 7.51
C ALA B 697 -6.91 -27.26 7.87
N ARG B 698 -7.15 -28.12 6.88
CA ARG B 698 -7.87 -29.37 7.07
C ARG B 698 -6.91 -30.54 6.96
N GLU B 699 -7.23 -31.63 7.67
CA GLU B 699 -6.37 -32.80 7.68
C GLU B 699 -6.35 -33.47 6.31
N ILE B 700 -5.18 -33.96 5.91
CA ILE B 700 -4.98 -34.65 4.64
C ILE B 700 -4.77 -36.13 4.91
N SER B 701 -5.45 -36.97 4.14
CA SER B 701 -5.33 -38.41 4.31
C SER B 701 -3.96 -38.90 3.84
N ARG B 702 -3.31 -39.71 4.67
CA ARG B 702 -2.06 -40.35 4.32
C ARG B 702 -2.25 -41.66 3.56
N PHE B 703 -3.50 -42.06 3.32
CA PHE B 703 -3.91 -43.27 2.62
C PHE B 703 -4.24 -42.98 1.17
N PRO B 704 -3.98 -43.92 0.26
CA PRO B 704 -4.17 -43.65 -1.17
C PRO B 704 -5.63 -43.45 -1.53
N ALA B 705 -5.84 -42.91 -2.72
CA ALA B 705 -7.16 -42.66 -3.27
C ALA B 705 -7.39 -43.54 -4.50
N ASN B 706 -8.65 -43.65 -4.89
CA ASN B 706 -9.04 -44.50 -6.01
C ASN B 706 -9.90 -43.69 -6.98
N ARG B 707 -9.75 -44.00 -8.27
CA ARG B 707 -10.49 -43.33 -9.33
C ARG B 707 -11.39 -44.33 -10.05
N ARG B 708 -12.64 -43.94 -10.29
CA ARG B 708 -13.59 -44.74 -11.05
C ARG B 708 -14.29 -43.82 -12.05
N ASP B 709 -14.20 -44.16 -13.33
CA ASP B 709 -14.83 -43.37 -14.39
C ASP B 709 -16.20 -43.94 -14.71
N ILE B 710 -17.16 -43.06 -14.97
CA ILE B 710 -18.51 -43.46 -15.37
C ILE B 710 -18.92 -42.66 -16.59
N ALA B 711 -19.76 -43.26 -17.42
CA ALA B 711 -20.30 -42.63 -18.62
C ALA B 711 -21.81 -42.61 -18.48
N VAL B 712 -22.37 -41.42 -18.30
CA VAL B 712 -23.80 -41.24 -18.06
C VAL B 712 -24.42 -40.54 -19.26
N VAL B 713 -25.51 -41.11 -19.76
CA VAL B 713 -26.25 -40.54 -20.88
C VAL B 713 -27.50 -39.88 -20.34
N VAL B 714 -27.65 -38.58 -20.59
CA VAL B 714 -28.76 -37.79 -20.09
C VAL B 714 -29.34 -36.97 -21.23
N ALA B 715 -30.39 -36.22 -20.92
CA ALA B 715 -31.03 -35.37 -21.91
C ALA B 715 -30.14 -34.19 -22.28
N GLU B 716 -30.29 -33.74 -23.53
CA GLU B 716 -29.42 -32.71 -24.07
C GLU B 716 -29.58 -31.38 -23.33
N ASN B 717 -30.76 -31.13 -22.76
CA ASN B 717 -31.03 -29.88 -22.07
C ASN B 717 -30.75 -29.95 -20.57
N VAL B 718 -30.05 -30.98 -20.11
CA VAL B 718 -29.68 -31.11 -18.70
C VAL B 718 -28.33 -30.46 -18.50
N PRO B 719 -28.20 -29.46 -17.62
CA PRO B 719 -26.89 -28.82 -17.41
C PRO B 719 -25.94 -29.79 -16.73
N ALA B 720 -24.75 -29.94 -17.33
CA ALA B 720 -23.77 -30.88 -16.82
C ALA B 720 -23.31 -30.54 -15.40
N ALA B 721 -23.29 -29.26 -15.04
CA ALA B 721 -22.84 -28.87 -13.71
C ALA B 721 -23.76 -29.40 -12.62
N ASP B 722 -25.07 -29.47 -12.89
CA ASP B 722 -25.99 -30.04 -11.91
C ASP B 722 -25.71 -31.51 -11.69
N ILE B 723 -25.34 -32.24 -12.74
CA ILE B 723 -24.96 -33.64 -12.60
C ILE B 723 -23.68 -33.77 -11.77
N LEU B 724 -22.68 -32.94 -12.07
CA LEU B 724 -21.45 -32.95 -11.28
C LEU B 724 -21.75 -32.55 -9.84
N SER B 725 -22.63 -31.57 -9.63
CA SER B 725 -22.95 -31.14 -8.28
C SER B 725 -23.73 -32.22 -7.53
N GLU B 726 -24.48 -33.05 -8.24
CA GLU B 726 -25.21 -34.13 -7.59
C GLU B 726 -24.26 -35.24 -7.13
N CYS B 727 -23.27 -35.58 -7.96
CA CYS B 727 -22.29 -36.58 -7.57
C CYS B 727 -21.49 -36.13 -6.35
N LYS B 728 -21.19 -34.84 -6.26
CA LYS B 728 -20.42 -34.33 -5.12
C LYS B 728 -21.27 -34.21 -3.86
N LYS B 729 -22.56 -33.91 -4.01
CA LYS B 729 -23.43 -33.74 -2.85
C LYS B 729 -23.96 -35.07 -2.35
N VAL B 730 -24.48 -35.91 -3.24
CA VAL B 730 -25.04 -37.19 -2.82
C VAL B 730 -23.96 -38.10 -2.28
N GLY B 731 -22.73 -37.97 -2.78
CA GLY B 731 -21.64 -38.77 -2.26
C GLY B 731 -21.20 -38.30 -0.88
N VAL B 732 -20.87 -39.26 -0.03
CA VAL B 732 -20.48 -38.96 1.35
C VAL B 732 -19.05 -38.44 1.37
N ASN B 733 -18.42 -38.48 2.55
CA ASN B 733 -17.05 -38.02 2.70
C ASN B 733 -16.04 -38.92 2.01
N GLN B 734 -16.47 -40.01 1.36
CA GLN B 734 -15.54 -40.89 0.66
C GLN B 734 -15.08 -40.27 -0.65
N VAL B 735 -16.02 -39.82 -1.48
CA VAL B 735 -15.67 -39.19 -2.75
C VAL B 735 -15.22 -37.76 -2.49
N VAL B 736 -14.00 -37.44 -2.90
CA VAL B 736 -13.41 -36.13 -2.66
C VAL B 736 -13.24 -35.31 -3.94
N GLY B 737 -13.38 -35.92 -5.11
CA GLY B 737 -13.22 -35.19 -6.36
C GLY B 737 -14.14 -35.68 -7.46
N VAL B 738 -14.80 -34.74 -8.13
CA VAL B 738 -15.67 -35.04 -9.26
C VAL B 738 -15.27 -34.13 -10.42
N ASN B 739 -14.96 -34.73 -11.57
CA ASN B 739 -14.46 -33.98 -12.71
C ASN B 739 -15.05 -34.54 -14.00
N LEU B 740 -15.42 -33.63 -14.90
CA LEU B 740 -15.93 -33.98 -16.23
C LEU B 740 -14.80 -33.85 -17.24
N PHE B 741 -14.62 -34.89 -18.06
CA PHE B 741 -13.52 -34.90 -19.02
C PHE B 741 -13.95 -35.21 -20.45
N ASP B 742 -15.24 -35.42 -20.71
CA ASP B 742 -15.70 -35.61 -22.07
C ASP B 742 -17.21 -35.40 -22.14
N VAL B 743 -17.66 -34.89 -23.29
CA VAL B 743 -19.08 -34.67 -23.56
C VAL B 743 -19.33 -35.12 -24.99
N TYR B 744 -20.03 -36.25 -25.15
CA TYR B 744 -20.24 -36.86 -26.46
C TYR B 744 -21.71 -36.88 -26.82
N ARG B 745 -21.99 -36.64 -28.10
CA ARG B 745 -23.34 -36.81 -28.65
C ARG B 745 -23.19 -37.02 -30.15
N GLY B 746 -23.70 -38.15 -30.64
CA GLY B 746 -23.61 -38.47 -32.05
C GLY B 746 -23.85 -39.93 -32.36
N LYS B 747 -23.01 -40.52 -33.20
CA LYS B 747 -23.14 -41.93 -33.58
C LYS B 747 -22.88 -42.81 -32.36
N GLY B 748 -23.94 -43.27 -31.72
CA GLY B 748 -23.83 -44.07 -30.52
C GLY B 748 -24.79 -43.65 -29.43
N VAL B 749 -25.18 -42.38 -29.45
CA VAL B 749 -26.12 -41.81 -28.50
C VAL B 749 -27.32 -41.29 -29.27
N ALA B 750 -28.50 -41.43 -28.66
CA ALA B 750 -29.74 -41.01 -29.32
C ALA B 750 -29.75 -39.49 -29.54
N GLU B 751 -30.58 -39.07 -30.49
CA GLU B 751 -30.73 -37.65 -30.77
C GLU B 751 -31.36 -36.95 -29.57
N GLY B 752 -30.88 -35.74 -29.28
CA GLY B 752 -31.35 -35.03 -28.11
C GLY B 752 -30.82 -35.58 -26.80
N TYR B 753 -29.77 -36.39 -26.84
CA TYR B 753 -29.16 -36.95 -25.65
C TYR B 753 -27.65 -36.84 -25.77
N LYS B 754 -26.98 -36.85 -24.61
CA LYS B 754 -25.53 -36.68 -24.55
C LYS B 754 -24.95 -37.61 -23.50
N SER B 755 -23.73 -38.06 -23.73
CA SER B 755 -22.99 -38.88 -22.78
C SER B 755 -21.93 -38.03 -22.09
N LEU B 756 -21.95 -38.03 -20.76
CA LEU B 756 -21.01 -37.27 -19.95
C LEU B 756 -20.08 -38.24 -19.23
N ALA B 757 -18.79 -38.18 -19.57
CA ALA B 757 -17.77 -39.01 -18.95
C ALA B 757 -17.24 -38.31 -17.70
N ILE B 758 -17.50 -38.90 -16.53
CA ILE B 758 -17.17 -38.29 -15.25
C ILE B 758 -16.22 -39.20 -14.49
N SER B 759 -15.20 -38.61 -13.88
CA SER B 759 -14.24 -39.33 -13.05
C SER B 759 -14.52 -39.03 -11.59
N LEU B 760 -14.66 -40.08 -10.78
CA LEU B 760 -14.94 -39.96 -9.35
C LEU B 760 -13.74 -40.45 -8.58
N ILE B 761 -13.20 -39.60 -7.71
CA ILE B 761 -12.04 -39.91 -6.88
C ILE B 761 -12.51 -40.13 -5.46
N LEU B 762 -12.15 -41.27 -4.87
CA LEU B 762 -12.61 -41.67 -3.56
C LEU B 762 -11.41 -41.89 -2.64
N GLN B 763 -11.57 -41.54 -1.37
CA GLN B 763 -10.51 -41.62 -0.39
C GLN B 763 -11.10 -41.42 1.00
N ASP B 764 -10.44 -42.02 2.00
CA ASP B 764 -10.83 -41.86 3.39
C ASP B 764 -9.63 -41.39 4.21
N THR B 765 -9.90 -40.64 5.27
CA THR B 765 -8.83 -40.03 6.06
C THR B 765 -8.22 -41.00 7.07
N SER B 766 -8.92 -42.08 7.43
CA SER B 766 -8.46 -42.97 8.49
C SER B 766 -8.02 -44.34 7.99
N ARG B 767 -8.51 -44.80 6.85
CA ARG B 767 -8.22 -46.14 6.37
C ARG B 767 -8.05 -46.12 4.86
N THR B 768 -7.81 -47.29 4.29
CA THR B 768 -7.77 -47.49 2.86
C THR B 768 -9.03 -48.22 2.41
N LEU B 769 -9.41 -47.99 1.16
CA LEU B 769 -10.63 -48.55 0.60
C LEU B 769 -10.32 -49.75 -0.30
N GLU B 770 -11.32 -50.62 -0.45
CA GLU B 770 -11.23 -51.79 -1.31
C GLU B 770 -12.40 -51.80 -2.28
N GLU B 771 -12.35 -52.75 -3.22
CA GLU B 771 -13.27 -52.74 -4.35
C GLU B 771 -14.73 -52.88 -3.92
N GLU B 772 -14.98 -53.51 -2.77
CA GLU B 772 -16.36 -53.71 -2.33
C GLU B 772 -17.04 -52.37 -2.04
N GLU B 773 -16.48 -51.60 -1.11
CA GLU B 773 -17.08 -50.32 -0.75
C GLU B 773 -16.95 -49.30 -1.87
N ILE B 774 -15.90 -49.40 -2.69
CA ILE B 774 -15.71 -48.46 -3.79
C ILE B 774 -16.83 -48.61 -4.81
N ALA B 775 -16.96 -49.81 -5.40
CA ALA B 775 -17.97 -50.01 -6.43
C ALA B 775 -19.38 -49.80 -5.91
N ALA B 776 -19.60 -49.97 -4.60
CA ALA B 776 -20.91 -49.72 -4.02
C ALA B 776 -21.24 -48.23 -3.96
N THR B 777 -20.22 -47.37 -3.96
CA THR B 777 -20.44 -45.92 -3.91
C THR B 777 -20.66 -45.32 -5.29
N VAL B 778 -19.91 -45.76 -6.31
CA VAL B 778 -20.21 -45.32 -7.66
C VAL B 778 -21.55 -45.88 -8.12
N ALA B 779 -21.94 -47.05 -7.59
CA ALA B 779 -23.28 -47.57 -7.83
C ALA B 779 -24.32 -46.71 -7.14
N LYS B 780 -24.00 -46.17 -5.95
CA LYS B 780 -24.92 -45.27 -5.27
C LYS B 780 -25.05 -43.94 -6.02
N CYS B 781 -23.94 -43.45 -6.59
CA CYS B 781 -23.99 -42.20 -7.33
C CYS B 781 -24.76 -42.34 -8.63
N VAL B 782 -24.56 -43.45 -9.36
CA VAL B 782 -25.22 -43.62 -10.64
C VAL B 782 -26.72 -43.86 -10.45
N GLU B 783 -27.10 -44.42 -9.30
CA GLU B 783 -28.52 -44.59 -9.02
C GLU B 783 -29.20 -43.27 -8.68
N ALA B 784 -28.44 -42.31 -8.14
CA ALA B 784 -28.99 -40.98 -7.91
C ALA B 784 -29.28 -40.24 -9.20
N LEU B 785 -28.63 -40.63 -10.30
CA LEU B 785 -28.88 -40.05 -11.61
C LEU B 785 -29.98 -40.77 -12.37
N LYS B 786 -30.68 -41.70 -11.72
CA LYS B 786 -31.72 -42.48 -12.38
C LYS B 786 -33.06 -41.77 -12.34
N GLU B 787 -33.48 -41.29 -11.17
CA GLU B 787 -34.76 -40.59 -11.06
C GLU B 787 -34.62 -39.12 -11.44
N ARG B 788 -33.57 -38.45 -10.94
CA ARG B 788 -33.38 -37.04 -11.25
C ARG B 788 -32.96 -36.83 -12.69
N PHE B 789 -32.27 -37.80 -13.29
CA PHE B 789 -31.82 -37.69 -14.67
C PHE B 789 -32.09 -38.99 -15.42
N GLN B 790 -31.13 -39.45 -16.21
CA GLN B 790 -31.29 -40.66 -17.02
C GLN B 790 -30.20 -41.67 -16.69
N ALA B 791 -30.39 -42.88 -17.22
CA ALA B 791 -29.50 -43.99 -16.92
C ALA B 791 -28.12 -43.78 -17.53
N SER B 792 -27.24 -44.75 -17.30
CA SER B 792 -25.85 -44.68 -17.73
C SER B 792 -25.61 -45.69 -18.85
N LEU B 793 -24.37 -45.70 -19.35
CA LEU B 793 -23.97 -46.62 -20.41
C LEU B 793 -22.46 -46.77 -20.45
N GLU C 11 -63.21 -5.26 -55.88
CA GLU C 11 -63.37 -6.24 -56.95
C GLU C 11 -62.21 -6.14 -57.94
N LEU C 12 -61.59 -7.29 -58.24
CA LEU C 12 -60.50 -7.41 -59.19
C LEU C 12 -59.27 -6.60 -58.77
N VAL C 13 -59.46 -5.28 -58.57
CA VAL C 13 -58.36 -4.42 -58.15
C VAL C 13 -57.79 -4.88 -56.81
N ALA C 14 -58.63 -5.38 -55.92
CA ALA C 14 -58.18 -5.95 -54.66
C ALA C 14 -58.31 -7.46 -54.59
N SER C 15 -59.16 -8.06 -55.43
CA SER C 15 -59.28 -9.52 -55.42
C SER C 15 -58.01 -10.18 -55.92
N ALA C 16 -57.35 -9.57 -56.92
CA ALA C 16 -56.07 -10.08 -57.38
C ALA C 16 -54.97 -9.85 -56.37
N LYS C 17 -55.03 -8.74 -55.62
CA LYS C 17 -54.06 -8.52 -54.55
C LYS C 17 -54.36 -9.42 -53.35
N ALA C 18 -55.62 -9.81 -53.18
CA ALA C 18 -55.95 -10.74 -52.11
C ALA C 18 -55.33 -12.12 -52.37
N ALA C 19 -55.45 -12.61 -53.61
CA ALA C 19 -54.81 -13.86 -53.99
C ALA C 19 -53.29 -13.73 -54.09
N ILE C 20 -52.76 -12.51 -54.12
CA ILE C 20 -51.32 -12.30 -54.17
C ILE C 20 -50.72 -12.32 -52.77
N SER C 21 -51.28 -11.54 -51.84
CA SER C 21 -50.77 -11.53 -50.48
C SER C 21 -51.00 -12.87 -49.79
N GLN C 22 -52.07 -13.58 -50.14
CA GLN C 22 -52.31 -14.91 -49.57
C GLN C 22 -51.33 -15.93 -50.14
N ALA C 23 -50.91 -15.76 -51.39
CA ALA C 23 -49.94 -16.68 -51.97
C ALA C 23 -48.54 -16.46 -51.40
N SER C 24 -48.19 -15.21 -51.10
CA SER C 24 -46.90 -14.89 -50.49
C SER C 24 -46.93 -15.04 -48.98
N ASP C 25 -48.01 -15.57 -48.41
CA ASP C 25 -48.11 -15.75 -46.97
C ASP C 25 -47.52 -17.10 -46.53
N VAL C 26 -48.00 -18.18 -47.14
CA VAL C 26 -47.52 -19.52 -46.79
C VAL C 26 -46.46 -19.95 -47.79
N ALA C 27 -45.44 -19.11 -47.98
CA ALA C 27 -44.30 -19.41 -48.85
C ALA C 27 -43.17 -19.95 -47.98
N ALA C 28 -42.94 -21.25 -48.03
CA ALA C 28 -41.93 -21.90 -47.20
C ALA C 28 -40.52 -21.45 -47.59
N LEU C 29 -40.05 -21.89 -48.76
CA LEU C 29 -38.73 -21.52 -49.25
C LEU C 29 -38.75 -20.12 -49.84
N ASP C 30 -37.71 -19.79 -50.63
CA ASP C 30 -37.62 -18.49 -51.28
C ASP C 30 -38.32 -18.47 -52.63
N ASN C 31 -39.43 -19.20 -52.78
CA ASN C 31 -40.26 -19.10 -53.97
C ASN C 31 -41.18 -17.89 -53.92
N VAL C 32 -40.88 -16.92 -53.06
CA VAL C 32 -41.55 -15.63 -53.10
C VAL C 32 -41.39 -15.00 -54.48
N ARG C 33 -40.23 -15.21 -55.11
CA ARG C 33 -40.03 -14.70 -56.46
C ARG C 33 -40.92 -15.41 -57.47
N VAL C 34 -41.29 -16.67 -57.19
CA VAL C 34 -42.21 -17.38 -58.06
C VAL C 34 -43.59 -16.74 -58.03
N GLU C 35 -44.08 -16.40 -56.83
CA GLU C 35 -45.30 -15.61 -56.73
C GLU C 35 -45.11 -14.20 -57.28
N TYR C 36 -43.90 -13.65 -57.12
CA TYR C 36 -43.60 -12.35 -57.74
C TYR C 36 -43.72 -12.43 -59.25
N LEU C 37 -43.21 -13.51 -59.86
CA LEU C 37 -43.31 -13.67 -61.31
C LEU C 37 -44.75 -13.76 -61.75
N GLY C 38 -45.57 -14.57 -61.07
CA GLY C 38 -46.94 -14.76 -61.50
C GLY C 38 -47.79 -13.52 -61.34
N LYS C 39 -47.63 -12.80 -60.23
CA LYS C 39 -48.45 -11.62 -59.97
C LYS C 39 -47.98 -10.39 -60.75
N LYS C 40 -46.68 -10.33 -61.06
CA LYS C 40 -46.22 -9.25 -61.93
C LYS C 40 -46.78 -9.39 -63.34
N GLY C 41 -46.94 -10.63 -63.80
CA GLY C 41 -47.59 -10.85 -65.09
C GLY C 41 -49.09 -10.62 -65.04
N HIS C 42 -49.71 -10.85 -63.88
CA HIS C 42 -51.14 -10.60 -63.74
C HIS C 42 -51.44 -9.10 -63.72
N LEU C 43 -50.59 -8.32 -63.05
CA LEU C 43 -50.81 -6.88 -62.99
C LEU C 43 -50.30 -6.16 -64.23
N THR C 44 -49.32 -6.72 -64.93
CA THR C 44 -48.94 -6.19 -66.23
C THR C 44 -50.04 -6.44 -67.25
N LEU C 45 -50.69 -7.60 -67.17
CA LEU C 45 -51.86 -7.87 -68.01
C LEU C 45 -53.02 -6.95 -67.65
N GLN C 46 -53.12 -6.56 -66.38
CA GLN C 46 -54.15 -5.60 -65.99
C GLN C 46 -53.83 -4.21 -66.50
N MET C 47 -52.55 -3.90 -66.71
CA MET C 47 -52.18 -2.65 -67.38
C MET C 47 -52.60 -2.67 -68.84
N THR C 48 -52.59 -3.85 -69.47
CA THR C 48 -53.06 -3.98 -70.84
C THR C 48 -54.57 -3.81 -70.95
N THR C 49 -55.30 -4.05 -69.85
CA THR C 49 -56.75 -3.82 -69.84
C THR C 49 -57.11 -2.35 -69.88
N LEU C 50 -56.13 -1.45 -69.73
CA LEU C 50 -56.36 -0.02 -69.84
C LEU C 50 -56.26 0.49 -71.28
N ARG C 51 -56.37 -0.42 -72.26
CA ARG C 51 -56.29 -0.04 -73.67
C ARG C 51 -57.52 0.72 -74.16
N GLU C 52 -58.54 0.86 -73.31
CA GLU C 52 -59.72 1.63 -73.67
C GLU C 52 -59.97 2.72 -72.64
N LEU C 53 -61.22 2.85 -72.17
CA LEU C 53 -61.64 3.78 -71.13
C LEU C 53 -61.50 5.22 -71.59
N PRO C 54 -62.10 6.18 -70.89
CA PRO C 54 -61.90 7.59 -71.24
C PRO C 54 -60.43 7.96 -71.21
N PRO C 55 -59.92 8.60 -72.27
CA PRO C 55 -58.50 8.98 -72.28
C PRO C 55 -58.11 9.92 -71.16
N GLU C 56 -59.02 10.79 -70.71
CA GLU C 56 -58.72 11.69 -69.61
C GLU C 56 -58.58 10.94 -68.28
N GLU C 57 -59.11 9.72 -68.19
CA GLU C 57 -59.01 8.92 -66.99
C GLU C 57 -57.98 7.81 -67.09
N ARG C 58 -57.30 7.68 -68.24
CA ARG C 58 -56.24 6.68 -68.34
C ARG C 58 -55.08 6.92 -67.38
N PRO C 59 -54.62 8.16 -67.15
CA PRO C 59 -53.62 8.35 -66.08
C PRO C 59 -54.12 7.97 -64.70
N ALA C 60 -55.44 8.09 -64.47
CA ALA C 60 -55.99 7.66 -63.19
C ALA C 60 -56.05 6.13 -63.10
N ALA C 61 -56.22 5.46 -64.23
CA ALA C 61 -56.22 4.00 -64.22
C ALA C 61 -54.82 3.45 -63.98
N GLY C 62 -53.81 4.06 -64.61
CA GLY C 62 -52.44 3.62 -64.39
C GLY C 62 -51.93 3.90 -62.99
N ALA C 63 -52.46 4.93 -62.33
CA ALA C 63 -52.04 5.22 -60.96
C ALA C 63 -52.65 4.23 -59.97
N VAL C 64 -53.87 3.76 -60.23
CA VAL C 64 -54.49 2.79 -59.35
C VAL C 64 -53.85 1.41 -59.52
N ILE C 65 -53.41 1.08 -60.74
CA ILE C 65 -52.78 -0.22 -60.97
C ILE C 65 -51.39 -0.26 -60.36
N ASN C 66 -50.62 0.82 -60.52
CA ASN C 66 -49.29 0.88 -59.92
C ASN C 66 -49.37 0.96 -58.40
N GLU C 67 -50.43 1.57 -57.85
CA GLU C 67 -50.63 1.54 -56.41
C GLU C 67 -50.91 0.13 -55.93
N ALA C 68 -51.55 -0.69 -56.77
CA ALA C 68 -51.76 -2.10 -56.43
C ALA C 68 -50.47 -2.89 -56.55
N LYS C 69 -49.63 -2.57 -57.55
CA LYS C 69 -48.35 -3.24 -57.70
C LYS C 69 -47.41 -2.91 -56.55
N GLU C 70 -47.47 -1.66 -56.06
CA GLU C 70 -46.66 -1.30 -54.91
C GLU C 70 -47.12 -2.03 -53.65
N GLN C 71 -48.44 -2.27 -53.54
CA GLN C 71 -48.95 -3.00 -52.38
C GLN C 71 -48.52 -4.46 -52.42
N VAL C 72 -48.36 -5.04 -53.61
CA VAL C 72 -47.86 -6.40 -53.71
C VAL C 72 -46.37 -6.45 -53.42
N GLN C 73 -45.62 -5.46 -53.90
CA GLN C 73 -44.18 -5.43 -53.66
C GLN C 73 -43.86 -5.21 -52.18
N GLN C 74 -44.72 -4.48 -51.46
CA GLN C 74 -44.51 -4.31 -50.03
C GLN C 74 -44.70 -5.62 -49.28
N ALA C 75 -45.72 -6.40 -49.66
CA ALA C 75 -45.93 -7.70 -49.02
C ALA C 75 -44.83 -8.69 -49.37
N LEU C 76 -44.23 -8.56 -50.56
CA LEU C 76 -43.11 -9.42 -50.92
C LEU C 76 -41.88 -9.10 -50.07
N ASN C 77 -41.59 -7.81 -49.87
CA ASN C 77 -40.47 -7.43 -49.03
C ASN C 77 -40.70 -7.85 -47.58
N ALA C 78 -41.93 -7.65 -47.08
CA ALA C 78 -42.22 -8.02 -45.70
C ALA C 78 -42.06 -9.52 -45.48
N ARG C 79 -42.43 -10.33 -46.47
CA ARG C 79 -42.25 -11.78 -46.37
C ARG C 79 -40.80 -12.18 -46.52
N LYS C 80 -40.04 -11.49 -47.38
CA LYS C 80 -38.61 -11.77 -47.49
C LYS C 80 -37.88 -11.44 -46.20
N ALA C 81 -38.33 -10.42 -45.47
CA ALA C 81 -37.75 -10.11 -44.18
C ALA C 81 -38.13 -11.15 -43.14
N GLU C 82 -39.35 -11.68 -43.22
CA GLU C 82 -39.76 -12.73 -42.29
C GLU C 82 -38.93 -13.99 -42.47
N LEU C 83 -38.58 -14.33 -43.71
CA LEU C 83 -37.86 -15.57 -43.96
C LEU C 83 -36.40 -15.47 -43.51
N GLU C 84 -35.74 -14.34 -43.81
CA GLU C 84 -34.34 -14.20 -43.43
C GLU C 84 -34.17 -14.06 -41.93
N SER C 85 -35.16 -13.48 -41.25
CA SER C 85 -35.15 -13.50 -39.78
C SER C 85 -35.48 -14.88 -39.25
N ALA C 86 -36.31 -15.65 -39.97
CA ALA C 86 -36.58 -17.02 -39.55
C ALA C 86 -35.35 -17.91 -39.72
N ALA C 87 -34.53 -17.64 -40.73
CA ALA C 87 -33.29 -18.39 -40.89
C ALA C 87 -32.27 -17.99 -39.84
N LEU C 88 -32.23 -16.71 -39.48
CA LEU C 88 -31.34 -16.26 -38.41
C LEU C 88 -31.74 -16.88 -37.08
N ASN C 89 -33.05 -16.96 -36.81
CA ASN C 89 -33.51 -17.59 -35.57
C ASN C 89 -33.19 -19.08 -35.55
N ALA C 90 -33.30 -19.75 -36.70
CA ALA C 90 -32.95 -21.17 -36.76
C ALA C 90 -31.47 -21.37 -36.46
N ARG C 91 -30.62 -20.47 -36.96
CA ARG C 91 -29.20 -20.54 -36.64
C ARG C 91 -28.96 -20.33 -35.15
N LEU C 92 -29.66 -19.37 -34.54
CA LEU C 92 -29.52 -19.12 -33.11
C LEU C 92 -29.92 -20.35 -32.30
N ALA C 93 -31.00 -21.03 -32.71
CA ALA C 93 -31.44 -22.21 -31.96
C ALA C 93 -30.41 -23.33 -32.03
N ALA C 94 -29.81 -23.55 -33.20
CA ALA C 94 -28.83 -24.61 -33.36
C ALA C 94 -27.54 -24.32 -32.60
N GLU C 95 -27.24 -23.05 -32.31
CA GLU C 95 -26.00 -22.68 -31.63
C GLU C 95 -26.15 -22.63 -30.11
N THR C 96 -27.22 -23.20 -29.56
CA THR C 96 -27.38 -23.25 -28.11
C THR C 96 -26.32 -24.16 -27.50
N ILE C 97 -25.70 -23.68 -26.42
CA ILE C 97 -24.65 -24.43 -25.73
C ILE C 97 -24.99 -24.55 -24.27
N ASP C 98 -24.34 -25.50 -23.60
CA ASP C 98 -24.46 -25.67 -22.16
C ASP C 98 -23.54 -24.67 -21.49
N VAL C 99 -24.12 -23.59 -20.96
CA VAL C 99 -23.33 -22.53 -20.34
C VAL C 99 -22.74 -22.95 -19.00
N SER C 100 -23.19 -24.07 -18.45
CA SER C 100 -22.67 -24.56 -17.17
C SER C 100 -21.41 -25.40 -17.33
N LEU C 101 -21.01 -25.71 -18.55
CA LEU C 101 -19.79 -26.49 -18.76
C LEU C 101 -18.58 -25.68 -18.29
N PRO C 102 -17.56 -26.37 -17.75
CA PRO C 102 -16.38 -25.67 -17.25
C PRO C 102 -15.70 -24.88 -18.36
N GLY C 103 -15.21 -23.69 -18.00
CA GLY C 103 -14.49 -22.87 -18.95
C GLY C 103 -13.08 -23.37 -19.18
N ARG C 104 -12.44 -22.80 -20.20
CA ARG C 104 -11.06 -23.12 -20.53
C ARG C 104 -10.13 -22.20 -19.74
N ARG C 105 -9.24 -22.78 -18.94
CA ARG C 105 -8.29 -22.03 -18.16
C ARG C 105 -7.29 -22.99 -17.54
N ILE C 106 -6.15 -22.45 -17.12
CA ILE C 106 -5.24 -23.16 -16.24
C ILE C 106 -5.55 -22.71 -14.82
N GLU C 107 -5.42 -23.63 -13.87
CA GLU C 107 -5.80 -23.34 -12.49
C GLU C 107 -4.92 -22.22 -11.94
N ASN C 108 -5.44 -21.53 -10.93
CA ASN C 108 -4.65 -20.53 -10.23
C ASN C 108 -3.80 -21.20 -9.17
N GLY C 109 -2.55 -20.76 -9.06
CA GLY C 109 -1.71 -21.16 -7.95
C GLY C 109 -1.79 -20.18 -6.81
N GLY C 110 -1.18 -20.56 -5.69
CA GLY C 110 -1.15 -19.70 -4.51
C GLY C 110 0.26 -19.57 -3.96
N LEU C 111 0.38 -18.70 -2.98
CA LEU C 111 1.63 -18.50 -2.26
C LEU C 111 1.74 -19.47 -1.10
N HIS C 112 2.98 -19.69 -0.66
CA HIS C 112 3.22 -20.51 0.51
C HIS C 112 2.53 -19.90 1.73
N PRO C 113 2.01 -20.73 2.65
CA PRO C 113 1.31 -20.16 3.80
C PRO C 113 2.14 -19.19 4.62
N VAL C 114 3.44 -19.42 4.78
CA VAL C 114 4.23 -18.49 5.58
C VAL C 114 4.50 -17.21 4.79
N THR C 115 4.48 -17.29 3.46
CA THR C 115 4.60 -16.08 2.64
C THR C 115 3.40 -15.17 2.84
N ARG C 116 2.20 -15.75 2.94
CA ARG C 116 1.03 -14.95 3.29
C ARG C 116 1.24 -14.22 4.61
N THR C 117 1.78 -14.92 5.60
CA THR C 117 2.02 -14.32 6.91
C THR C 117 3.03 -13.19 6.81
N ILE C 118 4.15 -13.41 6.11
CA ILE C 118 5.16 -12.37 5.98
C ILE C 118 4.58 -11.14 5.28
N ASP C 119 3.80 -11.37 4.21
CA ASP C 119 3.25 -10.24 3.46
C ASP C 119 2.27 -9.44 4.30
N ARG C 120 1.48 -10.12 5.14
CA ARG C 120 0.54 -9.40 6.00
C ARG C 120 1.29 -8.55 7.02
N ILE C 121 2.31 -9.11 7.66
CA ILE C 121 3.07 -8.39 8.67
C ILE C 121 3.81 -7.20 8.04
N GLU C 122 4.33 -7.38 6.82
CA GLU C 122 5.02 -6.29 6.14
C GLU C 122 4.06 -5.15 5.83
N SER C 123 2.82 -5.46 5.47
CA SER C 123 1.84 -4.40 5.19
C SER C 123 1.40 -3.70 6.47
N PHE C 124 1.34 -4.42 7.59
CA PHE C 124 0.97 -3.78 8.85
C PHE C 124 1.99 -2.71 9.23
N PHE C 125 3.28 -3.08 9.26
CA PHE C 125 4.32 -2.16 9.66
C PHE C 125 4.73 -1.20 8.55
N GLY C 126 4.46 -1.54 7.29
CA GLY C 126 4.76 -0.61 6.21
C GLY C 126 3.96 0.68 6.31
N GLU C 127 2.72 0.58 6.78
CA GLU C 127 1.90 1.77 6.99
C GLU C 127 2.48 2.68 8.06
N LEU C 128 3.29 2.14 8.97
CA LEU C 128 3.92 2.96 10.00
C LEU C 128 5.28 3.49 9.57
N GLY C 129 5.69 3.25 8.33
CA GLY C 129 6.96 3.74 7.85
C GLY C 129 8.12 2.78 8.04
N PHE C 130 7.85 1.49 8.21
CA PHE C 130 8.90 0.50 8.38
C PHE C 130 9.33 -0.03 7.01
N THR C 131 10.59 0.18 6.67
CA THR C 131 11.16 -0.28 5.41
C THR C 131 11.66 -1.71 5.54
N VAL C 132 11.39 -2.52 4.53
CA VAL C 132 11.87 -3.90 4.48
C VAL C 132 13.34 -3.91 4.09
N ALA C 133 14.15 -4.68 4.81
CA ALA C 133 15.56 -4.84 4.54
C ALA C 133 15.93 -6.32 4.65
N THR C 134 16.79 -6.77 3.74
CA THR C 134 17.18 -8.17 3.65
C THR C 134 18.69 -8.28 3.53
N GLY C 135 19.19 -9.50 3.74
CA GLY C 135 20.61 -9.75 3.67
C GLY C 135 20.96 -11.22 3.56
N PRO C 136 22.25 -11.52 3.52
CA PRO C 136 22.69 -12.91 3.36
C PRO C 136 22.32 -13.77 4.56
N GLU C 137 22.28 -15.08 4.31
CA GLU C 137 21.95 -16.06 5.34
C GLU C 137 23.18 -16.71 5.96
N ILE C 138 24.32 -16.73 5.26
CA ILE C 138 25.59 -17.11 5.86
C ILE C 138 26.26 -15.83 6.35
N GLU C 139 26.44 -15.72 7.66
CA GLU C 139 26.94 -14.52 8.29
C GLU C 139 28.25 -14.84 9.02
N ASP C 140 28.92 -13.79 9.51
CA ASP C 140 30.18 -13.96 10.21
C ASP C 140 29.97 -13.83 11.72
N ASP C 141 31.05 -14.00 12.48
CA ASP C 141 30.97 -14.00 13.94
C ASP C 141 30.48 -12.66 14.46
N TYR C 142 30.91 -11.56 13.84
CA TYR C 142 30.65 -10.23 14.38
C TYR C 142 29.18 -9.84 14.24
N HIS C 143 28.59 -10.08 13.07
CA HIS C 143 27.24 -9.58 12.81
C HIS C 143 26.16 -10.44 13.43
N ASN C 144 26.43 -11.71 13.71
CA ASN C 144 25.41 -12.57 14.31
C ASN C 144 25.47 -12.59 15.83
N PHE C 145 26.61 -12.26 16.42
CA PHE C 145 26.80 -12.37 17.87
C PHE C 145 27.47 -11.15 18.48
N ASP C 146 28.69 -10.85 18.04
CA ASP C 146 29.52 -9.84 18.70
C ASP C 146 28.82 -8.48 18.75
N ALA C 147 28.32 -8.02 17.61
CA ALA C 147 27.63 -6.73 17.57
C ALA C 147 26.31 -6.74 18.32
N LEU C 148 25.86 -7.90 18.79
CA LEU C 148 24.63 -8.01 19.56
C LEU C 148 24.89 -8.21 21.05
N ASN C 149 26.07 -7.81 21.52
CA ASN C 149 26.47 -7.96 22.92
C ASN C 149 26.55 -9.42 23.32
N ILE C 150 26.87 -10.29 22.37
CA ILE C 150 27.01 -11.72 22.63
C ILE C 150 28.45 -12.13 22.38
N PRO C 151 29.33 -12.06 23.37
CA PRO C 151 30.72 -12.43 23.16
C PRO C 151 30.87 -13.93 22.96
N GLY C 152 32.10 -14.33 22.61
CA GLY C 152 32.37 -15.73 22.36
C GLY C 152 32.15 -16.61 23.57
N HIS C 153 32.32 -16.07 24.76
CA HIS C 153 32.13 -16.81 26.01
C HIS C 153 30.69 -16.75 26.51
N HIS C 154 29.75 -16.30 25.69
CA HIS C 154 28.34 -16.24 26.03
C HIS C 154 27.63 -17.51 25.59
N PRO C 155 26.78 -18.08 26.44
CA PRO C 155 26.11 -19.36 26.10
C PRO C 155 25.17 -19.27 24.92
N ALA C 156 24.80 -18.06 24.45
CA ALA C 156 23.91 -17.97 23.30
C ALA C 156 24.54 -18.51 22.04
N ARG C 157 25.87 -18.48 21.93
CA ARG C 157 26.53 -19.10 20.79
C ARG C 157 26.35 -20.61 20.77
N ALA C 158 25.82 -21.20 21.84
CA ALA C 158 25.44 -22.60 21.88
C ALA C 158 23.98 -22.81 22.19
N ASP C 159 23.34 -21.90 22.94
CA ASP C 159 21.91 -22.03 23.20
C ASP C 159 21.09 -21.86 21.92
N HIS C 160 21.59 -21.09 20.97
CA HIS C 160 20.99 -21.06 19.64
C HIS C 160 21.24 -22.34 18.87
N ASP C 161 22.22 -23.15 19.30
CA ASP C 161 22.70 -24.31 18.56
C ASP C 161 22.96 -23.92 17.12
N THR C 162 24.06 -23.21 16.90
CA THR C 162 24.36 -22.63 15.61
C THR C 162 25.03 -23.64 14.69
N PHE C 163 24.69 -23.57 13.40
CA PHE C 163 25.41 -24.29 12.37
C PHE C 163 26.63 -23.46 11.97
N TRP C 164 27.80 -23.89 12.39
CA TRP C 164 29.05 -23.24 12.02
C TRP C 164 29.70 -23.99 10.86
N PHE C 165 30.39 -23.23 10.00
CA PHE C 165 31.30 -23.80 9.02
C PHE C 165 32.75 -23.78 9.48
N ASP C 166 33.13 -22.74 10.23
CA ASP C 166 34.44 -22.65 10.88
C ASP C 166 34.33 -21.77 12.13
N THR C 167 35.42 -21.12 12.51
CA THR C 167 35.39 -20.24 13.67
C THR C 167 34.87 -18.84 13.33
N THR C 168 34.42 -18.62 12.09
CA THR C 168 33.99 -17.30 11.66
C THR C 168 32.61 -17.35 11.00
N ARG C 169 32.43 -18.24 10.04
CA ARG C 169 31.23 -18.28 9.21
C ARG C 169 30.19 -19.23 9.79
N LEU C 170 28.93 -18.86 9.66
CA LEU C 170 27.85 -19.67 10.20
C LEU C 170 26.57 -19.37 9.43
N LEU C 171 25.60 -20.26 9.56
CA LEU C 171 24.23 -19.94 9.14
C LEU C 171 23.62 -19.04 10.21
N ARG C 172 23.09 -17.90 9.77
CA ARG C 172 22.61 -16.91 10.73
C ARG C 172 21.48 -17.46 11.57
N THR C 173 21.51 -17.15 12.86
CA THR C 173 20.42 -17.51 13.77
C THR C 173 19.37 -16.41 13.88
N GLN C 174 19.72 -15.18 13.49
CA GLN C 174 18.80 -14.06 13.43
C GLN C 174 19.10 -13.26 12.16
N THR C 175 18.21 -12.34 11.82
CA THR C 175 18.44 -11.43 10.70
C THR C 175 19.09 -10.12 11.16
N SER C 176 20.03 -10.22 12.10
CA SER C 176 20.60 -9.02 12.71
C SER C 176 21.59 -8.31 11.81
N GLY C 177 22.28 -9.06 10.93
CA GLY C 177 23.32 -8.46 10.11
C GLY C 177 22.84 -7.28 9.28
N VAL C 178 21.63 -7.39 8.72
CA VAL C 178 21.06 -6.30 7.94
C VAL C 178 20.81 -5.08 8.84
N GLN C 179 20.37 -5.33 10.06
CA GLN C 179 20.01 -4.24 10.96
C GLN C 179 21.25 -3.55 11.52
N ILE C 180 22.30 -4.31 11.81
CA ILE C 180 23.55 -3.73 12.27
C ILE C 180 24.15 -2.85 11.18
N ARG C 181 24.15 -3.32 9.94
CA ARG C 181 24.76 -2.53 8.87
C ARG C 181 23.95 -1.28 8.56
N THR C 182 22.62 -1.37 8.66
CA THR C 182 21.78 -0.20 8.41
C THR C 182 22.06 0.90 9.43
N MET C 183 22.15 0.54 10.71
CA MET C 183 22.41 1.53 11.75
C MET C 183 23.80 2.15 11.59
N LYS C 184 24.78 1.37 11.11
CA LYS C 184 26.11 1.90 10.89
C LYS C 184 26.13 2.95 9.79
N ALA C 185 25.37 2.72 8.72
CA ALA C 185 25.38 3.60 7.55
C ALA C 185 24.24 4.62 7.56
N GLN C 186 23.69 4.93 8.74
CA GLN C 186 22.52 5.79 8.83
C GLN C 186 22.24 6.23 10.25
N GLN C 187 22.22 7.54 10.48
CA GLN C 187 21.78 8.09 11.75
C GLN C 187 20.26 8.02 11.84
N PRO C 188 19.71 8.03 13.05
CA PRO C 188 18.25 8.03 13.22
C PRO C 188 17.60 9.19 12.48
N PRO C 189 16.30 9.09 12.16
CA PRO C 189 15.36 8.00 12.49
C PRO C 189 15.61 6.70 11.74
N ILE C 190 15.43 5.58 12.44
CA ILE C 190 15.59 4.25 11.87
C ILE C 190 14.30 3.47 12.12
N ARG C 191 13.75 2.86 11.07
CA ARG C 191 12.45 2.21 11.18
C ARG C 191 12.39 1.13 10.09
N ILE C 192 12.85 -0.07 10.45
CA ILE C 192 12.98 -1.16 9.49
C ILE C 192 12.38 -2.44 10.06
N ILE C 193 12.05 -3.35 9.14
CA ILE C 193 11.68 -4.72 9.46
C ILE C 193 12.51 -5.64 8.58
N ALA C 194 12.98 -6.75 9.15
CA ALA C 194 13.93 -7.63 8.49
C ALA C 194 13.42 -9.06 8.50
N PRO C 195 12.70 -9.47 7.46
CA PRO C 195 12.33 -10.88 7.31
C PRO C 195 13.47 -11.69 6.73
N GLY C 196 13.40 -13.00 6.97
CA GLY C 196 14.43 -13.88 6.43
C GLY C 196 14.46 -15.28 7.03
N ARG C 197 15.12 -16.19 6.33
CA ARG C 197 15.29 -17.56 6.82
C ARG C 197 16.45 -17.61 7.80
N VAL C 198 16.25 -18.27 8.93
CA VAL C 198 17.29 -18.46 9.95
C VAL C 198 17.41 -19.95 10.22
N TYR C 199 18.50 -20.31 10.91
CA TYR C 199 18.87 -21.72 11.07
C TYR C 199 19.30 -21.98 12.50
N ARG C 200 18.72 -23.02 13.12
CA ARG C 200 19.10 -23.47 14.45
C ARG C 200 19.08 -24.99 14.48
N ASN C 201 20.03 -25.58 15.19
CA ASN C 201 20.20 -27.04 15.21
C ASN C 201 19.28 -27.69 16.25
N ASP C 202 17.97 -27.44 16.10
CA ASP C 202 16.96 -28.04 16.97
C ASP C 202 15.87 -28.61 16.08
N TYR C 203 15.80 -29.95 15.99
CA TYR C 203 14.83 -30.63 15.14
C TYR C 203 14.27 -31.83 15.92
N ASP C 204 13.49 -31.52 16.96
CA ASP C 204 12.81 -32.58 17.72
C ASP C 204 11.32 -32.53 17.44
N GLN C 205 10.61 -31.59 18.06
CA GLN C 205 9.18 -31.42 17.87
C GLN C 205 8.86 -29.93 17.82
N THR C 206 7.96 -29.56 16.89
CA THR C 206 7.58 -28.17 16.66
C THR C 206 8.81 -27.29 16.38
N HIS C 207 9.86 -27.91 15.85
CA HIS C 207 11.10 -27.21 15.51
C HIS C 207 11.68 -27.81 14.24
N THR C 208 12.13 -26.94 13.33
CA THR C 208 12.84 -27.37 12.13
C THR C 208 14.21 -26.73 12.11
N PRO C 209 15.20 -27.35 11.45
CA PRO C 209 16.53 -26.72 11.37
C PRO C 209 16.51 -25.39 10.64
N MET C 210 15.48 -25.12 9.83
CA MET C 210 15.32 -23.87 9.13
C MET C 210 13.91 -23.34 9.38
N PHE C 211 13.80 -22.04 9.59
CA PHE C 211 12.48 -21.41 9.73
C PHE C 211 12.62 -19.93 9.40
N HIS C 212 11.51 -19.21 9.48
CA HIS C 212 11.44 -17.81 9.08
C HIS C 212 11.16 -16.94 10.30
N GLN C 213 11.92 -15.84 10.42
CA GLN C 213 11.73 -14.86 11.46
C GLN C 213 11.46 -13.49 10.84
N MET C 214 10.60 -12.72 11.51
CA MET C 214 10.43 -11.30 11.22
C MET C 214 10.98 -10.52 12.40
N GLU C 215 11.89 -9.59 12.12
CA GLU C 215 12.53 -8.79 13.14
C GLU C 215 12.31 -7.32 12.86
N GLY C 216 11.88 -6.58 13.87
CA GLY C 216 11.60 -5.16 13.74
C GLY C 216 12.59 -4.33 14.53
N LEU C 217 12.78 -3.08 14.11
CA LEU C 217 13.69 -2.17 14.78
C LEU C 217 13.25 -0.73 14.52
N ILE C 218 13.12 0.04 15.59
CA ILE C 218 12.90 1.48 15.49
C ILE C 218 13.87 2.16 16.44
N VAL C 219 14.57 3.18 15.94
CA VAL C 219 15.49 3.98 16.74
C VAL C 219 15.18 5.45 16.47
N ASP C 220 14.87 6.19 17.52
CA ASP C 220 14.43 7.58 17.39
C ASP C 220 14.63 8.26 18.73
N THR C 221 14.07 9.45 18.86
CA THR C 221 14.09 10.16 20.13
C THR C 221 12.81 9.86 20.91
N ASN C 222 12.96 9.65 22.21
CA ASN C 222 11.84 9.42 23.12
C ASN C 222 11.08 8.13 22.77
N ILE C 223 11.80 7.10 22.30
CA ILE C 223 11.20 5.78 22.13
C ILE C 223 11.25 5.06 23.47
N SER C 224 10.08 4.69 23.99
CA SER C 224 9.95 4.20 25.34
C SER C 224 9.31 2.81 25.35
N PHE C 225 9.34 2.19 26.54
CA PHE C 225 8.73 0.87 26.70
C PHE C 225 7.23 0.91 26.52
N THR C 226 6.60 2.05 26.84
CA THR C 226 5.17 2.21 26.55
C THR C 226 4.90 2.15 25.05
N ASN C 227 5.83 2.65 24.24
CA ASN C 227 5.69 2.54 22.80
C ASN C 227 5.84 1.09 22.35
N LEU C 228 6.73 0.34 23.00
CA LEU C 228 6.88 -1.07 22.66
C LEU C 228 5.61 -1.85 22.97
N LYS C 229 4.94 -1.54 24.09
CA LYS C 229 3.69 -2.22 24.40
C LYS C 229 2.58 -1.79 23.45
N GLY C 230 2.54 -0.51 23.09
CA GLY C 230 1.49 -0.02 22.21
C GLY C 230 1.60 -0.59 20.80
N THR C 231 2.82 -0.65 20.27
CA THR C 231 3.00 -1.10 18.89
C THR C 231 2.67 -2.57 18.75
N LEU C 232 3.17 -3.41 19.65
CA LEU C 232 2.97 -4.86 19.54
C LEU C 232 1.55 -5.27 19.89
N HIS C 233 0.87 -4.49 20.74
CA HIS C 233 -0.55 -4.76 20.99
C HIS C 233 -1.37 -4.54 19.73
N ASP C 234 -1.14 -3.41 19.04
CA ASP C 234 -1.82 -3.17 17.77
C ASP C 234 -1.50 -4.27 16.76
N PHE C 235 -0.25 -4.72 16.73
CA PHE C 235 0.15 -5.74 15.77
C PHE C 235 -0.60 -7.04 16.00
N LEU C 236 -0.55 -7.57 17.22
CA LEU C 236 -1.21 -8.84 17.51
C LEU C 236 -2.72 -8.76 17.32
N ARG C 237 -3.31 -7.60 17.61
CA ARG C 237 -4.74 -7.43 17.36
C ARG C 237 -5.04 -7.49 15.87
N ASN C 238 -4.20 -6.87 15.05
CA ASN C 238 -4.42 -6.89 13.61
C ASN C 238 -4.08 -8.24 13.00
N PHE C 239 -3.10 -8.95 13.56
CA PHE C 239 -2.69 -10.21 12.94
C PHE C 239 -3.73 -11.31 13.17
N PHE C 240 -4.29 -11.39 14.38
CA PHE C 240 -5.31 -12.37 14.69
C PHE C 240 -6.73 -11.83 14.53
N GLU C 241 -6.88 -10.54 14.22
CA GLU C 241 -8.18 -9.92 13.98
C GLU C 241 -9.14 -10.19 15.14
N GLU C 242 -8.67 -9.88 16.35
CA GLU C 242 -9.41 -10.18 17.56
C GLU C 242 -8.90 -9.30 18.69
N ASP C 243 -9.80 -8.95 19.59
CA ASP C 243 -9.44 -8.24 20.83
C ASP C 243 -8.99 -9.27 21.86
N LEU C 244 -7.85 -9.89 21.57
CA LEU C 244 -7.39 -11.06 22.31
C LEU C 244 -6.61 -10.65 23.56
N GLN C 245 -6.35 -11.65 24.41
CA GLN C 245 -5.62 -11.46 25.65
C GLN C 245 -4.12 -11.51 25.40
N ILE C 246 -3.42 -10.47 25.86
CA ILE C 246 -1.98 -10.33 25.64
C ILE C 246 -1.33 -9.95 26.97
N ARG C 247 -0.18 -10.56 27.26
CA ARG C 247 0.61 -10.19 28.43
C ARG C 247 2.07 -9.99 28.04
N PHE C 248 2.69 -8.97 28.62
CA PHE C 248 4.13 -8.78 28.56
C PHE C 248 4.75 -9.33 29.84
N ARG C 249 5.75 -10.20 29.70
CA ARG C 249 6.45 -10.74 30.85
C ARG C 249 7.94 -10.54 30.70
N PRO C 250 8.64 -10.31 31.81
CA PRO C 250 10.09 -10.07 31.75
C PRO C 250 10.84 -11.28 31.20
N SER C 251 11.90 -10.99 30.45
CA SER C 251 12.76 -12.01 29.89
C SER C 251 14.17 -11.44 29.82
N TYR C 252 15.03 -12.05 29.01
CA TYR C 252 16.39 -11.58 28.87
C TYR C 252 16.89 -11.83 27.46
N PHE C 253 17.53 -10.81 26.88
CA PHE C 253 18.27 -10.93 25.65
C PHE C 253 19.50 -10.05 25.83
N PRO C 254 20.67 -10.49 25.36
CA PRO C 254 21.88 -9.68 25.56
C PRO C 254 21.84 -8.34 24.86
N PHE C 255 20.98 -8.17 23.85
CA PHE C 255 20.94 -6.96 23.05
C PHE C 255 19.79 -6.03 23.41
N THR C 256 19.00 -6.37 24.42
CA THR C 256 17.92 -5.50 24.89
C THR C 256 17.92 -5.44 26.41
N GLU C 257 17.47 -4.30 26.94
CA GLU C 257 17.41 -4.04 28.38
C GLU C 257 16.60 -2.77 28.62
N PRO C 258 15.37 -2.87 29.15
CA PRO C 258 14.67 -4.09 29.58
C PRO C 258 14.25 -4.98 28.41
N SER C 259 14.07 -6.27 28.69
CA SER C 259 13.63 -7.25 27.70
C SER C 259 12.29 -7.83 28.11
N ALA C 260 11.57 -8.38 27.14
CA ALA C 260 10.25 -8.92 27.39
C ALA C 260 9.95 -10.01 26.39
N GLU C 261 8.98 -10.85 26.74
CA GLU C 261 8.38 -11.81 25.82
C GLU C 261 6.86 -11.65 25.90
N VAL C 262 6.20 -11.83 24.76
CA VAL C 262 4.78 -11.55 24.63
C VAL C 262 4.05 -12.85 24.41
N ASP C 263 2.97 -13.05 25.17
CA ASP C 263 2.12 -14.23 25.05
C ASP C 263 0.71 -13.82 24.67
N VAL C 264 0.03 -14.69 23.93
CA VAL C 264 -1.39 -14.56 23.67
C VAL C 264 -2.10 -15.75 24.30
N MET C 265 -3.31 -15.51 24.79
CA MET C 265 -4.13 -16.57 25.38
C MET C 265 -4.68 -17.44 24.25
N GLY C 266 -4.22 -18.68 24.19
CA GLY C 266 -4.67 -19.60 23.16
C GLY C 266 -6.09 -20.08 23.41
N LYS C 267 -6.66 -20.69 22.38
CA LYS C 267 -7.99 -21.27 22.50
C LYS C 267 -8.02 -22.40 23.52
N ASN C 268 -6.89 -23.06 23.74
CA ASN C 268 -6.80 -24.12 24.73
C ASN C 268 -6.67 -23.58 26.16
N GLY C 269 -6.69 -22.27 26.34
CA GLY C 269 -6.65 -21.66 27.66
C GLY C 269 -5.26 -21.47 28.25
N LYS C 270 -4.21 -21.82 27.52
CA LYS C 270 -2.84 -21.67 28.01
C LYS C 270 -2.13 -20.55 27.26
N TRP C 271 -1.25 -19.85 27.96
CA TRP C 271 -0.44 -18.80 27.35
C TRP C 271 0.49 -19.40 26.30
N LEU C 272 0.67 -18.68 25.20
CA LEU C 272 1.49 -19.13 24.09
C LEU C 272 2.47 -18.04 23.69
N GLU C 273 3.76 -18.36 23.68
CA GLU C 273 4.80 -17.39 23.36
C GLU C 273 4.80 -17.13 21.86
N VAL C 274 4.84 -15.84 21.47
CA VAL C 274 4.78 -15.47 20.06
C VAL C 274 5.88 -14.47 19.73
N LEU C 275 6.24 -13.62 20.70
CA LEU C 275 7.17 -12.53 20.46
C LEU C 275 8.23 -12.45 21.55
N GLY C 276 9.40 -11.96 21.16
CA GLY C 276 10.38 -11.42 22.08
C GLY C 276 10.70 -10.00 21.68
N CYS C 277 11.02 -9.17 22.67
CA CYS C 277 11.22 -7.76 22.41
C CYS C 277 12.03 -7.13 23.55
N GLY C 278 12.22 -5.83 23.45
CA GLY C 278 12.91 -5.08 24.49
C GLY C 278 13.47 -3.79 23.94
N MET C 279 13.98 -2.97 24.85
CA MET C 279 14.61 -1.71 24.50
C MET C 279 16.07 -1.96 24.14
N VAL C 280 16.52 -1.37 23.02
CA VAL C 280 17.85 -1.68 22.49
C VAL C 280 18.92 -1.39 23.54
N HIS C 281 19.85 -2.33 23.70
CA HIS C 281 20.88 -2.19 24.71
C HIS C 281 21.80 -1.02 24.36
N PRO C 282 22.19 -0.21 25.35
CA PRO C 282 23.06 0.94 25.03
C PRO C 282 24.37 0.56 24.37
N ASN C 283 24.91 -0.64 24.63
CA ASN C 283 26.15 -1.04 23.98
C ASN C 283 25.93 -1.35 22.51
N VAL C 284 24.78 -1.93 22.17
CA VAL C 284 24.46 -2.17 20.77
C VAL C 284 24.39 -0.86 20.01
N LEU C 285 23.75 0.16 20.59
CA LEU C 285 23.70 1.47 19.96
C LEU C 285 25.09 2.10 19.90
N ARG C 286 25.81 2.07 21.02
CA ARG C 286 27.16 2.64 21.05
C ARG C 286 28.07 1.97 20.03
N ASN C 287 27.89 0.67 19.81
CA ASN C 287 28.77 -0.04 18.90
C ASN C 287 28.54 0.37 17.46
N VAL C 288 27.31 0.76 17.10
CA VAL C 288 27.00 1.21 15.76
C VAL C 288 26.99 2.74 15.68
N GLY C 289 27.63 3.42 16.62
CA GLY C 289 27.79 4.86 16.52
C GLY C 289 26.54 5.69 16.78
N ILE C 290 25.64 5.20 17.63
CA ILE C 290 24.42 5.92 17.99
C ILE C 290 24.44 6.17 19.49
N ASP C 291 24.14 7.40 19.88
CA ASP C 291 24.31 7.84 21.27
C ASP C 291 23.08 7.43 22.07
N PRO C 292 23.22 6.56 23.08
CA PRO C 292 22.05 6.22 23.91
C PRO C 292 21.57 7.36 24.78
N GLU C 293 22.39 8.39 25.00
CA GLU C 293 21.92 9.55 25.75
C GLU C 293 20.98 10.41 24.94
N VAL C 294 21.06 10.34 23.61
CA VAL C 294 20.20 11.11 22.73
C VAL C 294 19.05 10.26 22.19
N TYR C 295 19.35 9.06 21.71
CA TYR C 295 18.36 8.21 21.07
C TYR C 295 18.08 6.97 21.91
N SER C 296 16.89 6.42 21.70
CA SER C 296 16.49 5.14 22.26
C SER C 296 15.73 4.37 21.19
N GLY C 297 15.42 3.11 21.49
CA GLY C 297 14.68 2.32 20.53
C GLY C 297 14.26 0.99 21.14
N PHE C 298 13.37 0.31 20.41
CA PHE C 298 12.98 -1.05 20.74
C PHE C 298 13.08 -1.93 19.50
N ALA C 299 13.15 -3.24 19.74
CA ALA C 299 13.24 -4.23 18.68
C ALA C 299 12.41 -5.44 19.06
N PHE C 300 11.99 -6.21 18.06
CA PHE C 300 11.19 -7.39 18.33
C PHE C 300 11.52 -8.46 17.30
N GLY C 301 11.21 -9.70 17.67
CA GLY C 301 11.43 -10.84 16.79
C GLY C 301 10.34 -11.87 17.00
N MET C 302 10.02 -12.59 15.93
CA MET C 302 8.93 -13.55 15.97
C MET C 302 9.09 -14.57 14.85
N GLY C 303 8.76 -15.82 15.15
CA GLY C 303 8.78 -16.86 14.14
C GLY C 303 7.53 -16.82 13.28
N MET C 304 7.71 -17.05 11.97
CA MET C 304 6.59 -16.97 11.06
C MET C 304 5.80 -18.27 11.00
N GLU C 305 6.48 -19.41 11.16
CA GLU C 305 5.79 -20.69 11.16
C GLU C 305 4.81 -20.78 12.32
N ARG C 306 5.27 -20.42 13.52
CA ARG C 306 4.41 -20.49 14.69
C ARG C 306 3.19 -19.58 14.55
N LEU C 307 3.40 -18.36 14.06
CA LEU C 307 2.26 -17.45 13.87
C LEU C 307 1.37 -17.92 12.73
N THR C 308 1.92 -18.61 11.74
CA THR C 308 1.10 -19.17 10.68
C THR C 308 0.27 -20.34 11.20
N MET C 309 0.85 -21.16 12.07
CA MET C 309 0.10 -22.27 12.66
C MET C 309 -1.07 -21.76 13.49
N LEU C 310 -0.82 -20.74 14.30
CA LEU C 310 -1.89 -20.19 15.13
C LEU C 310 -2.96 -19.51 14.29
N ARG C 311 -2.56 -18.91 13.16
CA ARG C 311 -3.51 -18.14 12.36
C ARG C 311 -4.44 -19.05 11.58
N TYR C 312 -3.92 -20.11 10.96
CA TYR C 312 -4.69 -20.94 10.06
C TYR C 312 -4.99 -22.32 10.61
N GLY C 313 -4.48 -22.66 11.78
CA GLY C 313 -4.75 -23.97 12.36
C GLY C 313 -3.91 -25.10 11.81
N VAL C 314 -2.65 -24.85 11.52
CA VAL C 314 -1.73 -25.91 11.11
C VAL C 314 -1.18 -26.60 12.35
N THR C 315 -1.30 -27.93 12.40
CA THR C 315 -0.98 -28.68 13.61
C THR C 315 0.48 -29.09 13.67
N ASP C 316 1.07 -29.52 12.55
CA ASP C 316 2.44 -29.98 12.52
C ASP C 316 3.28 -29.00 11.72
N LEU C 317 4.37 -28.52 12.33
CA LEU C 317 5.22 -27.52 11.70
C LEU C 317 6.00 -28.08 10.52
N ARG C 318 6.28 -29.39 10.52
CA ARG C 318 7.09 -29.98 9.47
C ARG C 318 6.41 -29.98 8.11
N SER C 319 5.08 -29.90 8.08
CA SER C 319 4.37 -29.89 6.81
C SER C 319 4.54 -28.58 6.04
N PHE C 320 5.11 -27.55 6.67
CA PHE C 320 5.48 -26.35 5.93
C PHE C 320 6.58 -26.62 4.92
N PHE C 321 7.49 -27.55 5.23
CA PHE C 321 8.63 -27.83 4.37
C PHE C 321 8.56 -29.20 3.71
N GLU C 322 7.46 -29.93 3.88
CA GLU C 322 7.24 -31.12 3.04
C GLU C 322 6.65 -30.72 1.69
N ASN C 323 5.94 -29.59 1.64
CA ASN C 323 5.42 -29.03 0.40
C ASN C 323 4.51 -30.02 -0.33
N ASP C 324 3.64 -30.67 0.44
CA ASP C 324 2.59 -31.48 -0.16
C ASP C 324 1.60 -30.57 -0.87
N LEU C 325 1.39 -30.82 -2.17
CA LEU C 325 0.51 -29.96 -2.95
C LEU C 325 -0.90 -29.90 -2.37
N ARG C 326 -1.40 -31.00 -1.81
CA ARG C 326 -2.72 -30.97 -1.18
C ARG C 326 -2.75 -30.07 0.04
N PHE C 327 -1.60 -29.81 0.65
CA PHE C 327 -1.48 -28.88 1.77
C PHE C 327 -1.31 -27.44 1.29
N LEU C 328 -0.57 -27.22 0.21
CA LEU C 328 -0.33 -25.85 -0.25
C LEU C 328 -1.55 -25.26 -0.93
N LYS C 329 -2.34 -26.09 -1.62
CA LYS C 329 -3.52 -25.59 -2.32
C LYS C 329 -4.55 -25.00 -1.36
N GLN C 330 -4.52 -25.40 -0.09
CA GLN C 330 -5.48 -24.90 0.89
C GLN C 330 -5.31 -23.41 1.18
N PHE C 331 -4.22 -22.79 0.74
CA PHE C 331 -3.93 -21.40 1.07
C PHE C 331 -3.93 -20.49 -0.16
N LYS C 332 -4.64 -20.88 -1.22
CA LYS C 332 -4.70 -20.07 -2.44
C LYS C 332 -5.21 -18.65 -2.18
N MET D 1 15.83 -25.53 36.15
CA MET D 1 15.82 -25.50 37.60
C MET D 1 14.49 -26.01 38.16
N LYS D 2 14.53 -27.16 38.82
CA LYS D 2 13.37 -27.69 39.54
C LYS D 2 13.53 -27.41 41.03
N PHE D 3 12.39 -27.25 41.70
CA PHE D 3 12.41 -27.05 43.15
C PHE D 3 11.04 -27.39 43.72
N SER D 4 11.04 -27.70 45.01
CA SER D 4 9.81 -28.01 45.74
C SER D 4 9.16 -26.72 46.20
N GLU D 5 7.84 -26.62 45.99
CA GLU D 5 7.11 -25.43 46.40
C GLU D 5 7.11 -25.27 47.93
N LEU D 6 6.97 -26.39 48.66
CA LEU D 6 6.96 -26.31 50.11
C LEU D 6 8.34 -25.92 50.66
N TRP D 7 9.41 -26.40 50.03
CA TRP D 7 10.74 -25.98 50.46
C TRP D 7 10.93 -24.49 50.27
N LEU D 8 10.43 -23.95 49.16
CA LEU D 8 10.49 -22.50 48.94
C LEU D 8 9.66 -21.77 49.97
N ARG D 9 8.51 -22.33 50.36
CA ARG D 9 7.65 -21.68 51.32
C ARG D 9 8.20 -21.74 52.74
N GLU D 10 9.28 -22.49 52.99
CA GLU D 10 9.98 -22.37 54.26
C GLU D 10 10.82 -21.09 54.32
N TRP D 11 11.18 -20.53 53.16
CA TRP D 11 11.92 -19.28 53.09
C TRP D 11 11.00 -18.08 52.96
N VAL D 12 9.96 -18.20 52.15
CA VAL D 12 8.96 -17.15 51.97
C VAL D 12 7.64 -17.81 51.60
N ASN D 13 6.59 -17.49 52.35
CA ASN D 13 5.29 -18.15 52.25
C ASN D 13 4.20 -17.11 52.01
N PRO D 14 4.09 -16.59 50.78
CA PRO D 14 3.04 -15.61 50.50
C PRO D 14 1.65 -16.24 50.59
N ALA D 15 0.66 -15.41 50.93
CA ALA D 15 -0.72 -15.87 51.08
C ALA D 15 -1.42 -15.96 49.72
N ILE D 16 -0.81 -16.77 48.84
CA ILE D 16 -1.37 -17.04 47.52
C ILE D 16 -1.21 -18.53 47.24
N ASP D 17 -2.05 -19.06 46.35
CA ASP D 17 -2.03 -20.49 46.07
C ASP D 17 -0.93 -20.82 45.07
N SER D 18 -0.84 -22.11 44.70
CA SER D 18 0.23 -22.56 43.82
C SER D 18 0.16 -21.88 42.45
N ASP D 19 -1.05 -21.76 41.90
CA ASP D 19 -1.19 -21.16 40.58
C ASP D 19 -0.72 -19.71 40.58
N ALA D 20 -1.15 -18.95 41.60
CA ALA D 20 -0.73 -17.56 41.70
C ALA D 20 0.78 -17.44 41.95
N LEU D 21 1.37 -18.45 42.57
CA LEU D 21 2.82 -18.43 42.79
C LEU D 21 3.57 -18.66 41.49
N ALA D 22 3.19 -19.70 40.74
CA ALA D 22 3.86 -19.97 39.47
C ALA D 22 3.73 -18.81 38.51
N ASN D 23 2.54 -18.21 38.44
CA ASN D 23 2.36 -17.04 37.59
C ASN D 23 3.21 -15.87 38.08
N GLN D 24 3.35 -15.73 39.40
CA GLN D 24 4.19 -14.69 39.95
C GLN D 24 5.66 -14.92 39.60
N ILE D 25 6.11 -16.17 39.62
CA ILE D 25 7.49 -16.48 39.27
C ILE D 25 7.73 -16.19 37.79
N THR D 26 6.78 -16.54 36.93
CA THR D 26 6.91 -16.25 35.50
C THR D 26 6.97 -14.74 35.26
N MET D 27 6.09 -13.98 35.91
CA MET D 27 6.07 -12.53 35.72
C MET D 27 7.27 -11.83 36.35
N ALA D 28 8.14 -12.57 37.03
CA ALA D 28 9.42 -12.06 37.52
C ALA D 28 10.53 -12.24 36.51
N GLY D 29 10.29 -12.95 35.42
CA GLY D 29 11.31 -13.29 34.46
C GLY D 29 11.84 -14.70 34.56
N LEU D 30 11.26 -15.52 35.45
CA LEU D 30 11.64 -16.92 35.62
C LEU D 30 10.47 -17.76 35.11
N GLU D 31 10.48 -18.07 33.81
CA GLU D 31 9.34 -18.73 33.18
C GLU D 31 9.20 -20.16 33.69
N VAL D 32 8.04 -20.45 34.29
CA VAL D 32 7.77 -21.82 34.71
C VAL D 32 7.42 -22.66 33.49
N ASP D 33 8.05 -23.84 33.38
CA ASP D 33 7.75 -24.75 32.29
C ASP D 33 6.74 -25.82 32.69
N GLY D 34 6.56 -26.05 33.99
CA GLY D 34 5.59 -27.01 34.46
C GLY D 34 5.49 -27.04 35.98
N VAL D 35 4.33 -27.45 36.48
CA VAL D 35 4.10 -27.62 37.91
C VAL D 35 3.50 -29.01 38.08
N GLU D 36 4.24 -29.91 38.72
CA GLU D 36 3.80 -31.29 38.84
C GLU D 36 3.68 -31.70 40.31
N PRO D 37 2.68 -32.49 40.65
CA PRO D 37 2.61 -33.04 42.02
C PRO D 37 3.79 -33.96 42.28
N VAL D 38 4.25 -33.97 43.54
CA VAL D 38 5.40 -34.78 43.91
C VAL D 38 5.05 -36.24 44.09
N ALA D 39 3.77 -36.58 44.13
CA ALA D 39 3.33 -37.95 44.30
C ALA D 39 2.03 -38.13 43.54
N GLY D 40 1.65 -39.40 43.37
CA GLY D 40 0.37 -39.72 42.80
C GLY D 40 -0.77 -39.31 43.72
N SER D 41 -1.98 -39.54 43.21
CA SER D 41 -3.20 -39.22 43.94
C SER D 41 -3.74 -40.49 44.59
N PHE D 42 -4.04 -40.41 45.88
CA PHE D 42 -4.55 -41.56 46.62
C PHE D 42 -5.05 -41.06 47.96
N HIS D 43 -5.77 -41.95 48.66
CA HIS D 43 -6.21 -41.69 50.02
C HIS D 43 -6.24 -43.00 50.78
N GLY D 44 -6.28 -42.91 52.10
CA GLY D 44 -6.38 -44.09 52.93
C GLY D 44 -5.08 -44.85 53.13
N VAL D 45 -3.94 -44.20 52.94
CA VAL D 45 -2.63 -44.80 53.23
C VAL D 45 -2.08 -44.12 54.47
N VAL D 46 -1.74 -44.92 55.49
CA VAL D 46 -1.29 -44.40 56.77
C VAL D 46 0.02 -45.08 57.15
N VAL D 47 0.72 -44.47 58.12
CA VAL D 47 1.91 -45.09 58.66
C VAL D 47 1.53 -46.40 59.36
N GLY D 48 2.51 -47.28 59.52
CA GLY D 48 2.28 -48.53 60.20
C GLY D 48 3.57 -49.17 60.65
N GLU D 49 3.43 -50.15 61.53
CA GLU D 49 4.55 -50.96 61.99
C GLU D 49 4.16 -52.43 61.92
N VAL D 50 4.97 -53.21 61.22
CA VAL D 50 4.81 -54.66 61.22
C VAL D 50 5.28 -55.18 62.57
N VAL D 51 4.36 -55.82 63.30
CA VAL D 51 4.68 -56.36 64.61
C VAL D 51 5.31 -57.74 64.48
N GLU D 52 4.62 -58.66 63.80
CA GLU D 52 5.13 -60.00 63.55
C GLU D 52 5.30 -60.21 62.06
N CYS D 53 6.30 -61.02 61.70
CA CYS D 53 6.59 -61.32 60.30
C CYS D 53 7.03 -62.77 60.20
N ALA D 54 6.24 -63.59 59.51
CA ALA D 54 6.49 -65.01 59.42
C ALA D 54 6.47 -65.44 57.95
N GLN D 55 6.90 -66.68 57.72
CA GLN D 55 6.90 -67.25 56.38
C GLN D 55 5.48 -67.60 55.95
N HIS D 56 5.16 -67.32 54.70
CA HIS D 56 3.88 -67.73 54.14
C HIS D 56 3.84 -69.25 54.06
N PRO D 57 2.83 -69.91 54.64
CA PRO D 57 2.83 -71.37 54.67
C PRO D 57 2.68 -72.03 53.31
N ASN D 58 2.11 -71.34 52.31
CA ASN D 58 1.85 -71.95 51.02
C ASN D 58 2.46 -71.18 49.86
N ALA D 59 3.37 -70.25 50.13
CA ALA D 59 4.06 -69.49 49.09
C ALA D 59 5.49 -69.26 49.56
N ASP D 60 6.46 -69.68 48.74
CA ASP D 60 7.86 -69.71 49.18
C ASP D 60 8.38 -68.30 49.47
N LYS D 61 8.18 -67.37 48.54
CA LYS D 61 8.75 -66.03 48.65
C LYS D 61 7.73 -64.99 49.13
N LEU D 62 6.73 -65.41 49.89
CA LEU D 62 5.78 -64.50 50.50
C LEU D 62 5.92 -64.53 52.01
N ARG D 63 5.44 -63.47 52.65
CA ARG D 63 5.43 -63.36 54.10
C ARG D 63 4.04 -63.00 54.57
N VAL D 64 3.69 -63.50 55.76
CA VAL D 64 2.44 -63.15 56.43
C VAL D 64 2.82 -62.34 57.67
N THR D 65 2.18 -61.19 57.85
CA THR D 65 2.59 -60.24 58.86
C THR D 65 1.38 -59.77 59.67
N LYS D 66 1.69 -59.29 60.88
CA LYS D 66 0.75 -58.57 61.72
C LYS D 66 1.20 -57.11 61.75
N VAL D 67 0.30 -56.21 61.36
CA VAL D 67 0.65 -54.81 61.16
C VAL D 67 -0.18 -53.96 62.12
N ASN D 68 0.49 -53.05 62.82
CA ASN D 68 -0.15 -52.11 63.72
C ASN D 68 -0.30 -50.76 63.03
N VAL D 69 -1.53 -50.24 63.02
CA VAL D 69 -1.81 -48.96 62.39
C VAL D 69 -2.57 -48.07 63.37
N GLY D 70 -2.46 -48.37 64.66
CA GLY D 70 -3.16 -47.61 65.67
C GLY D 70 -4.64 -47.89 65.79
N GLY D 71 -5.14 -48.89 65.08
CA GLY D 71 -6.56 -49.24 65.13
C GLY D 71 -6.92 -50.02 66.37
N ASP D 72 -8.08 -50.66 66.31
CA ASP D 72 -8.55 -51.43 67.46
C ASP D 72 -7.78 -52.74 67.59
N ARG D 73 -7.44 -53.36 66.45
CA ARG D 73 -6.70 -54.61 66.43
C ARG D 73 -5.61 -54.53 65.37
N LEU D 74 -4.69 -55.50 65.42
CA LEU D 74 -3.67 -55.62 64.40
C LEU D 74 -4.27 -56.13 63.10
N LEU D 75 -3.64 -55.77 61.99
CA LEU D 75 -4.11 -56.16 60.66
C LEU D 75 -3.28 -57.32 60.13
N ASP D 76 -3.95 -58.22 59.41
CA ASP D 76 -3.28 -59.28 58.69
C ASP D 76 -2.99 -58.81 57.26
N ILE D 77 -1.72 -58.78 56.89
CA ILE D 77 -1.30 -58.31 55.57
C ILE D 77 -0.26 -59.27 55.01
N VAL D 78 -0.43 -59.67 53.75
CA VAL D 78 0.52 -60.50 53.05
C VAL D 78 1.44 -59.59 52.24
N CYS D 79 2.73 -59.90 52.23
CA CYS D 79 3.70 -59.10 51.50
C CYS D 79 4.78 -60.00 50.94
N GLY D 80 5.27 -59.65 49.75
CA GLY D 80 6.33 -60.41 49.11
C GLY D 80 7.56 -59.59 48.82
N ALA D 81 7.67 -58.43 49.45
CA ALA D 81 8.85 -57.59 49.27
C ALA D 81 10.05 -58.22 49.99
N PRO D 82 11.22 -58.23 49.35
CA PRO D 82 12.39 -58.89 49.98
C PRO D 82 12.86 -58.20 51.25
N ASN D 83 12.50 -56.94 51.47
CA ASN D 83 12.95 -56.19 52.65
C ASN D 83 11.93 -56.18 53.77
N CYS D 84 10.76 -56.79 53.58
CA CYS D 84 9.77 -56.88 54.64
C CYS D 84 10.32 -57.72 55.80
N ARG D 85 10.41 -57.11 56.98
CA ARG D 85 10.96 -57.78 58.15
C ARG D 85 10.20 -57.31 59.40
N GLN D 86 10.64 -57.82 60.56
CA GLN D 86 9.81 -57.77 61.76
C GLN D 86 9.75 -56.39 62.40
N GLY D 87 10.77 -55.55 62.24
CA GLY D 87 10.76 -54.29 62.95
C GLY D 87 10.68 -53.04 62.09
N LEU D 88 9.84 -53.07 61.06
CA LEU D 88 9.84 -52.03 60.04
C LEU D 88 8.69 -51.03 60.27
N ARG D 89 8.96 -49.78 59.93
CA ARG D 89 7.93 -48.75 59.83
C ARG D 89 7.58 -48.58 58.36
N VAL D 90 6.30 -48.77 58.02
CA VAL D 90 5.87 -48.91 56.63
C VAL D 90 4.68 -48.00 56.37
N ALA D 91 4.35 -47.87 55.09
CA ALA D 91 3.17 -47.15 54.63
C ALA D 91 2.10 -48.17 54.29
N VAL D 92 1.00 -48.16 55.04
CA VAL D 92 -0.02 -49.19 54.95
C VAL D 92 -1.23 -48.64 54.19
N ALA D 93 -1.54 -49.25 53.05
CA ALA D 93 -2.77 -48.95 52.34
C ALA D 93 -3.88 -49.80 52.93
N THR D 94 -4.78 -49.18 53.70
CA THR D 94 -5.81 -49.91 54.42
C THR D 94 -6.98 -50.23 53.51
N ILE D 95 -7.94 -50.98 54.05
CA ILE D 95 -9.14 -51.34 53.31
C ILE D 95 -9.97 -50.10 53.06
N GLY D 96 -10.43 -49.93 51.83
CA GLY D 96 -11.14 -48.75 51.41
C GLY D 96 -10.26 -47.72 50.71
N ALA D 97 -8.95 -47.87 50.81
CA ALA D 97 -8.04 -46.94 50.16
C ALA D 97 -8.06 -47.12 48.65
N VAL D 98 -7.86 -46.02 47.93
CA VAL D 98 -7.76 -46.03 46.48
C VAL D 98 -6.39 -45.50 46.11
N LEU D 99 -5.61 -46.32 45.43
CA LEU D 99 -4.27 -45.96 44.98
C LEU D 99 -4.34 -45.34 43.60
N PRO D 100 -3.22 -44.80 43.10
CA PRO D 100 -3.21 -44.25 41.74
C PRO D 100 -3.69 -45.26 40.71
N GLY D 101 -4.57 -44.79 39.83
CA GLY D 101 -5.21 -45.65 38.85
C GLY D 101 -6.57 -46.18 39.23
N ASP D 102 -7.24 -45.57 40.23
CA ASP D 102 -8.52 -46.05 40.73
C ASP D 102 -8.41 -47.52 41.16
N PHE D 103 -7.36 -47.81 41.92
CA PHE D 103 -7.06 -49.16 42.41
C PHE D 103 -7.54 -49.23 43.86
N LYS D 104 -8.75 -49.75 44.06
CA LYS D 104 -9.33 -49.81 45.39
C LYS D 104 -8.81 -51.01 46.16
N ILE D 105 -8.44 -50.80 47.42
CA ILE D 105 -7.91 -51.85 48.28
C ILE D 105 -9.06 -52.51 49.02
N LYS D 106 -9.25 -53.81 48.78
CA LYS D 106 -10.28 -54.59 49.44
C LYS D 106 -9.64 -55.77 50.16
N ALA D 107 -10.34 -56.28 51.17
CA ALA D 107 -9.90 -57.50 51.85
C ALA D 107 -9.96 -58.67 50.89
N ALA D 108 -8.91 -59.50 50.92
CA ALA D 108 -8.83 -60.65 50.01
C ALA D 108 -7.78 -61.61 50.55
N LYS D 109 -7.74 -62.79 49.94
CA LYS D 109 -6.73 -63.79 50.23
C LYS D 109 -5.68 -63.79 49.13
N LEU D 110 -4.42 -63.94 49.52
CA LEU D 110 -3.31 -64.07 48.59
C LEU D 110 -2.65 -65.42 48.83
N ARG D 111 -2.83 -66.34 47.89
CA ARG D 111 -2.30 -67.70 47.98
C ARG D 111 -2.78 -68.41 49.26
N GLY D 112 -4.00 -68.12 49.70
CA GLY D 112 -4.60 -68.80 50.83
C GLY D 112 -4.68 -67.97 52.10
N GLU D 113 -3.72 -67.05 52.31
CA GLU D 113 -3.74 -66.33 53.57
C GLU D 113 -4.48 -65.01 53.44
N PRO D 114 -5.17 -64.56 54.49
CA PRO D 114 -5.92 -63.31 54.42
C PRO D 114 -5.01 -62.10 54.41
N SER D 115 -5.45 -61.05 53.70
CA SER D 115 -4.72 -59.79 53.65
C SER D 115 -5.73 -58.66 53.76
N GLU D 116 -5.64 -57.88 54.83
CA GLU D 116 -6.54 -56.76 55.09
C GLU D 116 -5.86 -55.42 54.81
N GLY D 117 -5.11 -55.35 53.73
CA GLY D 117 -4.38 -54.14 53.39
C GLY D 117 -3.22 -54.47 52.49
N MET D 118 -2.26 -53.53 52.42
CA MET D 118 -1.13 -53.66 51.52
C MET D 118 0.00 -52.76 52.00
N LEU D 119 1.21 -53.29 52.00
CA LEU D 119 2.39 -52.49 52.30
C LEU D 119 2.93 -51.91 50.99
N CYS D 120 3.17 -50.60 50.98
CA CYS D 120 3.37 -49.85 49.75
C CYS D 120 4.85 -49.61 49.46
N SER D 121 5.16 -49.58 48.16
CA SER D 121 6.43 -49.08 47.66
C SER D 121 6.26 -47.65 47.16
N PHE D 122 7.40 -47.00 46.89
CA PHE D 122 7.34 -45.64 46.35
C PHE D 122 6.67 -45.63 44.99
N SER D 123 6.91 -46.66 44.18
CA SER D 123 6.33 -46.72 42.84
C SER D 123 4.81 -46.81 42.89
N GLU D 124 4.29 -47.66 43.79
CA GLU D 124 2.84 -47.82 43.88
C GLU D 124 2.16 -46.54 44.35
N LEU D 125 2.85 -45.71 45.12
CA LEU D 125 2.32 -44.43 45.55
C LEU D 125 2.59 -43.31 44.56
N GLY D 126 3.30 -43.59 43.47
CA GLY D 126 3.58 -42.56 42.48
C GLY D 126 4.62 -41.57 42.91
N ILE D 127 5.47 -41.92 43.86
CA ILE D 127 6.49 -41.01 44.37
C ILE D 127 7.76 -41.07 43.53
N SER D 128 8.21 -42.27 43.19
CA SER D 128 9.36 -42.44 42.30
C SER D 128 9.21 -43.77 41.59
N ASP D 129 10.28 -44.21 40.93
CA ASP D 129 10.27 -45.48 40.23
C ASP D 129 10.85 -46.61 41.07
N ASP D 130 10.99 -46.42 42.37
CA ASP D 130 11.55 -47.42 43.26
C ASP D 130 10.49 -48.49 43.51
N HIS D 131 10.67 -49.66 42.89
CA HIS D 131 9.80 -50.81 43.10
C HIS D 131 10.60 -52.02 43.56
N SER D 132 11.81 -51.81 44.08
CA SER D 132 12.65 -52.90 44.52
C SER D 132 12.18 -53.49 45.84
N GLY D 133 11.50 -52.70 46.67
CA GLY D 133 11.02 -53.20 47.93
C GLY D 133 9.96 -52.29 48.52
N ILE D 134 9.67 -52.51 49.79
CA ILE D 134 8.63 -51.75 50.48
C ILE D 134 9.26 -50.51 51.11
N ILE D 135 8.46 -49.45 51.24
CA ILE D 135 8.93 -48.22 51.84
C ILE D 135 9.35 -48.48 53.28
N GLU D 136 10.54 -48.02 53.64
CA GLU D 136 11.04 -48.05 55.01
C GLU D 136 11.03 -46.63 55.56
N LEU D 137 10.28 -46.41 56.63
CA LEU D 137 10.12 -45.11 57.25
C LEU D 137 11.06 -44.95 58.43
N PRO D 138 11.33 -43.71 58.86
CA PRO D 138 12.14 -43.52 60.07
C PRO D 138 11.53 -44.22 61.27
N ALA D 139 12.40 -44.67 62.17
CA ALA D 139 11.99 -45.55 63.26
C ALA D 139 10.96 -44.90 64.19
N ASP D 140 10.82 -43.58 64.15
CA ASP D 140 9.88 -42.87 64.99
C ASP D 140 8.71 -42.29 64.19
N ALA D 141 8.30 -42.98 63.14
CA ALA D 141 7.19 -42.49 62.32
C ALA D 141 5.89 -42.65 63.10
N PRO D 142 5.04 -41.62 63.14
CA PRO D 142 3.79 -41.70 63.93
C PRO D 142 2.83 -42.70 63.32
N ILE D 143 2.51 -43.75 64.08
CA ILE D 143 1.83 -44.93 63.55
C ILE D 143 0.47 -44.60 62.95
N GLY D 144 -0.27 -43.66 63.52
CA GLY D 144 -1.60 -43.45 62.98
C GLY D 144 -1.72 -42.43 61.86
N THR D 145 -0.61 -41.80 61.45
CA THR D 145 -0.68 -40.61 60.62
C THR D 145 -0.80 -40.97 59.14
N ASP D 146 -1.56 -40.15 58.40
CA ASP D 146 -1.53 -40.17 56.95
C ASP D 146 -0.12 -39.92 56.46
N ILE D 147 0.37 -40.75 55.54
CA ILE D 147 1.71 -40.54 55.01
C ILE D 147 1.77 -39.30 54.14
N ARG D 148 0.62 -38.83 53.62
CA ARG D 148 0.60 -37.57 52.89
C ARG D 148 0.99 -36.41 53.79
N GLU D 149 0.57 -36.44 55.06
CA GLU D 149 0.98 -35.42 56.02
C GLU D 149 2.38 -35.69 56.54
N TYR D 150 2.69 -36.95 56.84
CA TYR D 150 4.00 -37.27 57.40
C TYR D 150 5.10 -37.07 56.36
N LEU D 151 4.85 -37.47 55.11
CA LEU D 151 5.82 -37.28 54.04
C LEU D 151 5.60 -36.00 53.26
N LYS D 152 4.64 -35.16 53.66
CA LYS D 152 4.41 -33.86 53.04
C LYS D 152 4.17 -33.99 51.54
N LEU D 153 3.26 -34.90 51.17
CA LEU D 153 3.06 -35.23 49.77
C LEU D 153 2.13 -34.27 49.04
N ASP D 154 1.46 -33.36 49.74
CA ASP D 154 0.71 -32.30 49.07
C ASP D 154 1.69 -31.19 48.74
N ASP D 155 2.47 -31.41 47.69
CA ASP D 155 3.57 -30.54 47.31
C ASP D 155 3.76 -30.62 45.80
N ASN D 156 4.36 -29.57 45.25
CA ASN D 156 4.61 -29.49 43.81
C ASN D 156 6.09 -29.26 43.54
N THR D 157 6.56 -29.86 42.45
CA THR D 157 7.85 -29.51 41.88
C THR D 157 7.62 -28.47 40.78
N ILE D 158 8.24 -27.31 40.93
CA ILE D 158 8.11 -26.23 39.98
C ILE D 158 9.38 -26.19 39.13
N GLU D 159 9.22 -26.32 37.82
CA GLU D 159 10.33 -26.24 36.89
C GLU D 159 10.34 -24.88 36.21
N ILE D 160 11.50 -24.21 36.23
CA ILE D 160 11.64 -22.90 35.64
C ILE D 160 12.82 -22.89 34.68
N SER D 161 12.70 -22.08 33.64
CA SER D 161 13.83 -21.78 32.77
C SER D 161 14.49 -20.50 33.27
N VAL D 162 15.79 -20.58 33.53
CA VAL D 162 16.55 -19.45 34.06
C VAL D 162 17.55 -19.04 32.98
N THR D 163 17.34 -17.84 32.41
CA THR D 163 18.20 -17.24 31.38
C THR D 163 19.61 -17.07 31.95
N PRO D 164 20.65 -16.79 31.15
CA PRO D 164 21.99 -16.69 31.75
C PRO D 164 22.14 -15.56 32.75
N ASN D 165 21.48 -14.42 32.55
CA ASN D 165 21.35 -13.47 33.64
C ASN D 165 20.54 -14.11 34.77
N ARG D 166 20.46 -13.42 35.90
CA ARG D 166 19.84 -14.00 37.08
C ARG D 166 20.55 -15.30 37.47
N ALA D 167 21.88 -15.24 37.49
CA ALA D 167 22.68 -16.32 38.02
C ALA D 167 22.39 -16.59 39.49
N ASP D 168 21.68 -15.69 40.15
CA ASP D 168 21.32 -15.81 41.56
C ASP D 168 20.08 -16.65 41.79
N CYS D 169 19.42 -17.13 40.73
CA CYS D 169 18.17 -17.88 40.85
C CYS D 169 18.36 -19.35 40.51
N LEU D 170 19.53 -19.90 40.87
CA LEU D 170 19.84 -21.31 40.64
C LEU D 170 19.95 -22.07 41.95
N GLY D 171 19.26 -21.57 42.98
CA GLY D 171 19.16 -22.20 44.28
C GLY D 171 17.86 -21.79 44.92
N ILE D 172 17.52 -22.45 46.02
CA ILE D 172 16.28 -22.13 46.70
C ILE D 172 16.34 -20.72 47.28
N ILE D 173 17.48 -20.33 47.83
CA ILE D 173 17.60 -19.02 48.48
C ILE D 173 17.38 -17.90 47.48
N GLY D 174 17.87 -18.06 46.25
CA GLY D 174 17.78 -17.00 45.28
C GLY D 174 16.38 -16.85 44.70
N VAL D 175 15.75 -17.97 44.34
CA VAL D 175 14.37 -17.92 43.89
C VAL D 175 13.47 -17.39 44.99
N ALA D 176 13.70 -17.82 46.24
CA ALA D 176 12.88 -17.35 47.34
C ALA D 176 13.10 -15.87 47.61
N ARG D 177 14.33 -15.39 47.44
CA ARG D 177 14.59 -13.96 47.62
C ARG D 177 13.79 -13.14 46.63
N ASP D 178 13.79 -13.53 45.36
CA ASP D 178 13.07 -12.78 44.34
C ASP D 178 11.56 -12.81 44.58
N VAL D 179 11.04 -13.96 45.02
CA VAL D 179 9.62 -14.03 45.38
C VAL D 179 9.33 -13.10 46.57
N ALA D 180 10.30 -12.96 47.48
CA ALA D 180 10.09 -12.14 48.67
C ALA D 180 9.90 -10.67 48.31
N VAL D 181 10.75 -10.14 47.41
CA VAL D 181 10.59 -8.74 47.03
C VAL D 181 9.32 -8.53 46.23
N LEU D 182 8.88 -9.56 45.49
CA LEU D 182 7.65 -9.44 44.72
C LEU D 182 6.43 -9.31 45.61
N ASN D 183 6.42 -10.02 46.75
CA ASN D 183 5.32 -9.96 47.69
C ASN D 183 5.57 -8.99 48.83
N GLN D 184 6.65 -8.21 48.76
CA GLN D 184 7.02 -7.25 49.80
C GLN D 184 7.08 -7.91 51.17
N LEU D 185 7.67 -9.10 51.23
CA LEU D 185 7.82 -9.89 52.45
C LEU D 185 9.29 -10.03 52.81
N PRO D 186 9.61 -10.17 54.09
CA PRO D 186 11.00 -10.48 54.46
C PRO D 186 11.33 -11.93 54.16
N LEU D 187 12.61 -12.21 54.05
CA LEU D 187 13.07 -13.56 53.78
C LEU D 187 13.40 -14.26 55.09
N VAL D 188 12.96 -15.51 55.22
CA VAL D 188 13.20 -16.31 56.41
C VAL D 188 14.33 -17.28 56.09
N GLN D 189 15.48 -17.09 56.74
CA GLN D 189 16.64 -17.92 56.43
C GLN D 189 16.95 -18.87 57.58
N PRO D 190 17.37 -20.09 57.29
CA PRO D 190 17.72 -21.02 58.37
C PRO D 190 18.97 -20.57 59.10
N GLU D 191 19.03 -20.94 60.38
CA GLU D 191 20.22 -20.67 61.18
C GLU D 191 21.29 -21.70 60.85
N ILE D 192 22.37 -21.25 60.23
CA ILE D 192 23.50 -22.11 59.86
C ILE D 192 24.62 -21.80 60.84
N VAL D 193 24.82 -22.70 61.80
CA VAL D 193 25.80 -22.48 62.87
C VAL D 193 27.16 -23.03 62.45
N PRO D 194 28.24 -22.26 62.60
CA PRO D 194 29.58 -22.81 62.35
C PRO D 194 29.85 -24.02 63.23
N VAL D 195 30.62 -24.96 62.69
CA VAL D 195 30.77 -26.26 63.35
C VAL D 195 31.70 -26.18 64.55
N GLY D 196 32.94 -25.76 64.33
CA GLY D 196 33.93 -25.80 65.39
C GLY D 196 34.77 -27.06 65.30
N ALA D 197 36.04 -26.90 64.96
CA ALA D 197 36.89 -28.04 64.72
C ALA D 197 37.21 -28.76 66.02
N THR D 198 37.24 -30.09 65.97
CA THR D 198 37.68 -30.92 67.08
C THR D 198 39.01 -31.61 66.82
N ILE D 199 39.52 -31.50 65.59
CA ILE D 199 40.88 -31.92 65.25
C ILE D 199 41.56 -30.75 64.55
N ASP D 200 42.87 -30.87 64.38
CA ASP D 200 43.67 -29.84 63.72
C ASP D 200 44.14 -30.25 62.33
N ASP D 201 43.66 -31.38 61.82
CA ASP D 201 44.11 -31.90 60.54
C ASP D 201 43.87 -30.89 59.43
N THR D 202 44.88 -30.70 58.59
CA THR D 202 44.78 -29.92 57.37
C THR D 202 45.68 -30.55 56.31
N LEU D 203 45.70 -29.96 55.14
CA LEU D 203 46.69 -30.26 54.12
C LEU D 203 47.05 -28.96 53.41
N PRO D 204 48.26 -28.87 52.86
CA PRO D 204 48.64 -27.64 52.17
C PRO D 204 47.79 -27.41 50.92
N ILE D 205 47.35 -26.16 50.76
CA ILE D 205 46.56 -25.75 49.60
C ILE D 205 47.18 -24.48 49.05
N THR D 206 47.56 -24.51 47.77
CA THR D 206 48.14 -23.36 47.09
C THR D 206 47.37 -23.11 45.80
N VAL D 207 47.01 -21.86 45.57
CA VAL D 207 46.34 -21.47 44.34
C VAL D 207 47.34 -20.74 43.45
N GLU D 208 47.60 -21.31 42.28
CA GLU D 208 48.49 -20.67 41.32
C GLU D 208 47.74 -19.80 40.31
N ALA D 209 46.42 -19.91 40.25
CA ALA D 209 45.58 -19.07 39.40
C ALA D 209 44.60 -18.31 40.28
N PRO D 210 45.07 -17.28 41.00
CA PRO D 210 44.16 -16.54 41.89
C PRO D 210 43.12 -15.73 41.15
N GLU D 211 43.36 -15.37 39.89
CA GLU D 211 42.35 -14.66 39.11
C GLU D 211 41.24 -15.61 38.67
N ALA D 212 41.56 -16.89 38.50
CA ALA D 212 40.54 -17.89 38.16
C ALA D 212 39.83 -18.41 39.41
N CYS D 213 40.53 -18.44 40.54
CA CYS D 213 39.98 -18.90 41.81
C CYS D 213 40.35 -17.91 42.91
N PRO D 214 39.58 -16.83 43.06
CA PRO D 214 39.87 -15.88 44.14
C PRO D 214 39.62 -16.43 45.54
N ARG D 215 38.87 -17.52 45.68
CA ARG D 215 38.60 -18.09 46.98
C ARG D 215 38.45 -19.60 46.85
N TYR D 216 39.18 -20.34 47.67
CA TYR D 216 39.09 -21.80 47.72
C TYR D 216 39.08 -22.21 49.19
N LEU D 217 38.00 -22.85 49.62
CA LEU D 217 37.86 -23.35 50.97
C LEU D 217 38.01 -24.86 50.97
N GLY D 218 38.98 -25.36 51.73
CA GLY D 218 39.15 -26.78 51.96
C GLY D 218 38.93 -27.07 53.43
N ARG D 219 38.49 -28.29 53.72
CA ARG D 219 38.22 -28.71 55.09
C ARG D 219 38.28 -30.22 55.14
N VAL D 220 39.03 -30.75 56.11
CA VAL D 220 39.12 -32.19 56.32
C VAL D 220 37.99 -32.62 57.23
N VAL D 221 37.42 -33.79 56.95
CA VAL D 221 36.50 -34.47 57.85
C VAL D 221 36.99 -35.90 57.99
N LYS D 222 37.40 -36.27 59.20
CA LYS D 222 38.14 -37.49 59.44
C LYS D 222 37.22 -38.59 59.98
N GLY D 223 37.37 -39.80 59.43
CA GLY D 223 36.64 -40.95 59.92
C GLY D 223 35.15 -40.89 59.70
N ILE D 224 34.73 -40.84 58.44
CA ILE D 224 33.31 -40.78 58.10
C ILE D 224 32.89 -42.15 57.55
N ASN D 225 31.59 -42.41 57.65
CA ASN D 225 30.97 -43.63 57.11
C ASN D 225 30.28 -43.26 55.81
N VAL D 226 30.97 -43.46 54.69
CA VAL D 226 30.41 -43.10 53.39
C VAL D 226 29.23 -43.98 53.02
N LYS D 227 29.08 -45.14 53.65
CA LYS D 227 27.96 -46.01 53.38
C LYS D 227 26.73 -45.69 54.22
N ALA D 228 26.79 -44.64 55.04
CA ALA D 228 25.64 -44.29 55.86
C ALA D 228 24.46 -43.92 54.96
N PRO D 229 23.24 -44.25 55.35
CA PRO D 229 22.09 -43.94 54.50
C PRO D 229 21.68 -42.48 54.60
N THR D 230 21.23 -41.94 53.47
CA THR D 230 20.72 -40.58 53.43
C THR D 230 19.34 -40.53 54.09
N PRO D 231 19.11 -39.65 55.06
CA PRO D 231 17.78 -39.58 55.70
C PRO D 231 16.71 -39.25 54.68
N LEU D 232 15.48 -39.70 54.97
CA LEU D 232 14.40 -39.60 53.99
C LEU D 232 14.09 -38.14 53.67
N TRP D 233 14.14 -37.26 54.66
CA TRP D 233 13.81 -35.85 54.41
C TRP D 233 14.75 -35.23 53.39
N MET D 234 16.02 -35.64 53.41
CA MET D 234 16.97 -35.12 52.43
C MET D 234 16.72 -35.74 51.06
N LYS D 235 16.49 -37.06 51.01
CA LYS D 235 16.16 -37.72 49.76
C LYS D 235 14.97 -37.06 49.06
N GLU D 236 13.97 -36.64 49.85
CA GLU D 236 12.77 -36.04 49.26
C GLU D 236 13.06 -34.65 48.72
N LYS D 237 13.85 -33.86 49.44
CA LYS D 237 14.20 -32.53 48.93
C LYS D 237 15.12 -32.63 47.71
N LEU D 238 15.96 -33.67 47.64
CA LEU D 238 16.73 -33.89 46.42
C LEU D 238 15.84 -34.31 45.26
N ARG D 239 14.93 -35.25 45.51
CA ARG D 239 14.09 -35.78 44.44
C ARG D 239 13.17 -34.71 43.88
N ARG D 240 12.56 -33.90 44.75
CA ARG D 240 11.65 -32.87 44.29
C ARG D 240 12.36 -31.71 43.59
N CYS D 241 13.69 -31.78 43.47
CA CYS D 241 14.45 -30.86 42.64
C CYS D 241 15.10 -31.56 41.46
N GLY D 242 14.63 -32.75 41.12
CA GLY D 242 15.13 -33.47 39.97
C GLY D 242 16.47 -34.15 40.14
N ILE D 243 16.90 -34.39 41.38
CA ILE D 243 18.19 -35.03 41.64
C ILE D 243 17.97 -36.33 42.38
N ARG D 244 18.54 -37.42 41.85
CA ARG D 244 18.43 -38.72 42.48
C ARG D 244 19.43 -38.86 43.62
N SER D 245 19.07 -39.69 44.60
CA SER D 245 19.96 -40.01 45.72
C SER D 245 20.97 -41.06 45.30
N ILE D 246 22.25 -40.74 45.43
CA ILE D 246 23.33 -41.66 45.07
C ILE D 246 23.95 -42.23 46.33
N ASP D 247 24.78 -41.44 47.00
CA ASP D 247 25.34 -41.81 48.29
C ASP D 247 25.34 -40.58 49.20
N ALA D 248 25.60 -40.81 50.48
CA ALA D 248 25.36 -39.78 51.49
C ALA D 248 26.21 -38.53 51.26
N VAL D 249 27.42 -38.68 50.72
CA VAL D 249 28.32 -37.54 50.60
C VAL D 249 27.90 -36.63 49.46
N VAL D 250 27.69 -37.19 48.27
CA VAL D 250 27.22 -36.38 47.15
C VAL D 250 25.81 -35.86 47.42
N ASP D 251 24.99 -36.62 48.14
CA ASP D 251 23.65 -36.15 48.48
C ASP D 251 23.72 -34.89 49.34
N VAL D 252 24.70 -34.83 50.25
CA VAL D 252 24.87 -33.63 51.07
C VAL D 252 25.30 -32.45 50.21
N THR D 253 26.35 -32.65 49.39
CA THR D 253 26.84 -31.56 48.56
C THR D 253 25.84 -31.17 47.48
N ASN D 254 25.06 -32.12 46.97
CA ASN D 254 23.98 -31.76 46.06
C ASN D 254 22.86 -31.04 46.78
N TYR D 255 22.64 -31.36 48.07
CA TYR D 255 21.66 -30.62 48.84
C TYR D 255 22.09 -29.17 49.04
N VAL D 256 23.37 -28.95 49.34
CA VAL D 256 23.88 -27.61 49.55
C VAL D 256 23.78 -26.80 48.26
N LEU D 257 24.06 -27.44 47.12
CA LEU D 257 23.91 -26.76 45.84
C LEU D 257 22.48 -26.32 45.60
N LEU D 258 21.52 -27.21 45.88
CA LEU D 258 20.12 -26.86 45.68
C LEU D 258 19.69 -25.75 46.64
N GLU D 259 20.11 -25.82 47.90
CA GLU D 259 19.58 -24.91 48.91
C GLU D 259 20.18 -23.51 48.76
N LEU D 260 21.49 -23.42 48.55
CA LEU D 260 22.19 -22.14 48.55
C LEU D 260 22.71 -21.72 47.20
N GLY D 261 22.68 -22.60 46.19
CA GLY D 261 23.26 -22.30 44.92
C GLY D 261 24.76 -22.49 44.85
N GLN D 262 25.38 -22.99 45.91
CA GLN D 262 26.82 -23.14 45.96
C GLN D 262 27.21 -24.57 45.61
N PRO D 263 27.89 -24.82 44.50
CA PRO D 263 28.42 -26.16 44.24
C PRO D 263 29.60 -26.45 45.14
N MET D 264 29.75 -27.73 45.49
CA MET D 264 30.94 -28.16 46.22
C MET D 264 31.22 -29.61 45.91
N HIS D 265 32.38 -30.07 46.37
CA HIS D 265 32.90 -31.37 45.96
C HIS D 265 33.68 -31.98 47.13
N ALA D 266 33.79 -33.30 47.12
CA ALA D 266 34.51 -34.04 48.14
C ALA D 266 35.58 -34.90 47.48
N PHE D 267 36.82 -34.74 47.91
CA PHE D 267 37.92 -35.58 47.50
C PHE D 267 38.17 -36.66 48.55
N ASP D 268 38.61 -37.83 48.11
CA ASP D 268 39.18 -38.80 49.02
C ASP D 268 40.54 -38.27 49.47
N LYS D 269 40.63 -37.87 50.75
CA LYS D 269 41.87 -37.24 51.22
C LYS D 269 43.04 -38.19 51.10
N ASP D 270 42.84 -39.48 51.35
CA ASP D 270 43.92 -40.44 51.29
C ASP D 270 44.37 -40.76 49.88
N ARG D 271 43.77 -40.15 48.87
CA ARG D 271 44.26 -40.23 47.49
C ARG D 271 44.86 -38.92 47.01
N ILE D 272 44.95 -37.91 47.89
CA ILE D 272 45.64 -36.67 47.57
C ILE D 272 47.11 -36.82 47.95
N GLU D 273 47.99 -36.62 46.98
CA GLU D 273 49.43 -36.75 47.19
C GLU D 273 50.03 -35.38 47.46
N GLY D 274 50.47 -35.16 48.70
CA GLY D 274 51.10 -33.91 49.07
C GLY D 274 50.13 -32.84 49.53
N GLY D 275 49.43 -32.24 48.57
CA GLY D 275 48.50 -31.18 48.89
C GLY D 275 47.61 -30.87 47.71
N ILE D 276 46.97 -29.71 47.76
CA ILE D 276 46.06 -29.27 46.71
C ILE D 276 46.70 -28.10 45.97
N VAL D 277 46.73 -28.19 44.65
CA VAL D 277 47.21 -27.10 43.79
C VAL D 277 46.08 -26.71 42.86
N VAL D 278 45.64 -25.46 42.95
CA VAL D 278 44.66 -24.90 42.05
C VAL D 278 45.41 -24.14 40.97
N ARG D 279 45.45 -24.69 39.75
CA ARG D 279 46.27 -24.14 38.69
C ARG D 279 45.61 -24.37 37.35
N MET D 280 46.13 -23.70 36.32
CA MET D 280 45.77 -24.00 34.96
C MET D 280 46.37 -25.33 34.55
N ALA D 281 45.64 -26.07 33.72
CA ALA D 281 46.18 -27.30 33.16
C ALA D 281 47.35 -26.97 32.23
N LYS D 282 48.30 -27.90 32.16
CA LYS D 282 49.30 -27.82 31.12
C LYS D 282 48.67 -28.15 29.78
N GLU D 283 49.24 -27.61 28.71
CA GLU D 283 48.70 -27.84 27.38
C GLU D 283 48.81 -29.33 27.02
N GLY D 284 47.66 -29.96 26.82
CA GLY D 284 47.61 -31.38 26.52
C GLY D 284 47.49 -32.29 27.72
N GLU D 285 47.49 -31.75 28.93
CA GLU D 285 47.40 -32.59 30.13
C GLU D 285 46.08 -33.37 30.14
N THR D 286 46.18 -34.67 30.36
CA THR D 286 45.03 -35.56 30.30
C THR D 286 44.49 -35.83 31.69
N LEU D 287 43.21 -36.21 31.74
CA LEU D 287 42.55 -36.50 33.00
C LEU D 287 41.37 -37.44 32.74
N VAL D 288 41.33 -38.56 33.46
CA VAL D 288 40.22 -39.49 33.37
C VAL D 288 39.08 -38.97 34.23
N LEU D 289 37.92 -38.78 33.63
CA LEU D 289 36.80 -38.14 34.32
C LEU D 289 36.01 -39.16 35.13
N LEU D 290 35.06 -38.66 35.92
CA LEU D 290 34.27 -39.52 36.78
C LEU D 290 33.44 -40.52 35.98
N ASP D 291 33.10 -40.20 34.73
CA ASP D 291 32.35 -41.12 33.89
C ASP D 291 33.22 -42.17 33.21
N GLY D 292 34.53 -42.18 33.48
CA GLY D 292 35.42 -43.13 32.87
C GLY D 292 36.03 -42.71 31.55
N THR D 293 35.62 -41.56 31.01
CA THR D 293 36.16 -41.08 29.74
C THR D 293 37.33 -40.14 29.99
N GLU D 294 38.23 -40.07 29.02
CA GLU D 294 39.44 -39.27 29.13
C GLU D 294 39.21 -37.88 28.55
N ALA D 295 39.86 -36.89 29.15
CA ALA D 295 39.77 -35.51 28.71
C ALA D 295 41.17 -35.00 28.42
N LYS D 296 41.36 -34.44 27.23
CA LYS D 296 42.63 -33.84 26.83
C LYS D 296 42.47 -32.33 26.94
N LEU D 297 43.13 -31.74 27.94
CA LEU D 297 42.84 -30.38 28.36
C LEU D 297 43.76 -29.37 27.67
N ASN D 298 43.29 -28.13 27.62
CA ASN D 298 44.04 -27.00 27.10
C ASN D 298 44.48 -26.10 28.25
N ALA D 299 45.54 -25.34 28.01
CA ALA D 299 46.17 -24.51 29.04
C ALA D 299 45.28 -23.35 29.52
N ASP D 300 44.04 -23.24 29.07
CA ASP D 300 43.10 -22.24 29.53
C ASP D 300 42.04 -22.82 30.45
N THR D 301 42.21 -24.08 30.86
CA THR D 301 41.24 -24.81 31.66
C THR D 301 41.78 -24.98 33.07
N LEU D 302 40.99 -24.54 34.05
CA LEU D 302 41.38 -24.62 35.46
C LEU D 302 41.21 -26.05 35.97
N VAL D 303 42.24 -26.58 36.63
CA VAL D 303 42.19 -27.91 37.20
C VAL D 303 42.44 -27.85 38.70
N ILE D 304 41.84 -28.77 39.42
CA ILE D 304 42.19 -29.03 40.81
C ILE D 304 43.15 -30.21 40.80
N ALA D 305 44.36 -30.00 41.32
CA ALA D 305 45.41 -31.00 41.23
C ALA D 305 46.05 -31.22 42.59
N ASP D 306 46.82 -32.30 42.70
CA ASP D 306 47.72 -32.48 43.82
C ASP D 306 49.14 -32.22 43.32
N HIS D 307 50.13 -32.67 44.10
CA HIS D 307 51.51 -32.35 43.77
C HIS D 307 52.08 -33.24 42.67
N ASN D 308 51.27 -34.12 42.06
CA ASN D 308 51.81 -35.02 41.04
C ASN D 308 50.92 -35.03 39.80
N LYS D 309 49.61 -34.89 39.99
CA LYS D 309 48.66 -35.17 38.93
C LYS D 309 47.42 -34.30 39.10
N ALA D 310 46.69 -34.13 38.00
CA ALA D 310 45.41 -33.44 38.04
C ALA D 310 44.36 -34.33 38.66
N LEU D 311 43.47 -33.73 39.45
CA LEU D 311 42.43 -34.48 40.13
C LEU D 311 41.03 -34.25 39.59
N ALA D 312 40.75 -33.05 39.06
CA ALA D 312 39.41 -32.74 38.57
C ALA D 312 39.45 -31.50 37.71
N MET D 313 38.42 -31.32 36.88
CA MET D 313 38.22 -30.07 36.16
C MET D 313 37.57 -29.08 37.12
N GLY D 314 38.30 -28.03 37.48
CA GLY D 314 37.85 -27.07 38.47
C GLY D 314 36.48 -26.49 38.19
N GLY D 315 35.53 -26.74 39.09
CA GLY D 315 34.19 -26.22 38.96
C GLY D 315 33.36 -26.84 37.87
N ILE D 316 33.76 -28.00 37.36
CA ILE D 316 33.07 -28.61 36.22
C ILE D 316 32.78 -30.09 36.50
N PHE D 317 33.83 -30.90 36.56
CA PHE D 317 33.65 -32.34 36.66
C PHE D 317 34.78 -32.94 37.49
N GLY D 318 34.46 -33.97 38.28
CA GLY D 318 35.45 -34.63 39.10
C GLY D 318 36.16 -35.76 38.38
N GLY D 319 37.33 -36.12 38.93
CA GLY D 319 38.11 -37.19 38.36
C GLY D 319 37.58 -38.56 38.73
N GLU D 320 38.17 -39.58 38.09
CA GLU D 320 37.68 -40.95 38.29
C GLU D 320 38.07 -41.48 39.65
N HIS D 321 39.35 -41.34 40.03
CA HIS D 321 39.86 -42.01 41.22
C HIS D 321 40.06 -41.07 42.41
N SER D 322 39.84 -39.77 42.25
CA SER D 322 40.06 -38.83 43.34
C SER D 322 38.81 -38.61 44.18
N GLY D 323 37.64 -39.01 43.71
CA GLY D 323 36.40 -38.79 44.43
C GLY D 323 36.13 -39.85 45.47
N VAL D 324 34.99 -39.69 46.14
CA VAL D 324 34.57 -40.62 47.18
C VAL D 324 34.27 -41.98 46.56
N ASN D 325 34.92 -43.03 47.07
CA ASN D 325 34.62 -44.39 46.62
C ASN D 325 34.06 -45.24 47.75
N ASP D 326 34.17 -46.57 47.62
CA ASP D 326 33.59 -47.45 48.63
C ASP D 326 34.44 -47.55 49.89
N GLU D 327 35.75 -47.35 49.78
CA GLU D 327 36.65 -47.57 50.90
C GLU D 327 37.10 -46.30 51.61
N THR D 328 36.71 -45.13 51.12
CA THR D 328 37.21 -43.89 51.68
C THR D 328 36.67 -43.67 53.09
N GLN D 329 37.53 -43.15 53.97
CA GLN D 329 37.14 -42.80 55.33
C GLN D 329 37.38 -41.34 55.68
N ASN D 330 38.30 -40.67 54.98
CA ASN D 330 38.61 -39.26 55.24
C ASN D 330 38.45 -38.49 53.94
N VAL D 331 37.77 -37.34 54.00
CA VAL D 331 37.48 -36.56 52.81
C VAL D 331 38.00 -35.15 52.99
N LEU D 332 38.24 -34.48 51.86
CA LEU D 332 38.53 -33.06 51.82
C LEU D 332 37.36 -32.38 51.08
N LEU D 333 36.60 -31.59 51.81
CA LEU D 333 35.51 -30.83 51.21
C LEU D 333 36.07 -29.59 50.51
N GLU D 334 35.69 -29.40 49.25
CA GLU D 334 36.06 -28.23 48.48
C GLU D 334 34.85 -27.32 48.35
N CYS D 335 35.04 -26.02 48.60
CA CYS D 335 33.98 -25.03 48.38
C CYS D 335 34.66 -23.74 47.95
N ALA D 336 34.59 -23.43 46.67
CA ALA D 336 35.35 -22.33 46.09
C ALA D 336 34.45 -21.36 45.36
N PHE D 337 35.01 -20.19 45.05
CA PHE D 337 34.47 -19.29 44.06
C PHE D 337 35.42 -19.24 42.87
N PHE D 338 34.95 -19.72 41.73
CA PHE D 338 35.70 -19.62 40.49
C PHE D 338 35.12 -18.49 39.66
N SER D 339 36.00 -17.71 39.05
CA SER D 339 35.55 -16.60 38.21
C SER D 339 34.78 -17.14 37.02
N PRO D 340 33.62 -16.56 36.69
CA PRO D 340 32.84 -17.05 35.53
C PRO D 340 33.63 -17.09 34.23
N LEU D 341 34.42 -16.05 33.94
CA LEU D 341 35.16 -16.02 32.69
C LEU D 341 36.24 -17.11 32.63
N SER D 342 36.62 -17.67 33.77
CA SER D 342 37.60 -18.74 33.81
C SER D 342 36.97 -20.12 33.65
N ILE D 343 35.66 -20.25 33.89
CA ILE D 343 34.97 -21.53 33.74
C ILE D 343 34.14 -21.61 32.47
N THR D 344 33.67 -20.49 31.91
CA THR D 344 32.70 -20.53 30.83
C THR D 344 33.25 -21.23 29.58
N GLY D 345 32.40 -22.07 28.95
CA GLY D 345 32.74 -22.74 27.72
C GLY D 345 33.64 -23.96 27.84
N ARG D 346 34.32 -24.15 28.97
CA ARG D 346 35.22 -25.29 29.10
C ARG D 346 34.45 -26.61 29.17
N ALA D 347 33.30 -26.61 29.83
CA ALA D 347 32.51 -27.85 29.90
C ALA D 347 31.95 -28.21 28.53
N ARG D 348 31.49 -27.22 27.77
CA ARG D 348 30.95 -27.50 26.44
C ARG D 348 32.02 -28.01 25.49
N ARG D 349 33.25 -27.50 25.65
CA ARG D 349 34.37 -27.98 24.83
C ARG D 349 34.55 -29.49 24.95
N HIS D 350 34.28 -30.06 26.13
CA HIS D 350 34.42 -31.50 26.34
C HIS D 350 33.07 -32.21 26.44
N GLY D 351 32.01 -31.62 25.88
CA GLY D 351 30.71 -32.25 25.92
C GLY D 351 30.16 -32.46 27.31
N LEU D 352 30.48 -31.57 28.24
CA LEU D 352 30.06 -31.71 29.63
C LEU D 352 29.06 -30.62 29.99
N HIS D 353 28.12 -30.97 30.88
CA HIS D 353 27.15 -30.00 31.39
C HIS D 353 26.72 -30.51 32.77
N THR D 354 27.26 -29.89 33.81
CA THR D 354 26.99 -30.28 35.18
C THR D 354 26.33 -29.14 35.95
N ASP D 355 25.73 -29.51 37.09
CA ASP D 355 25.16 -28.49 37.98
C ASP D 355 26.22 -27.49 38.42
N ALA D 356 27.46 -27.97 38.58
CA ALA D 356 28.55 -27.09 38.99
C ALA D 356 28.91 -26.11 37.87
N SER D 357 29.17 -26.63 36.67
CA SER D 357 29.60 -25.76 35.58
C SER D 357 28.53 -24.74 35.23
N HIS D 358 27.26 -25.15 35.25
CA HIS D 358 26.17 -24.24 34.92
C HIS D 358 26.16 -23.03 35.84
N ARG D 359 26.40 -23.25 37.14
CA ARG D 359 26.36 -22.18 38.13
C ARG D 359 27.64 -21.35 38.12
N TYR D 360 28.80 -22.01 38.03
CA TYR D 360 30.07 -21.28 38.11
C TYR D 360 30.27 -20.36 36.91
N GLU D 361 29.82 -20.77 35.72
CA GLU D 361 30.02 -19.95 34.53
C GLU D 361 29.03 -18.81 34.43
N ARG D 362 27.88 -18.91 35.10
CA ARG D 362 26.96 -17.78 35.19
C ARG D 362 27.27 -16.88 36.38
N GLY D 363 27.81 -17.43 37.46
CA GLY D 363 28.22 -16.63 38.59
C GLY D 363 27.55 -17.01 39.89
N VAL D 364 28.32 -17.56 40.84
CA VAL D 364 27.81 -17.87 42.16
C VAL D 364 28.29 -16.81 43.14
N ASP D 365 27.46 -16.53 44.15
CA ASP D 365 27.68 -15.49 45.14
C ASP D 365 29.06 -15.61 45.77
N PRO D 366 29.93 -14.63 45.54
CA PRO D 366 31.27 -14.64 46.16
C PRO D 366 31.29 -14.35 47.64
N ALA D 367 30.13 -14.21 48.31
CA ALA D 367 30.08 -14.08 49.75
C ALA D 367 29.38 -15.26 50.40
N LEU D 368 29.35 -16.40 49.71
CA LEU D 368 28.53 -17.54 50.09
C LEU D 368 29.32 -18.74 50.55
N GLN D 369 30.62 -18.80 50.26
CA GLN D 369 31.36 -20.05 50.43
C GLN D 369 31.47 -20.47 51.89
N HIS D 370 31.75 -19.52 52.79
CA HIS D 370 31.92 -19.88 54.20
C HIS D 370 30.64 -20.47 54.78
N LYS D 371 29.50 -19.83 54.49
CA LYS D 371 28.23 -20.33 55.00
C LYS D 371 27.91 -21.72 54.44
N ALA D 372 28.18 -21.93 53.15
CA ALA D 372 27.90 -23.23 52.55
C ALA D 372 28.82 -24.32 53.11
N MET D 373 30.10 -23.98 53.33
CA MET D 373 31.03 -24.96 53.89
C MET D 373 30.59 -25.42 55.27
N GLU D 374 30.13 -24.49 56.11
CA GLU D 374 29.69 -24.88 57.44
C GLU D 374 28.39 -25.69 57.39
N ARG D 375 27.51 -25.36 56.44
CA ARG D 375 26.29 -26.15 56.29
C ARG D 375 26.60 -27.57 55.82
N ALA D 376 27.53 -27.72 54.88
CA ALA D 376 27.88 -29.05 54.39
C ALA D 376 28.59 -29.86 55.47
N THR D 377 29.42 -29.19 56.29
CA THR D 377 30.16 -29.89 57.33
C THR D 377 29.22 -30.46 58.40
N ARG D 378 28.20 -29.71 58.79
CA ARG D 378 27.28 -30.18 59.81
C ARG D 378 26.41 -31.31 59.29
N LEU D 379 25.85 -31.14 58.09
CA LEU D 379 25.02 -32.20 57.51
C LEU D 379 25.81 -33.47 57.30
N LEU D 380 27.06 -33.36 56.84
CA LEU D 380 27.87 -34.53 56.58
C LEU D 380 28.15 -35.31 57.86
N ILE D 381 28.52 -34.60 58.93
CA ILE D 381 28.84 -35.27 60.19
C ILE D 381 27.57 -35.81 60.84
N ASP D 382 26.47 -35.07 60.74
CA ASP D 382 25.21 -35.56 61.30
C ASP D 382 24.72 -36.83 60.59
N ILE D 383 25.14 -37.07 59.35
CA ILE D 383 24.69 -38.23 58.59
C ILE D 383 25.74 -39.33 58.59
N CYS D 384 27.01 -38.98 58.42
CA CYS D 384 28.10 -39.94 58.26
C CYS D 384 29.01 -40.03 59.48
N GLY D 385 28.82 -39.17 60.48
CA GLY D 385 29.74 -39.11 61.60
C GLY D 385 31.08 -38.52 61.17
N GLY D 386 32.02 -38.54 62.09
CA GLY D 386 33.37 -38.07 61.85
C GLY D 386 33.67 -36.81 62.62
N GLU D 387 34.89 -36.30 62.38
CA GLU D 387 35.39 -35.10 63.03
C GLU D 387 35.92 -34.14 61.99
N ALA D 388 35.64 -32.86 62.17
CA ALA D 388 36.03 -31.83 61.22
C ALA D 388 37.28 -31.10 61.71
N GLY D 389 38.23 -30.91 60.80
CA GLY D 389 39.32 -30.00 61.06
C GLY D 389 38.90 -28.56 60.83
N PRO D 390 39.87 -27.65 60.94
CA PRO D 390 39.57 -26.24 60.70
C PRO D 390 39.41 -25.95 59.22
N VAL D 391 38.69 -24.88 58.92
CA VAL D 391 38.49 -24.46 57.54
C VAL D 391 39.80 -23.89 57.00
N ILE D 392 40.19 -24.34 55.81
CA ILE D 392 41.37 -23.83 55.12
C ILE D 392 40.90 -22.76 54.13
N ASP D 393 41.32 -21.52 54.36
CA ASP D 393 40.84 -20.37 53.59
C ASP D 393 42.00 -19.79 52.79
N ILE D 394 41.99 -20.00 51.48
CA ILE D 394 42.94 -19.26 50.64
C ILE D 394 42.17 -18.27 49.78
N THR D 395 42.09 -17.02 50.24
CA THR D 395 41.33 -15.98 49.57
C THR D 395 42.26 -14.87 49.10
N ASN D 396 42.08 -14.44 47.86
CA ASN D 396 42.84 -13.34 47.28
C ASN D 396 41.90 -12.14 47.14
N GLU D 397 42.00 -11.21 48.08
CA GLU D 397 41.08 -10.07 48.12
C GLU D 397 41.16 -9.24 46.85
N ALA D 398 42.32 -9.22 46.19
CA ALA D 398 42.48 -8.38 45.01
C ALA D 398 41.65 -8.90 43.84
N THR D 399 41.55 -10.21 43.68
CA THR D 399 40.84 -10.78 42.54
C THR D 399 39.37 -11.07 42.82
N LEU D 400 38.92 -10.92 44.06
CA LEU D 400 37.51 -11.04 44.34
C LEU D 400 36.73 -9.97 43.58
N PRO D 401 35.61 -10.30 42.98
CA PRO D 401 34.85 -9.30 42.21
C PRO D 401 34.25 -8.25 43.13
N LYS D 402 34.27 -7.01 42.66
CA LYS D 402 33.78 -5.87 43.42
C LYS D 402 32.34 -5.59 43.05
N ARG D 403 31.52 -5.33 44.07
CA ARG D 403 30.14 -4.91 43.81
C ARG D 403 30.13 -3.53 43.16
N ALA D 404 29.32 -3.41 42.11
CA ALA D 404 29.27 -2.18 41.33
C ALA D 404 28.43 -1.12 42.02
N THR D 405 28.84 0.14 41.83
CA THR D 405 28.07 1.31 42.25
C THR D 405 27.47 1.94 41.00
N ILE D 406 26.14 2.05 40.97
CA ILE D 406 25.41 2.49 39.79
C ILE D 406 24.59 3.71 40.16
N THR D 407 24.65 4.74 39.31
CA THR D 407 23.82 5.92 39.45
C THR D 407 22.65 5.80 38.48
N LEU D 408 21.43 5.83 39.01
CA LEU D 408 20.21 5.75 38.21
C LEU D 408 19.55 7.12 38.20
N ARG D 409 19.44 7.72 37.02
CA ARG D 409 18.88 9.06 36.88
C ARG D 409 17.38 8.98 36.68
N ARG D 410 16.67 9.93 37.28
CA ARG D 410 15.23 10.05 37.07
C ARG D 410 14.90 10.20 35.59
N SER D 411 15.68 11.02 34.88
CA SER D 411 15.42 11.27 33.47
C SER D 411 15.49 9.99 32.64
N LYS D 412 16.56 9.22 32.81
CA LYS D 412 16.71 7.98 32.05
C LYS D 412 15.59 7.00 32.36
N LEU D 413 15.20 6.89 33.63
CA LEU D 413 14.13 5.97 34.00
C LEU D 413 12.83 6.35 33.31
N ASP D 414 12.50 7.64 33.28
CA ASP D 414 11.25 8.07 32.67
C ASP D 414 11.31 7.99 31.14
N ARG D 415 12.48 8.20 30.54
CA ARG D 415 12.59 8.13 29.09
C ARG D 415 12.48 6.70 28.60
N LEU D 416 13.20 5.77 29.25
CA LEU D 416 13.19 4.38 28.78
C LEU D 416 11.83 3.73 29.01
N ILE D 417 11.20 3.98 30.15
CA ILE D 417 9.94 3.29 30.42
C ILE D 417 8.78 4.05 29.79
N GLY D 418 8.84 5.38 29.81
CA GLY D 418 7.72 6.18 29.33
C GLY D 418 6.57 6.27 30.29
N HIS D 419 6.79 5.94 31.56
CA HIS D 419 5.75 5.93 32.58
C HIS D 419 6.41 6.23 33.92
N HIS D 420 5.82 7.14 34.68
CA HIS D 420 6.44 7.61 35.91
C HIS D 420 6.16 6.64 37.05
N ILE D 421 7.23 6.15 37.67
CA ILE D 421 7.15 5.34 38.89
C ILE D 421 7.70 6.20 40.03
N ALA D 422 6.94 6.30 41.11
CA ALA D 422 7.24 7.24 42.19
C ALA D 422 8.60 6.95 42.81
N ASP D 423 9.23 8.02 43.32
CA ASP D 423 10.54 7.90 43.97
C ASP D 423 10.53 6.86 45.07
N GLU D 424 9.50 6.91 45.93
CA GLU D 424 9.43 5.99 47.06
C GLU D 424 9.38 4.54 46.60
N GLN D 425 8.71 4.28 45.47
CA GLN D 425 8.62 2.91 44.99
C GLN D 425 9.94 2.45 44.37
N VAL D 426 10.65 3.36 43.70
CA VAL D 426 11.96 3.02 43.14
C VAL D 426 12.94 2.66 44.26
N THR D 427 12.95 3.47 45.33
CA THR D 427 13.84 3.20 46.45
C THR D 427 13.47 1.89 47.14
N ASP D 428 12.17 1.64 47.31
CA ASP D 428 11.73 0.40 47.96
C ASP D 428 12.16 -0.82 47.17
N ILE D 429 11.99 -0.78 45.85
CA ILE D 429 12.30 -1.94 45.01
C ILE D 429 13.78 -2.25 45.06
N LEU D 430 14.63 -1.24 44.82
CA LEU D 430 16.07 -1.47 44.77
C LEU D 430 16.60 -1.94 46.12
N ARG D 431 16.02 -1.47 47.23
CA ARG D 431 16.48 -1.89 48.54
C ARG D 431 16.07 -3.32 48.85
N ARG D 432 14.83 -3.69 48.52
CA ARG D 432 14.40 -5.07 48.75
C ARG D 432 15.22 -6.05 47.92
N LEU D 433 15.66 -5.64 46.73
CA LEU D 433 16.54 -6.48 45.93
C LEU D 433 17.93 -6.62 46.53
N GLY D 434 18.27 -5.81 47.52
CA GLY D 434 19.56 -5.90 48.18
C GLY D 434 20.55 -4.80 47.87
N CYS D 435 20.12 -3.73 47.20
CA CYS D 435 21.02 -2.63 46.91
C CYS D 435 21.14 -1.69 48.10
N GLU D 436 22.34 -1.14 48.29
CA GLU D 436 22.56 -0.04 49.23
C GLU D 436 22.25 1.26 48.48
N VAL D 437 21.12 1.87 48.81
CA VAL D 437 20.54 2.94 48.01
C VAL D 437 20.70 4.26 48.76
N THR D 438 21.35 5.23 48.10
CA THR D 438 21.48 6.59 48.59
C THR D 438 20.70 7.50 47.63
N GLU D 439 19.63 8.10 48.14
CA GLU D 439 18.79 8.99 47.35
C GLU D 439 19.49 10.34 47.13
N GLY D 440 19.28 10.89 45.95
CA GLY D 440 19.87 12.18 45.59
C GLY D 440 18.90 13.08 44.87
N LYS D 441 19.42 14.13 44.22
CA LYS D 441 18.57 15.06 43.49
C LYS D 441 18.21 14.44 42.15
N ASP D 442 16.98 13.93 42.05
CA ASP D 442 16.47 13.28 40.85
C ASP D 442 17.37 12.14 40.39
N GLU D 443 18.00 11.45 41.32
CA GLU D 443 18.84 10.31 40.98
C GLU D 443 19.05 9.46 42.22
N TRP D 444 19.34 8.18 42.00
CA TRP D 444 19.69 7.25 43.05
C TRP D 444 21.11 6.75 42.82
N GLN D 445 21.80 6.45 43.92
CA GLN D 445 23.08 5.77 43.86
C GLN D 445 22.91 4.43 44.56
N ALA D 446 23.17 3.34 43.84
CA ALA D 446 22.90 2.00 44.34
C ALA D 446 24.15 1.15 44.19
N VAL D 447 24.48 0.40 45.25
CA VAL D 447 25.54 -0.60 45.21
C VAL D 447 24.87 -1.96 45.07
N ALA D 448 25.15 -2.65 43.98
CA ALA D 448 24.52 -3.93 43.74
C ALA D 448 24.99 -4.96 44.77
N PRO D 449 24.10 -5.87 45.18
CA PRO D 449 24.50 -6.92 46.11
C PRO D 449 25.44 -7.92 45.46
N SER D 450 26.09 -8.72 46.31
CA SER D 450 27.15 -9.63 45.85
C SER D 450 26.63 -10.75 44.95
N TRP D 451 25.36 -11.12 45.05
CA TRP D 451 24.85 -12.29 44.32
C TRP D 451 24.37 -11.97 42.92
N ARG D 452 24.24 -10.70 42.56
CA ARG D 452 23.77 -10.31 41.24
C ARG D 452 24.96 -10.14 40.29
N PHE D 453 24.97 -10.90 39.21
CA PHE D 453 25.97 -10.76 38.16
C PHE D 453 25.42 -10.02 36.94
N ASP D 454 24.25 -9.39 37.07
CA ASP D 454 23.59 -8.69 35.99
C ASP D 454 23.27 -7.24 36.39
N MET D 455 24.06 -6.66 37.30
CA MET D 455 23.85 -5.28 37.79
C MET D 455 25.15 -4.51 37.62
N GLU D 456 25.36 -3.93 36.44
CA GLU D 456 26.59 -3.19 36.15
C GLU D 456 26.32 -1.77 35.68
N ILE D 457 25.23 -1.52 34.95
CA ILE D 457 24.98 -0.25 34.31
C ILE D 457 23.60 0.25 34.72
N GLU D 458 23.26 1.45 34.23
CA GLU D 458 22.03 2.12 34.63
C GLU D 458 20.80 1.39 34.12
N GLU D 459 20.86 0.88 32.89
CA GLU D 459 19.73 0.15 32.32
C GLU D 459 19.40 -1.11 33.09
N ASP D 460 20.38 -1.68 33.81
CA ASP D 460 20.09 -2.87 34.62
C ASP D 460 19.13 -2.54 35.74
N LEU D 461 19.34 -1.40 36.42
CA LEU D 461 18.41 -0.95 37.44
C LEU D 461 17.07 -0.54 36.85
N VAL D 462 17.07 -0.02 35.62
CA VAL D 462 15.82 0.33 34.94
C VAL D 462 14.94 -0.90 34.81
N GLU D 463 15.53 -2.01 34.38
CA GLU D 463 14.74 -3.23 34.21
C GLU D 463 14.26 -3.77 35.55
N GLU D 464 15.09 -3.68 36.59
CA GLU D 464 14.68 -4.16 37.90
C GLU D 464 13.49 -3.37 38.43
N VAL D 465 13.50 -2.05 38.26
CA VAL D 465 12.34 -1.24 38.65
C VAL D 465 11.12 -1.67 37.86
N ALA D 466 11.29 -1.87 36.55
CA ALA D 466 10.13 -2.14 35.69
C ALA D 466 9.52 -3.51 35.98
N ARG D 467 10.36 -4.55 36.11
CA ARG D 467 9.82 -5.89 36.31
C ARG D 467 9.18 -6.06 37.67
N VAL D 468 9.69 -5.36 38.70
CA VAL D 468 9.07 -5.45 40.02
C VAL D 468 7.82 -4.59 40.08
N TYR D 469 7.85 -3.41 39.45
CA TYR D 469 6.64 -2.60 39.32
C TYR D 469 5.56 -3.34 38.54
N GLY D 470 5.96 -4.19 37.59
CA GLY D 470 4.99 -4.94 36.81
C GLY D 470 4.93 -4.47 35.37
N TYR D 471 5.28 -5.36 34.44
CA TYR D 471 5.27 -4.99 33.03
C TYR D 471 3.86 -4.61 32.56
N ASN D 472 2.85 -5.30 33.08
CA ASN D 472 1.47 -5.06 32.71
C ASN D 472 0.83 -3.94 33.52
N ASN D 473 1.56 -3.34 34.45
CA ASN D 473 1.15 -2.08 35.06
C ASN D 473 1.63 -0.87 34.27
N ILE D 474 2.45 -1.09 33.25
CA ILE D 474 2.95 -0.02 32.40
C ILE D 474 1.97 0.16 31.25
N PRO D 475 1.43 1.37 31.03
CA PRO D 475 0.37 1.53 30.02
C PRO D 475 0.87 1.45 28.58
N ASP D 476 -0.06 1.51 27.63
CA ASP D 476 0.29 1.58 26.22
C ASP D 476 0.31 3.02 25.75
N GLU D 477 1.11 3.28 24.72
CA GLU D 477 1.18 4.61 24.11
C GLU D 477 1.82 4.50 22.74
N PRO D 478 1.18 4.98 21.69
CA PRO D 478 1.75 4.84 20.34
C PRO D 478 3.01 5.69 20.17
N VAL D 479 3.87 5.24 19.27
CA VAL D 479 5.08 5.98 18.94
C VAL D 479 4.72 7.34 18.35
N GLN D 480 5.41 8.38 18.81
CA GLN D 480 5.31 9.71 18.22
C GLN D 480 6.61 9.98 17.46
N ALA D 481 6.53 9.97 16.14
CA ALA D 481 7.71 10.14 15.30
C ALA D 481 7.30 10.88 14.04
N SER D 482 8.28 11.13 13.18
CA SER D 482 8.04 11.82 11.93
C SER D 482 7.38 10.91 10.90
N LEU D 483 6.79 11.54 9.89
CA LEU D 483 6.20 10.87 8.75
C LEU D 483 7.02 11.27 7.52
N ILE D 484 7.97 10.43 7.15
CA ILE D 484 8.79 10.65 5.96
C ILE D 484 8.55 9.49 5.00
N MET D 485 8.57 9.80 3.70
CA MET D 485 8.12 8.84 2.70
C MET D 485 9.15 7.73 2.44
N GLY D 486 10.43 8.08 2.42
CA GLY D 486 11.43 7.19 1.87
C GLY D 486 11.45 7.28 0.36
N THR D 487 12.48 6.68 -0.23
CA THR D 487 12.74 6.82 -1.67
C THR D 487 12.19 5.61 -2.41
N HIS D 488 11.30 5.87 -3.36
CA HIS D 488 10.77 4.86 -4.26
C HIS D 488 11.50 4.91 -5.60
N ARG D 489 11.42 3.81 -6.34
CA ARG D 489 11.97 3.73 -7.68
C ARG D 489 10.97 2.99 -8.55
N GLU D 490 10.36 3.71 -9.50
CA GLU D 490 9.39 3.08 -10.39
C GLU D 490 10.02 1.98 -11.24
N ALA D 491 11.33 2.07 -11.49
CA ALA D 491 12.02 1.07 -12.30
C ALA D 491 12.24 -0.24 -11.57
N ASP D 492 11.91 -0.33 -10.29
CA ASP D 492 12.03 -1.61 -9.59
C ASP D 492 10.93 -2.56 -10.04
N LEU D 493 11.28 -3.83 -10.17
CA LEU D 493 10.33 -4.89 -10.44
C LEU D 493 10.11 -5.68 -9.15
N SER D 494 8.87 -5.69 -8.67
CA SER D 494 8.56 -6.37 -7.42
C SER D 494 8.64 -7.88 -7.62
N LEU D 495 9.34 -8.57 -6.71
CA LEU D 495 9.35 -10.02 -6.73
C LEU D 495 7.97 -10.58 -6.45
N LYS D 496 7.21 -9.91 -5.58
CA LYS D 496 5.85 -10.34 -5.29
C LYS D 496 4.95 -10.22 -6.52
N ARG D 497 5.21 -9.23 -7.38
CA ARG D 497 4.45 -9.11 -8.63
C ARG D 497 4.75 -10.27 -9.57
N VAL D 498 6.00 -10.72 -9.61
CA VAL D 498 6.37 -11.86 -10.45
C VAL D 498 5.76 -13.15 -9.90
N LYS D 499 5.72 -13.28 -8.58
CA LYS D 499 5.05 -14.44 -7.98
C LYS D 499 3.57 -14.45 -8.34
N THR D 500 2.93 -13.26 -8.31
CA THR D 500 1.52 -13.18 -8.66
C THR D 500 1.29 -13.63 -10.10
N LEU D 501 2.17 -13.25 -11.02
CA LEU D 501 2.05 -13.71 -12.40
C LEU D 501 2.22 -15.22 -12.48
N LEU D 502 3.19 -15.77 -11.76
CA LEU D 502 3.39 -17.23 -11.80
C LEU D 502 2.19 -17.96 -11.23
N ASN D 503 1.58 -17.44 -10.17
CA ASN D 503 0.32 -18.00 -9.69
C ASN D 503 -0.74 -17.97 -10.78
N ASP D 504 -0.87 -16.82 -11.45
CA ASP D 504 -1.85 -16.68 -12.52
C ASP D 504 -1.50 -17.49 -13.76
N LYS D 505 -0.36 -18.18 -13.76
CA LYS D 505 0.00 -19.11 -14.83
C LYS D 505 -0.04 -20.56 -14.36
N GLY D 506 -0.60 -20.83 -13.19
CA GLY D 506 -0.73 -22.19 -12.72
C GLY D 506 0.41 -22.73 -11.90
N TYR D 507 1.09 -21.87 -11.13
CA TYR D 507 2.24 -22.27 -10.33
C TYR D 507 1.95 -22.09 -8.84
N GLN D 508 2.38 -23.08 -8.06
CA GLN D 508 2.26 -23.03 -6.61
C GLN D 508 3.61 -22.70 -6.01
N GLU D 509 3.63 -21.79 -5.04
CA GLU D 509 4.88 -21.44 -4.39
C GLU D 509 5.32 -22.55 -3.43
N VAL D 510 6.63 -22.74 -3.34
CA VAL D 510 7.22 -23.80 -2.53
C VAL D 510 8.42 -23.22 -1.79
N ILE D 511 8.68 -23.74 -0.59
CA ILE D 511 9.84 -23.34 0.21
C ILE D 511 10.54 -24.62 0.66
N THR D 512 11.77 -24.81 0.20
CA THR D 512 12.55 -26.00 0.51
C THR D 512 13.77 -25.63 1.36
N TYR D 513 14.41 -26.65 1.93
CA TYR D 513 15.55 -26.44 2.81
C TYR D 513 16.77 -25.96 2.03
N SER D 514 17.54 -25.06 2.64
CA SER D 514 18.72 -24.51 2.00
C SER D 514 19.88 -25.49 1.98
N PHE D 515 19.89 -26.47 2.86
CA PHE D 515 20.85 -27.57 2.81
C PHE D 515 20.14 -28.84 2.35
N VAL D 516 20.78 -29.56 1.43
CA VAL D 516 20.17 -30.69 0.76
C VAL D 516 21.10 -31.90 0.87
N ASP D 517 20.65 -33.02 0.31
CA ASP D 517 21.44 -34.23 0.24
C ASP D 517 22.51 -34.08 -0.84
N PRO D 518 23.80 -34.08 -0.50
CA PRO D 518 24.83 -33.92 -1.54
C PRO D 518 24.86 -35.05 -2.55
N LYS D 519 24.31 -36.22 -2.21
CA LYS D 519 24.19 -37.29 -3.21
C LYS D 519 23.30 -36.85 -4.36
N VAL D 520 22.12 -36.32 -4.04
CA VAL D 520 21.20 -35.88 -5.08
C VAL D 520 21.77 -34.69 -5.84
N GLN D 521 22.34 -33.72 -5.12
CA GLN D 521 22.87 -32.54 -5.80
C GLN D 521 24.06 -32.89 -6.70
N GLN D 522 24.83 -33.91 -6.32
CA GLN D 522 25.90 -34.39 -7.20
C GLN D 522 25.33 -35.00 -8.48
N MET D 523 24.15 -35.62 -8.42
CA MET D 523 23.54 -36.12 -9.64
C MET D 523 23.10 -34.98 -10.55
N ILE D 524 22.84 -33.80 -9.99
CA ILE D 524 22.37 -32.66 -10.77
C ILE D 524 23.52 -31.74 -11.18
N HIS D 525 24.47 -31.51 -10.27
CA HIS D 525 25.65 -30.70 -10.55
C HIS D 525 26.89 -31.54 -10.24
N PRO D 526 27.24 -32.48 -11.11
CA PRO D 526 28.37 -33.37 -10.83
C PRO D 526 29.70 -32.61 -10.81
N GLY D 527 30.57 -33.01 -9.88
CA GLY D 527 31.89 -32.44 -9.77
C GLY D 527 31.97 -31.09 -9.11
N VAL D 528 30.83 -30.43 -8.88
CA VAL D 528 30.83 -29.10 -8.26
C VAL D 528 30.88 -29.27 -6.74
N GLU D 529 31.92 -28.73 -6.12
CA GLU D 529 32.08 -28.82 -4.67
C GLU D 529 31.21 -27.77 -4.00
N ALA D 530 30.28 -28.22 -3.15
CA ALA D 530 29.40 -27.34 -2.41
C ALA D 530 29.89 -27.15 -0.99
N LEU D 531 29.57 -26.00 -0.41
CA LEU D 531 29.91 -25.74 0.98
C LEU D 531 29.16 -26.71 1.88
N LEU D 532 29.91 -27.53 2.62
CA LEU D 532 29.33 -28.57 3.45
C LEU D 532 29.30 -28.14 4.91
N LEU D 533 28.29 -28.66 5.62
CA LEU D 533 28.12 -28.36 7.04
C LEU D 533 28.84 -29.40 7.88
N PRO D 534 29.89 -29.04 8.62
CA PRO D 534 30.39 -29.96 9.65
C PRO D 534 29.37 -30.07 10.78
N SER D 535 29.13 -31.31 11.22
CA SER D 535 28.10 -31.62 12.20
C SER D 535 26.74 -31.09 11.74
N PRO D 536 26.13 -31.72 10.73
CA PRO D 536 24.80 -31.26 10.29
C PRO D 536 23.67 -31.91 11.06
N ILE D 537 22.42 -31.53 10.75
CA ILE D 537 21.29 -32.19 11.37
C ILE D 537 21.18 -33.63 10.87
N SER D 538 21.65 -33.90 9.65
CA SER D 538 21.70 -35.23 9.07
C SER D 538 22.58 -35.14 7.82
N VAL D 539 22.95 -36.30 7.29
CA VAL D 539 23.75 -36.34 6.08
C VAL D 539 22.94 -35.83 4.88
N GLU D 540 21.63 -36.07 4.88
CA GLU D 540 20.76 -35.62 3.80
C GLU D 540 20.45 -34.14 3.84
N MET D 541 21.01 -33.41 4.80
CA MET D 541 20.85 -31.97 4.92
C MET D 541 22.20 -31.33 5.28
N SER D 542 23.24 -31.70 4.55
CA SER D 542 24.61 -31.33 4.92
C SER D 542 25.33 -30.55 3.84
N ALA D 543 24.64 -30.11 2.79
CA ALA D 543 25.27 -29.39 1.70
C ALA D 543 24.42 -28.18 1.33
N MET D 544 25.01 -26.99 1.44
CA MET D 544 24.32 -25.79 0.99
C MET D 544 24.01 -25.91 -0.49
N ARG D 545 22.78 -25.52 -0.87
CA ARG D 545 22.31 -25.76 -2.22
C ARG D 545 23.05 -24.86 -3.22
N LEU D 546 23.61 -25.49 -4.26
CA LEU D 546 24.24 -24.75 -5.35
C LEU D 546 23.20 -24.15 -6.29
N SER D 547 22.00 -24.69 -6.30
CA SER D 547 20.86 -24.12 -7.03
C SER D 547 19.59 -24.48 -6.26
N LEU D 548 18.44 -24.14 -6.83
CA LEU D 548 17.16 -24.51 -6.25
C LEU D 548 16.58 -25.77 -6.87
N TRP D 549 17.33 -26.44 -7.74
CA TRP D 549 16.77 -27.58 -8.47
C TRP D 549 16.74 -28.86 -7.65
N THR D 550 17.68 -29.06 -6.72
CA THR D 550 17.64 -30.24 -5.88
C THR D 550 16.40 -30.24 -5.00
N GLY D 551 16.11 -29.10 -4.36
CA GLY D 551 14.90 -29.00 -3.56
C GLY D 551 13.64 -29.06 -4.38
N LEU D 552 13.63 -28.40 -5.54
CA LEU D 552 12.45 -28.43 -6.40
C LEU D 552 12.20 -29.84 -6.92
N LEU D 553 13.23 -30.49 -7.45
CA LEU D 553 13.04 -31.83 -8.00
C LEU D 553 12.70 -32.83 -6.91
N ALA D 554 13.13 -32.59 -5.67
CA ALA D 554 12.72 -33.46 -4.58
C ALA D 554 11.25 -33.24 -4.21
N THR D 555 10.73 -32.05 -4.48
CA THR D 555 9.34 -31.75 -4.14
C THR D 555 8.38 -32.43 -5.11
N VAL D 556 8.71 -32.45 -6.41
CA VAL D 556 7.82 -33.10 -7.36
C VAL D 556 7.82 -34.62 -7.13
N VAL D 557 9.00 -35.21 -6.89
CA VAL D 557 9.07 -36.62 -6.56
C VAL D 557 8.26 -36.90 -5.30
N TYR D 558 8.38 -36.03 -4.28
CA TYR D 558 7.58 -36.17 -3.07
C TYR D 558 6.09 -36.24 -3.39
N ASN D 559 5.60 -35.28 -4.20
CA ASN D 559 4.19 -35.26 -4.54
C ASN D 559 3.80 -36.40 -5.48
N GLN D 560 4.70 -36.80 -6.39
CA GLN D 560 4.40 -37.90 -7.28
C GLN D 560 4.27 -39.23 -6.52
N ASN D 561 4.97 -39.36 -5.39
CA ASN D 561 4.77 -40.52 -4.54
C ASN D 561 3.41 -40.51 -3.87
N ARG D 562 2.70 -39.39 -3.89
CA ARG D 562 1.36 -39.28 -3.34
C ARG D 562 0.31 -39.16 -4.43
N GLN D 563 0.54 -39.81 -5.58
CA GLN D 563 -0.44 -39.89 -6.66
C GLN D 563 -0.75 -38.52 -7.25
N GLN D 564 0.30 -37.74 -7.50
CA GLN D 564 0.19 -36.41 -8.10
C GLN D 564 1.26 -36.28 -9.18
N ASN D 565 0.91 -36.61 -10.41
CA ASN D 565 1.86 -36.53 -11.52
C ASN D 565 2.11 -35.09 -11.93
N ARG D 566 1.07 -34.29 -12.05
CA ARG D 566 1.18 -32.92 -12.55
C ARG D 566 1.60 -32.00 -11.41
N VAL D 567 2.81 -31.43 -11.51
CA VAL D 567 3.39 -30.58 -10.49
C VAL D 567 3.95 -29.34 -11.16
N ARG D 568 3.51 -28.16 -10.72
CA ARG D 568 3.93 -26.88 -11.26
C ARG D 568 4.23 -25.97 -10.07
N ILE D 569 5.52 -25.83 -9.73
CA ILE D 569 5.92 -25.13 -8.51
C ILE D 569 7.08 -24.20 -8.83
N PHE D 570 7.25 -23.17 -8.00
CA PHE D 570 8.39 -22.26 -8.07
C PHE D 570 8.85 -21.93 -6.66
N GLU D 571 10.08 -21.44 -6.56
CA GLU D 571 10.64 -21.02 -5.28
C GLU D 571 11.62 -19.88 -5.50
N SER D 572 11.63 -18.93 -4.57
CA SER D 572 12.65 -17.90 -4.51
C SER D 572 13.49 -18.11 -3.26
N GLY D 573 14.80 -17.90 -3.39
CA GLY D 573 15.70 -18.14 -2.28
C GLY D 573 17.13 -18.03 -2.72
N LEU D 574 18.02 -18.12 -1.74
CA LEU D 574 19.45 -17.97 -1.99
C LEU D 574 20.08 -19.27 -2.47
N ARG D 575 21.07 -19.13 -3.36
CA ARG D 575 21.99 -20.19 -3.70
C ARG D 575 23.36 -19.86 -3.13
N PHE D 576 24.14 -20.89 -2.85
CA PHE D 576 25.43 -20.74 -2.17
C PHE D 576 26.50 -21.40 -3.04
N VAL D 577 27.29 -20.59 -3.72
CA VAL D 577 28.32 -21.06 -4.64
C VAL D 577 29.67 -20.62 -4.08
N PRO D 578 30.56 -21.56 -3.72
CA PRO D 578 31.88 -21.17 -3.19
C PRO D 578 32.65 -20.31 -4.18
N ASP D 579 33.14 -19.17 -3.70
CA ASP D 579 33.80 -18.18 -4.55
C ASP D 579 34.80 -17.43 -3.70
N THR D 580 36.08 -17.51 -4.07
CA THR D 580 37.12 -16.86 -3.27
C THR D 580 37.02 -15.34 -3.36
N GLN D 581 36.45 -14.81 -4.44
CA GLN D 581 36.31 -13.38 -4.61
C GLN D 581 35.07 -12.81 -3.92
N ALA D 582 34.24 -13.67 -3.30
CA ALA D 582 33.01 -13.29 -2.64
C ALA D 582 33.21 -13.17 -1.13
N PRO D 583 32.42 -12.32 -0.48
CA PRO D 583 32.52 -12.20 0.98
C PRO D 583 32.27 -13.52 1.68
N LEU D 584 33.08 -13.79 2.71
CA LEU D 584 33.09 -15.06 3.43
C LEU D 584 33.39 -16.25 2.51
N GLY D 585 33.99 -15.99 1.35
CA GLY D 585 34.32 -17.08 0.44
C GLY D 585 33.14 -17.80 -0.16
N ILE D 586 31.93 -17.25 -0.04
CA ILE D 586 30.73 -17.89 -0.57
C ILE D 586 29.86 -16.80 -1.18
N ARG D 587 29.45 -16.99 -2.44
CA ARG D 587 28.59 -16.03 -3.11
C ARG D 587 27.14 -16.44 -2.92
N GLN D 588 26.33 -15.51 -2.41
CA GLN D 588 24.95 -15.78 -2.03
C GLN D 588 24.05 -14.93 -2.92
N ASP D 589 23.41 -15.57 -3.90
CA ASP D 589 22.57 -14.89 -4.87
C ASP D 589 21.12 -15.29 -4.67
N LEU D 590 20.22 -14.32 -4.77
CA LEU D 590 18.79 -14.61 -4.72
C LEU D 590 18.34 -15.13 -6.08
N MET D 591 17.71 -16.30 -6.09
CA MET D 591 17.33 -16.97 -7.32
C MET D 591 15.81 -17.14 -7.39
N LEU D 592 15.31 -17.24 -8.63
CA LEU D 592 13.92 -17.60 -8.88
C LEU D 592 13.92 -18.82 -9.79
N ALA D 593 13.48 -19.95 -9.27
CA ALA D 593 13.50 -21.21 -10.00
C ALA D 593 12.14 -21.87 -9.94
N GLY D 594 11.93 -22.85 -10.81
CA GLY D 594 10.67 -23.56 -10.87
C GLY D 594 10.78 -24.78 -11.74
N VAL D 595 9.73 -25.61 -11.69
CA VAL D 595 9.69 -26.85 -12.44
C VAL D 595 8.24 -27.19 -12.77
N ILE D 596 8.00 -27.70 -13.97
CA ILE D 596 6.69 -28.17 -14.40
C ILE D 596 6.83 -29.57 -14.98
N CYS D 597 5.76 -30.35 -14.84
CA CYS D 597 5.72 -31.70 -15.39
C CYS D 597 4.26 -32.11 -15.54
N GLY D 598 4.04 -33.22 -16.25
CA GLY D 598 2.69 -33.72 -16.44
C GLY D 598 1.99 -33.05 -17.61
N ASN D 599 0.67 -33.23 -17.64
CA ASN D 599 -0.11 -32.67 -18.74
C ASN D 599 -0.16 -31.14 -18.66
N ARG D 600 -0.45 -30.53 -19.80
CA ARG D 600 -0.58 -29.07 -19.85
C ARG D 600 -1.66 -28.59 -18.89
N TYR D 601 -2.80 -29.26 -18.88
CA TYR D 601 -3.94 -28.91 -18.04
C TYR D 601 -4.38 -30.15 -17.26
N GLU D 602 -5.28 -29.94 -16.31
CA GLU D 602 -6.00 -31.05 -15.71
C GLU D 602 -7.00 -31.61 -16.71
N GLU D 603 -7.57 -32.76 -16.38
CA GLU D 603 -8.51 -33.38 -17.31
C GLU D 603 -9.73 -32.49 -17.50
N HIS D 604 -10.02 -32.17 -18.75
CA HIS D 604 -11.01 -31.17 -19.12
C HIS D 604 -11.75 -31.64 -20.36
N TRP D 605 -13.05 -31.39 -20.40
CA TRP D 605 -13.88 -31.86 -21.51
C TRP D 605 -13.54 -31.20 -22.84
N ASN D 606 -12.76 -30.11 -22.83
CA ASN D 606 -12.46 -29.38 -24.06
C ASN D 606 -11.02 -28.87 -24.07
N LEU D 607 -10.11 -29.55 -23.40
CA LEU D 607 -8.68 -29.26 -23.45
C LEU D 607 -7.94 -30.55 -23.68
N ALA D 608 -7.07 -30.57 -24.69
CA ALA D 608 -6.44 -31.81 -25.11
C ALA D 608 -5.40 -32.26 -24.09
N LYS D 609 -5.36 -33.57 -23.84
CA LYS D 609 -4.36 -34.17 -22.96
C LYS D 609 -3.04 -34.23 -23.71
N GLU D 610 -2.13 -33.33 -23.37
CA GLU D 610 -0.80 -33.30 -23.97
C GLU D 610 0.22 -32.98 -22.89
N THR D 611 1.32 -33.73 -22.88
CA THR D 611 2.36 -33.48 -21.91
C THR D 611 3.01 -32.12 -22.15
N VAL D 612 3.38 -31.45 -21.05
CA VAL D 612 4.00 -30.14 -21.13
C VAL D 612 5.35 -30.24 -21.83
N ASP D 613 5.71 -29.19 -22.57
CA ASP D 613 6.93 -29.20 -23.36
C ASP D 613 7.75 -27.95 -23.10
N PHE D 614 8.84 -27.81 -23.86
CA PHE D 614 9.79 -26.72 -23.67
C PHE D 614 9.12 -25.36 -23.89
N TYR D 615 8.33 -25.24 -24.95
CA TYR D 615 7.73 -23.95 -25.27
C TYR D 615 6.59 -23.57 -24.33
N ASP D 616 6.12 -24.50 -23.50
CA ASP D 616 5.21 -24.14 -22.43
C ASP D 616 5.94 -23.39 -21.32
N LEU D 617 7.06 -23.95 -20.84
CA LEU D 617 7.84 -23.28 -19.81
C LEU D 617 8.41 -21.96 -20.31
N LYS D 618 8.87 -21.93 -21.57
CA LYS D 618 9.40 -20.69 -22.10
C LYS D 618 8.32 -19.62 -22.19
N GLY D 619 7.10 -20.03 -22.52
CA GLY D 619 6.00 -19.08 -22.54
C GLY D 619 5.76 -18.44 -21.19
N ASP D 620 5.85 -19.22 -20.11
CA ASP D 620 5.73 -18.65 -18.77
C ASP D 620 6.91 -17.76 -18.44
N LEU D 621 8.11 -18.14 -18.88
CA LEU D 621 9.30 -17.32 -18.63
C LEU D 621 9.23 -16.03 -19.43
N GLU D 622 8.73 -16.08 -20.67
CA GLU D 622 8.56 -14.85 -21.43
C GLU D 622 7.53 -13.94 -20.77
N SER D 623 6.50 -14.52 -20.15
CA SER D 623 5.54 -13.71 -19.41
C SER D 623 6.21 -12.99 -18.25
N VAL D 624 7.11 -13.67 -17.54
CA VAL D 624 7.84 -13.06 -16.43
C VAL D 624 8.74 -11.94 -16.94
N LEU D 625 9.56 -12.23 -17.94
CA LEU D 625 10.51 -11.26 -18.48
C LEU D 625 9.82 -10.09 -19.17
N ASP D 626 8.57 -10.26 -19.61
CA ASP D 626 7.88 -9.15 -20.26
C ASP D 626 7.51 -8.05 -19.27
N LEU D 627 7.47 -8.37 -17.98
CA LEU D 627 7.20 -7.35 -16.97
C LEU D 627 8.32 -6.32 -16.88
N THR D 628 9.52 -6.66 -17.35
CA THR D 628 10.63 -5.72 -17.37
C THR D 628 10.54 -4.72 -18.51
N GLY D 629 9.72 -4.99 -19.53
CA GLY D 629 9.68 -4.13 -20.69
C GLY D 629 10.86 -4.28 -21.62
N LYS D 630 11.74 -5.26 -21.36
CA LYS D 630 12.95 -5.48 -22.13
C LYS D 630 12.92 -6.84 -22.84
N LEU D 631 11.73 -7.37 -23.11
CA LEU D 631 11.63 -8.68 -23.74
C LEU D 631 12.24 -8.68 -25.14
N ASN D 632 12.23 -7.53 -25.82
CA ASN D 632 12.86 -7.43 -27.13
C ASN D 632 14.37 -7.63 -27.08
N GLU D 633 14.97 -7.68 -25.89
CA GLU D 633 16.40 -7.86 -25.75
C GLU D 633 16.76 -9.18 -25.05
N VAL D 634 15.81 -10.10 -24.92
CA VAL D 634 16.06 -11.40 -24.31
C VAL D 634 16.48 -12.38 -25.39
N GLU D 635 17.43 -13.26 -25.04
CA GLU D 635 17.94 -14.27 -25.96
C GLU D 635 17.97 -15.63 -25.27
N PHE D 636 17.55 -16.65 -26.00
CA PHE D 636 17.61 -18.04 -25.58
C PHE D 636 18.63 -18.74 -26.47
N ARG D 637 19.85 -18.89 -25.96
CA ARG D 637 20.93 -19.55 -26.70
C ARG D 637 21.03 -21.00 -26.25
N ALA D 638 21.14 -21.92 -27.21
CA ALA D 638 21.37 -23.32 -26.88
C ALA D 638 22.72 -23.46 -26.19
N GLU D 639 22.71 -24.04 -24.99
CA GLU D 639 23.91 -24.13 -24.17
C GLU D 639 23.85 -25.39 -23.32
N ALA D 640 25.00 -26.04 -23.16
CA ALA D 640 25.06 -27.33 -22.49
C ALA D 640 25.03 -27.16 -20.98
N ASN D 641 24.24 -27.99 -20.30
CA ASN D 641 24.14 -28.03 -18.86
C ASN D 641 24.00 -29.51 -18.53
N PRO D 642 24.85 -30.05 -17.66
CA PRO D 642 24.83 -31.50 -17.41
C PRO D 642 23.48 -32.04 -16.97
N ALA D 643 22.63 -31.23 -16.35
CA ALA D 643 21.35 -31.71 -15.86
C ALA D 643 20.25 -31.71 -16.92
N LEU D 644 20.50 -31.09 -18.07
CA LEU D 644 19.47 -30.83 -19.05
C LEU D 644 19.72 -31.60 -20.34
N HIS D 645 18.64 -31.89 -21.06
CA HIS D 645 18.71 -32.44 -22.40
C HIS D 645 19.47 -31.46 -23.30
N PRO D 646 20.59 -31.86 -23.91
CA PRO D 646 21.41 -30.90 -24.67
C PRO D 646 20.72 -30.33 -25.89
N GLY D 647 19.72 -31.02 -26.43
CA GLY D 647 18.98 -30.51 -27.57
C GLY D 647 17.78 -29.66 -27.24
N GLN D 648 17.39 -29.59 -25.96
CA GLN D 648 16.24 -28.79 -25.55
C GLN D 648 16.56 -28.04 -24.26
N SER D 649 17.67 -27.31 -24.28
CA SER D 649 18.12 -26.53 -23.13
C SER D 649 18.68 -25.21 -23.61
N ALA D 650 18.43 -24.14 -22.85
CA ALA D 650 18.84 -22.81 -23.26
C ALA D 650 19.35 -22.01 -22.08
N ALA D 651 20.45 -21.29 -22.29
CA ALA D 651 20.88 -20.25 -21.38
C ALA D 651 20.16 -18.96 -21.75
N ILE D 652 19.63 -18.27 -20.73
CA ILE D 652 18.81 -17.08 -20.92
C ILE D 652 19.69 -15.85 -20.75
N TYR D 653 19.57 -14.91 -21.70
CA TYR D 653 20.39 -13.70 -21.71
C TYR D 653 19.50 -12.47 -21.81
N LEU D 654 19.88 -11.43 -21.08
CA LEU D 654 19.20 -10.13 -21.14
C LEU D 654 20.23 -9.06 -21.42
N LYS D 655 20.09 -8.37 -22.55
CA LYS D 655 21.05 -7.36 -22.99
C LYS D 655 22.47 -7.90 -23.04
N GLY D 656 22.62 -9.18 -23.37
CA GLY D 656 23.92 -9.81 -23.38
C GLY D 656 24.38 -10.39 -22.06
N GLU D 657 23.61 -10.21 -20.99
CA GLU D 657 23.96 -10.70 -19.66
C GLU D 657 23.23 -12.01 -19.39
N ARG D 658 23.98 -13.03 -18.96
CA ARG D 658 23.36 -14.31 -18.64
C ARG D 658 22.57 -14.20 -17.34
N ILE D 659 21.30 -14.58 -17.40
CA ILE D 659 20.40 -14.45 -16.26
C ILE D 659 19.82 -15.77 -15.79
N GLY D 660 19.97 -16.86 -16.54
CA GLY D 660 19.44 -18.12 -16.07
C GLY D 660 19.57 -19.23 -17.09
N PHE D 661 18.91 -20.35 -16.78
CA PHE D 661 18.95 -21.55 -17.60
C PHE D 661 17.57 -22.20 -17.59
N VAL D 662 17.24 -22.85 -18.70
CA VAL D 662 15.93 -23.49 -18.84
C VAL D 662 16.07 -24.67 -19.78
N GLY D 663 15.36 -25.75 -19.48
CA GLY D 663 15.34 -26.90 -20.35
C GLY D 663 14.69 -28.09 -19.67
N VAL D 664 14.49 -29.14 -20.45
CA VAL D 664 13.96 -30.39 -19.93
C VAL D 664 15.09 -31.14 -19.25
N VAL D 665 14.76 -31.80 -18.13
CA VAL D 665 15.76 -32.56 -17.39
C VAL D 665 16.28 -33.70 -18.27
N HIS D 666 17.59 -33.92 -18.21
CA HIS D 666 18.21 -34.96 -19.00
C HIS D 666 17.55 -36.31 -18.70
N PRO D 667 17.29 -37.13 -19.71
CA PRO D 667 16.61 -38.41 -19.46
C PRO D 667 17.34 -39.32 -18.48
N GLU D 668 18.67 -39.32 -18.50
CA GLU D 668 19.41 -40.09 -17.51
C GLU D 668 19.19 -39.55 -16.11
N LEU D 669 19.24 -38.22 -15.96
CA LEU D 669 18.88 -37.61 -14.68
C LEU D 669 17.41 -37.80 -14.38
N GLU D 670 16.57 -37.90 -15.41
CA GLU D 670 15.16 -38.18 -15.18
C GLU D 670 14.94 -39.63 -14.79
N ARG D 671 15.72 -40.54 -15.36
CA ARG D 671 15.66 -41.94 -14.95
C ARG D 671 16.10 -42.08 -13.49
N LYS D 672 17.20 -41.42 -13.12
CA LYS D 672 17.51 -41.24 -11.72
C LYS D 672 16.46 -40.35 -11.07
N LEU D 673 16.47 -40.32 -9.74
CA LEU D 673 15.49 -39.56 -8.96
C LEU D 673 14.08 -40.13 -9.10
N ASP D 674 13.88 -41.00 -10.10
CA ASP D 674 12.58 -41.60 -10.41
C ASP D 674 11.52 -40.51 -10.65
N LEU D 675 11.73 -39.76 -11.72
CA LEU D 675 10.76 -38.77 -12.15
C LEU D 675 9.73 -39.42 -13.07
N ASN D 676 8.48 -38.97 -12.95
CA ASN D 676 7.40 -39.47 -13.81
C ASN D 676 7.44 -38.69 -15.12
N GLY D 677 8.19 -39.20 -16.08
CA GLY D 677 8.15 -38.61 -17.40
C GLY D 677 8.94 -37.30 -17.51
N ARG D 678 8.65 -36.59 -18.59
CA ARG D 678 9.38 -35.37 -18.92
C ARG D 678 9.09 -34.27 -17.90
N THR D 679 10.15 -33.63 -17.40
CA THR D 679 10.05 -32.54 -16.45
C THR D 679 10.89 -31.37 -16.95
N LEU D 680 10.39 -30.15 -16.75
CA LEU D 680 11.02 -28.92 -17.24
C LEU D 680 11.43 -28.06 -16.06
N VAL D 681 12.67 -27.61 -16.03
CA VAL D 681 13.17 -26.79 -14.94
C VAL D 681 13.70 -25.48 -15.49
N PHE D 682 13.72 -24.47 -14.61
CA PHE D 682 14.36 -23.20 -14.92
C PHE D 682 14.89 -22.59 -13.63
N GLU D 683 15.79 -21.62 -13.78
CA GLU D 683 16.30 -20.87 -12.64
C GLU D 683 16.82 -19.54 -13.16
N LEU D 684 16.40 -18.45 -12.52
CA LEU D 684 16.77 -17.10 -12.91
C LEU D 684 17.42 -16.38 -11.75
N GLU D 685 18.52 -15.67 -12.04
CA GLU D 685 19.16 -14.81 -11.06
C GLU D 685 18.32 -13.55 -10.93
N TRP D 686 17.69 -13.38 -9.76
CA TRP D 686 16.62 -12.39 -9.65
C TRP D 686 17.10 -10.97 -9.89
N ASN D 687 18.20 -10.58 -9.21
CA ASN D 687 18.66 -9.19 -9.30
C ASN D 687 19.07 -8.79 -10.71
N LYS D 688 19.31 -9.77 -11.59
CA LYS D 688 19.62 -9.44 -12.98
C LYS D 688 18.41 -8.87 -13.71
N LEU D 689 17.21 -9.23 -13.28
CA LEU D 689 15.98 -8.77 -13.95
C LEU D 689 15.05 -8.03 -13.01
N ALA D 690 15.54 -7.58 -11.85
CA ALA D 690 14.72 -6.83 -10.91
C ALA D 690 14.50 -5.38 -11.33
N ASP D 691 14.79 -5.03 -12.57
CA ASP D 691 14.59 -3.69 -13.08
C ASP D 691 13.66 -3.72 -14.29
N ARG D 692 12.90 -2.64 -14.47
CA ARG D 692 11.96 -2.54 -15.57
C ARG D 692 12.05 -1.16 -16.21
N VAL D 693 11.69 -1.09 -17.48
CA VAL D 693 11.74 0.17 -18.21
C VAL D 693 10.57 1.04 -17.79
N VAL D 694 10.86 2.31 -17.50
CA VAL D 694 9.79 3.29 -17.28
C VAL D 694 9.30 3.78 -18.63
N PRO D 695 7.98 3.75 -18.88
CA PRO D 695 7.48 4.07 -20.22
C PRO D 695 7.69 5.53 -20.59
N GLN D 696 8.05 5.75 -21.86
CA GLN D 696 8.04 7.08 -22.46
C GLN D 696 7.08 7.06 -23.62
N ALA D 697 6.10 7.96 -23.61
CA ALA D 697 5.06 7.95 -24.62
C ALA D 697 5.63 8.20 -26.01
N ARG D 698 5.16 7.41 -26.97
CA ARG D 698 5.51 7.57 -28.37
C ARG D 698 4.28 7.95 -29.16
N GLU D 699 4.48 8.78 -30.18
CA GLU D 699 3.38 9.22 -31.01
C GLU D 699 2.77 8.07 -31.78
N ILE D 700 1.46 8.13 -31.99
CA ILE D 700 0.72 7.15 -32.77
C ILE D 700 0.39 7.75 -34.12
N SER D 701 0.64 6.99 -35.19
CA SER D 701 0.33 7.45 -36.53
C SER D 701 -1.17 7.41 -36.77
N ARG D 702 -1.71 8.51 -37.29
CA ARG D 702 -3.11 8.55 -37.71
C ARG D 702 -3.30 8.01 -39.13
N PHE D 703 -2.23 7.59 -39.79
CA PHE D 703 -2.17 7.04 -41.14
C PHE D 703 -2.13 5.51 -41.08
N PRO D 704 -2.77 4.84 -42.04
CA PRO D 704 -2.88 3.38 -41.97
C PRO D 704 -1.54 2.69 -42.17
N ALA D 705 -1.46 1.47 -41.65
CA ALA D 705 -0.27 0.64 -41.74
C ALA D 705 -0.44 -0.40 -42.84
N ASN D 706 0.68 -1.00 -43.24
CA ASN D 706 0.72 -1.98 -44.32
C ASN D 706 1.42 -3.24 -43.83
N ARG D 707 0.91 -4.39 -44.24
CA ARG D 707 1.49 -5.68 -43.90
C ARG D 707 2.09 -6.31 -45.16
N ARG D 708 3.32 -6.80 -45.04
CA ARG D 708 4.00 -7.52 -46.12
C ARG D 708 4.67 -8.75 -45.52
N ASP D 709 4.28 -9.93 -46.00
CA ASP D 709 4.88 -11.17 -45.52
C ASP D 709 6.05 -11.59 -46.41
N ILE D 710 7.03 -12.23 -45.80
CA ILE D 710 8.21 -12.73 -46.51
C ILE D 710 8.46 -14.17 -46.09
N ALA D 711 8.88 -14.99 -47.03
CA ALA D 711 9.29 -16.37 -46.76
C ALA D 711 10.81 -16.42 -46.81
N VAL D 712 11.42 -16.86 -45.71
CA VAL D 712 12.87 -16.80 -45.54
C VAL D 712 13.36 -18.21 -45.29
N VAL D 713 14.18 -18.73 -46.20
CA VAL D 713 14.73 -20.08 -46.10
C VAL D 713 16.16 -19.97 -45.61
N VAL D 714 16.46 -20.65 -44.50
CA VAL D 714 17.78 -20.65 -43.88
C VAL D 714 18.14 -22.08 -43.51
N ALA D 715 19.39 -22.27 -43.12
CA ALA D 715 19.81 -23.54 -42.56
C ALA D 715 19.10 -23.79 -41.24
N GLU D 716 18.94 -25.08 -40.90
CA GLU D 716 18.16 -25.45 -39.73
C GLU D 716 18.76 -24.87 -38.44
N ASN D 717 20.08 -24.90 -38.33
CA ASN D 717 20.78 -24.50 -37.11
C ASN D 717 20.79 -22.99 -36.90
N VAL D 718 20.17 -22.22 -37.78
CA VAL D 718 20.11 -20.76 -37.64
C VAL D 718 18.92 -20.42 -36.77
N PRO D 719 19.12 -19.80 -35.60
CA PRO D 719 17.99 -19.53 -34.70
C PRO D 719 16.99 -18.57 -35.31
N ALA D 720 15.71 -18.89 -35.19
CA ALA D 720 14.67 -18.07 -35.79
C ALA D 720 14.59 -16.70 -35.14
N ALA D 721 14.92 -16.58 -33.85
CA ALA D 721 14.83 -15.28 -33.19
C ALA D 721 15.86 -14.30 -33.73
N ASP D 722 16.99 -14.79 -34.26
CA ASP D 722 18.00 -13.88 -34.78
C ASP D 722 17.57 -13.27 -36.11
N ILE D 723 16.81 -14.02 -36.92
CA ILE D 723 16.23 -13.46 -38.14
C ILE D 723 15.23 -12.38 -37.77
N LEU D 724 14.38 -12.64 -36.78
CA LEU D 724 13.44 -11.63 -36.31
C LEU D 724 14.18 -10.42 -35.77
N SER D 725 15.21 -10.64 -34.96
CA SER D 725 15.96 -9.54 -34.37
C SER D 725 16.61 -8.68 -35.44
N GLU D 726 17.16 -9.31 -36.48
CA GLU D 726 17.77 -8.55 -37.58
C GLU D 726 16.73 -7.71 -38.32
N CYS D 727 15.52 -8.23 -38.48
CA CYS D 727 14.48 -7.48 -39.18
C CYS D 727 14.10 -6.23 -38.40
N LYS D 728 13.94 -6.37 -37.08
CA LYS D 728 13.60 -5.21 -36.26
C LYS D 728 14.72 -4.18 -36.24
N LYS D 729 15.96 -4.64 -36.25
CA LYS D 729 17.10 -3.72 -36.18
C LYS D 729 17.31 -2.99 -37.49
N VAL D 730 17.06 -3.65 -38.62
CA VAL D 730 17.31 -3.01 -39.91
C VAL D 730 16.20 -2.02 -40.26
N GLY D 731 14.95 -2.37 -39.99
CA GLY D 731 13.85 -1.44 -40.18
C GLY D 731 13.42 -0.80 -38.89
N VAL D 732 13.97 0.38 -38.59
CA VAL D 732 13.68 1.08 -37.34
C VAL D 732 12.66 2.19 -37.55
N ASN D 733 12.80 2.96 -38.62
CA ASN D 733 11.92 4.11 -38.83
C ASN D 733 10.50 3.68 -39.19
N GLN D 734 10.37 2.74 -40.12
CA GLN D 734 9.06 2.37 -40.63
C GLN D 734 8.54 1.05 -40.08
N VAL D 735 9.38 0.02 -40.02
CA VAL D 735 8.95 -1.28 -39.55
C VAL D 735 8.59 -1.21 -38.07
N VAL D 736 7.29 -1.12 -37.77
CA VAL D 736 6.79 -1.05 -36.41
C VAL D 736 6.41 -2.41 -35.85
N GLY D 737 6.50 -3.47 -36.65
CA GLY D 737 6.16 -4.79 -36.18
C GLY D 737 6.84 -5.90 -36.94
N VAL D 738 7.37 -6.90 -36.22
CA VAL D 738 7.97 -8.08 -36.82
C VAL D 738 7.50 -9.29 -36.04
N ASN D 739 6.84 -10.22 -36.72
CA ASN D 739 6.30 -11.40 -36.06
C ASN D 739 6.44 -12.63 -36.95
N LEU D 740 6.82 -13.74 -36.34
CA LEU D 740 6.87 -15.03 -37.02
C LEU D 740 5.53 -15.74 -36.84
N PHE D 741 4.92 -16.14 -37.95
CA PHE D 741 3.63 -16.81 -37.90
C PHE D 741 3.65 -18.23 -38.46
N ASP D 742 4.75 -18.67 -39.06
CA ASP D 742 4.85 -20.04 -39.55
C ASP D 742 6.32 -20.42 -39.71
N VAL D 743 6.63 -21.69 -39.47
CA VAL D 743 7.94 -22.27 -39.70
C VAL D 743 7.72 -23.65 -40.29
N TYR D 744 8.23 -23.88 -41.50
CA TYR D 744 7.96 -25.10 -42.25
C TYR D 744 9.27 -25.78 -42.62
N ARG D 745 9.35 -27.08 -42.37
CA ARG D 745 10.49 -27.90 -42.78
C ARG D 745 9.96 -29.24 -43.25
N GLY D 746 10.01 -29.47 -44.55
CA GLY D 746 9.49 -30.72 -45.10
C GLY D 746 9.50 -30.70 -46.62
N LYS D 747 8.54 -31.40 -47.21
CA LYS D 747 8.43 -31.47 -48.65
C LYS D 747 8.23 -30.08 -49.24
N GLY D 748 9.16 -29.67 -50.11
CA GLY D 748 9.20 -28.34 -50.66
C GLY D 748 10.42 -27.54 -50.27
N VAL D 749 11.02 -27.88 -49.14
CA VAL D 749 12.27 -27.27 -48.67
C VAL D 749 13.30 -28.39 -48.51
N ALA D 750 14.50 -28.15 -49.02
CA ALA D 750 15.56 -29.16 -48.98
C ALA D 750 15.86 -29.58 -47.54
N GLU D 751 16.24 -30.85 -47.38
CA GLU D 751 16.51 -31.38 -46.05
C GLU D 751 17.68 -30.64 -45.42
N GLY D 752 17.58 -30.39 -44.12
CA GLY D 752 18.54 -29.56 -43.42
C GLY D 752 18.29 -28.08 -43.52
N TYR D 753 17.17 -27.67 -44.12
CA TYR D 753 16.80 -26.27 -44.26
C TYR D 753 15.37 -26.07 -43.77
N LYS D 754 14.99 -24.82 -43.59
CA LYS D 754 13.65 -24.48 -43.11
C LYS D 754 13.25 -23.12 -43.65
N SER D 755 11.93 -22.93 -43.76
CA SER D 755 11.35 -21.68 -44.25
C SER D 755 10.62 -20.98 -43.12
N LEU D 756 10.88 -19.69 -42.94
CA LEU D 756 10.29 -18.89 -41.88
C LEU D 756 9.35 -17.86 -42.51
N ALA D 757 8.07 -17.94 -42.15
CA ALA D 757 7.09 -16.97 -42.64
C ALA D 757 6.97 -15.83 -41.64
N ILE D 758 7.32 -14.63 -42.08
CA ILE D 758 7.44 -13.46 -41.20
C ILE D 758 6.58 -12.33 -41.74
N SER D 759 5.80 -11.71 -40.87
CA SER D 759 4.98 -10.56 -41.20
C SER D 759 5.72 -9.28 -40.82
N LEU D 760 5.82 -8.35 -41.76
CA LEU D 760 6.43 -7.05 -41.53
C LEU D 760 5.34 -5.99 -41.64
N ILE D 761 5.07 -5.30 -40.54
CA ILE D 761 4.08 -4.23 -40.50
C ILE D 761 4.81 -2.89 -40.61
N LEU D 762 4.42 -2.08 -41.59
CA LEU D 762 5.09 -0.82 -41.88
C LEU D 762 4.12 0.33 -41.71
N GLN D 763 4.61 1.41 -41.09
CA GLN D 763 3.77 2.59 -40.85
C GLN D 763 4.67 3.80 -40.66
N ASP D 764 4.12 4.97 -40.95
CA ASP D 764 4.81 6.23 -40.78
C ASP D 764 3.89 7.22 -40.07
N THR D 765 4.48 8.08 -39.25
CA THR D 765 3.71 9.01 -38.43
C THR D 765 3.22 10.24 -39.21
N SER D 766 3.86 10.55 -40.35
CA SER D 766 3.57 11.78 -41.05
C SER D 766 2.87 11.59 -42.39
N ARG D 767 2.79 10.36 -42.90
CA ARG D 767 2.20 10.14 -44.21
C ARG D 767 1.78 8.68 -44.33
N THR D 768 1.02 8.39 -45.39
CA THR D 768 0.73 7.02 -45.78
C THR D 768 1.80 6.55 -46.75
N LEU D 769 2.16 5.27 -46.64
CA LEU D 769 3.22 4.71 -47.47
C LEU D 769 2.65 4.17 -48.78
N GLU D 770 3.42 4.34 -49.85
CA GLU D 770 3.08 3.85 -51.17
C GLU D 770 3.99 2.67 -51.54
N GLU D 771 3.60 1.96 -52.59
CA GLU D 771 4.23 0.67 -52.89
C GLU D 771 5.73 0.80 -53.13
N GLU D 772 6.19 1.95 -53.63
CA GLU D 772 7.61 2.11 -53.91
C GLU D 772 8.44 2.06 -52.64
N GLU D 773 8.01 2.81 -51.61
CA GLU D 773 8.77 2.86 -50.36
C GLU D 773 8.59 1.58 -49.55
N ILE D 774 7.39 0.99 -49.60
CA ILE D 774 7.16 -0.27 -48.89
C ILE D 774 8.07 -1.36 -49.45
N ALA D 775 8.15 -1.46 -50.77
CA ALA D 775 9.01 -2.48 -51.38
C ALA D 775 10.48 -2.22 -51.10
N ALA D 776 10.87 -0.94 -51.05
CA ALA D 776 12.27 -0.61 -50.80
C ALA D 776 12.70 -1.06 -49.41
N THR D 777 11.88 -0.78 -48.40
CA THR D 777 12.22 -1.16 -47.03
C THR D 777 12.16 -2.67 -46.84
N VAL D 778 11.17 -3.34 -47.44
CA VAL D 778 11.11 -4.79 -47.36
C VAL D 778 12.34 -5.42 -48.00
N ALA D 779 12.77 -4.87 -49.14
CA ALA D 779 13.99 -5.37 -49.78
C ALA D 779 15.21 -5.09 -48.91
N LYS D 780 15.20 -3.98 -48.18
CA LYS D 780 16.32 -3.66 -47.31
C LYS D 780 16.47 -4.70 -46.20
N CYS D 781 15.35 -5.22 -45.69
CA CYS D 781 15.42 -6.25 -44.67
C CYS D 781 15.83 -7.60 -45.25
N VAL D 782 15.42 -7.89 -46.49
CA VAL D 782 15.79 -9.16 -47.10
C VAL D 782 17.29 -9.19 -47.38
N GLU D 783 17.85 -8.06 -47.83
CA GLU D 783 19.29 -8.01 -48.09
C GLU D 783 20.11 -8.16 -46.82
N ALA D 784 19.59 -7.66 -45.68
CA ALA D 784 20.31 -7.82 -44.43
C ALA D 784 20.27 -9.27 -43.95
N LEU D 785 19.16 -9.96 -44.19
CA LEU D 785 19.10 -11.38 -43.89
C LEU D 785 19.99 -12.18 -44.83
N LYS D 786 20.15 -11.71 -46.07
CA LYS D 786 21.10 -12.34 -46.99
C LYS D 786 22.53 -12.18 -46.50
N GLU D 787 22.90 -10.96 -46.11
CA GLU D 787 24.26 -10.69 -45.67
C GLU D 787 24.61 -11.47 -44.41
N ARG D 788 23.70 -11.52 -43.45
CA ARG D 788 24.00 -12.10 -42.14
C ARG D 788 23.78 -13.61 -42.09
N PHE D 789 22.72 -14.13 -42.71
CA PHE D 789 22.36 -15.53 -42.57
C PHE D 789 22.42 -16.33 -43.87
N GLN D 790 22.75 -15.70 -45.00
CA GLN D 790 22.68 -16.33 -46.31
C GLN D 790 21.29 -16.85 -46.62
N ALA D 791 20.28 -16.13 -46.12
CA ALA D 791 18.89 -16.51 -46.34
C ALA D 791 18.51 -16.28 -47.80
N SER D 792 17.38 -16.88 -48.19
CA SER D 792 16.82 -16.72 -49.52
C SER D 792 15.31 -16.49 -49.41
N LEU D 793 14.80 -15.65 -50.29
CA LEU D 793 13.38 -15.34 -50.35
C LEU D 793 12.67 -16.32 -51.27
N ARG D 794 11.47 -16.75 -50.86
CA ARG D 794 10.64 -17.63 -51.67
C ARG D 794 9.31 -16.96 -52.01
C01 VB3 E . -11.88 20.32 -2.76
C02 VB3 E . -11.03 19.80 -1.59
C04 VB3 E . -8.64 18.95 -1.65
C05 VB3 E . -8.01 20.33 -2.00
C06 VB3 E . -8.01 20.94 -3.24
C08 VB3 E . -7.46 22.16 -3.59
C09 VB3 E . -6.79 22.88 -2.55
C10 VB3 E . -6.73 22.33 -1.24
C11 VB3 E . -7.34 21.05 -0.99
C12 VB3 E . -11.95 19.14 -0.48
C13 VB3 E . -11.27 18.91 0.93
C14 VB3 E . -10.79 20.30 1.54
C15 VB3 E . -10.90 20.54 3.07
C16 VB3 E . -11.46 19.37 3.88
C17 VB3 E . -12.64 18.72 3.17
C18 VB3 E . -12.21 18.06 1.86
N03 VB3 E . -10.05 18.78 -2.15
O07 VB3 E . -8.69 20.20 -4.30
MG MG F . -7.15 35.04 2.64
C1 EDO G . -7.57 -18.42 -23.04
O1 EDO G . -8.63 -19.18 -23.63
C2 EDO G . -6.85 -17.60 -24.10
O2 EDO G . -7.78 -16.72 -24.74
C1 EDO H . -16.40 47.01 5.05
O1 EDO H . -15.17 47.73 5.13
C2 EDO H . -16.42 46.23 3.74
O2 EDO H . -15.29 45.34 3.71
C1 PEG I . -11.52 38.59 -12.98
O1 PEG I . -10.28 38.01 -13.14
C2 PEG I . -11.39 40.10 -13.31
O2 PEG I . -11.80 40.30 -14.65
C3 PEG I . -12.28 41.61 -14.89
C4 PEG I . -13.82 41.55 -14.92
O4 PEG I . -14.27 42.79 -15.33
C1 EDO J . -25.50 50.99 -13.53
O1 EDO J . -24.28 50.70 -12.80
C2 EDO J . -26.72 50.68 -12.67
O2 EDO J . -26.61 51.29 -11.37
C01 VB3 K . 17.91 -10.76 17.18
C02 VB3 K . 17.59 -9.27 17.45
C04 VB3 K . 15.09 -9.66 17.09
C05 VB3 K . 14.79 -9.52 18.61
C06 VB3 K . 14.44 -10.56 19.46
C08 VB3 K . 14.18 -10.49 20.81
C09 VB3 K . 14.26 -9.20 21.41
C10 VB3 K . 14.60 -8.06 20.62
C11 VB3 K . 14.86 -8.24 19.22
C12 VB3 K . 18.80 -8.33 17.04
C13 VB3 K . 18.37 -6.86 16.66
C14 VB3 K . 17.95 -6.06 17.97
C15 VB3 K . 18.94 -4.98 18.46
C16 VB3 K . 19.51 -4.13 17.33
C17 VB3 K . 20.29 -5.02 16.35
C18 VB3 K . 19.43 -6.14 15.72
N03 VB3 K . 16.33 -8.88 16.66
O07 VB3 K . 14.37 -11.87 18.83
MG MG L . 18.58 -6.94 33.46
C1 EDO M . 13.24 -41.08 48.08
O1 EDO M . 12.57 -39.82 48.06
C2 EDO M . 12.76 -41.91 46.90
O2 EDO M . 11.34 -42.00 46.98
C1 EDO N . 30.08 -10.57 41.71
O1 EDO N . 29.87 -9.82 42.92
C2 EDO N . 29.14 -10.03 40.65
O2 EDO N . 29.45 -8.66 40.41
C1 EDO O . 35.16 -30.40 40.84
O1 EDO O . 33.91 -29.80 41.18
C2 EDO O . 36.31 -29.69 41.57
O2 EDO O . 36.27 -28.29 41.30
C1 EDO P . 14.50 -24.31 54.92
O1 EDO P . 14.28 -25.71 55.07
C2 EDO P . 16.00 -24.04 54.79
O2 EDO P . 16.52 -24.72 53.65
C1 EDO Q . 1.84 -4.51 -14.70
O1 EDO Q . 2.56 -4.35 -15.93
C2 EDO Q . 0.56 -5.28 -15.01
O2 EDO Q . -0.15 -5.57 -13.80
C1 PGE R . 18.36 -23.90 33.42
O1 PGE R . 17.27 -23.01 33.17
C2 PGE R . 18.53 -24.06 34.92
O2 PGE R . 18.81 -25.41 35.22
C3 PGE R . 19.55 -25.60 36.42
C4 PGE R . 20.01 -27.05 36.51
O4 PGE R . 21.99 -29.91 34.09
C6 PGE R . 22.50 -28.63 34.45
C5 PGE R . 21.34 -27.67 34.64
O3 PGE R . 21.32 -27.19 35.98
#